data_2NBU
#
_entry.id   2NBU
#
_entity_poly.entity_id   1
_entity_poly.type   'polypeptide(L)'
_entity_poly.pdbx_seq_one_letter_code
;MVSLTFKNFKKEKVPLDLEPSNTILETKTKLAQSISCEESQIKLIYSGKVLQDSKTVSECGLKDGDQVVFMVSQKKSTDP
NSSSVDKLAAALEHHHHHH
;
_entity_poly.pdbx_strand_id   A
#
# COMPACT_ATOMS: atom_id res chain seq x y z
N MET A 1 13.79 -7.49 -5.70
CA MET A 1 12.39 -7.94 -5.98
C MET A 1 11.72 -8.36 -4.68
N VAL A 2 11.07 -7.41 -4.02
CA VAL A 2 10.38 -7.68 -2.76
C VAL A 2 8.88 -7.84 -2.99
N SER A 3 8.34 -8.90 -2.43
CA SER A 3 6.91 -9.19 -2.56
C SER A 3 6.21 -8.84 -1.25
N LEU A 4 5.06 -8.18 -1.35
CA LEU A 4 4.32 -7.78 -0.16
C LEU A 4 2.86 -8.18 -0.27
N THR A 5 2.14 -7.97 0.83
CA THR A 5 0.71 -8.31 0.88
C THR A 5 -0.09 -7.16 1.48
N PHE A 6 -1.02 -6.63 0.70
CA PHE A 6 -1.87 -5.54 1.18
C PHE A 6 -3.21 -6.11 1.67
N LYS A 7 -3.46 -6.02 2.97
CA LYS A 7 -4.71 -6.54 3.54
C LYS A 7 -5.63 -5.41 3.97
N ASN A 8 -6.93 -5.61 3.79
CA ASN A 8 -7.93 -4.61 4.16
C ASN A 8 -8.82 -5.13 5.27
N PHE A 9 -9.94 -4.45 5.50
CA PHE A 9 -10.88 -4.85 6.54
C PHE A 9 -11.82 -5.95 6.04
N LYS A 10 -11.62 -6.36 4.79
CA LYS A 10 -12.44 -7.41 4.20
C LYS A 10 -11.74 -8.76 4.32
N LYS A 11 -10.65 -8.77 5.08
CA LYS A 11 -9.88 -9.98 5.29
C LYS A 11 -9.36 -10.55 3.97
N GLU A 12 -9.02 -9.66 3.05
CA GLU A 12 -8.49 -10.09 1.74
C GLU A 12 -7.09 -9.53 1.53
N LYS A 13 -6.20 -10.39 1.04
CA LYS A 13 -4.82 -9.99 0.79
C LYS A 13 -4.58 -9.79 -0.70
N VAL A 14 -3.89 -8.71 -1.05
CA VAL A 14 -3.58 -8.41 -2.44
C VAL A 14 -2.07 -8.40 -2.66
N PRO A 15 -1.50 -9.54 -2.98
CA PRO A 15 -0.03 -9.67 -3.20
C PRO A 15 0.50 -8.63 -4.20
N LEU A 16 1.71 -8.16 -3.96
CA LEU A 16 2.33 -7.17 -4.83
C LEU A 16 3.85 -7.32 -4.82
N ASP A 17 4.50 -6.63 -5.75
CA ASP A 17 5.96 -6.66 -5.84
C ASP A 17 6.47 -5.26 -6.14
N LEU A 18 7.47 -4.81 -5.37
CA LEU A 18 8.02 -3.48 -5.57
C LEU A 18 9.54 -3.48 -5.48
N GLU A 19 10.12 -2.28 -5.56
CA GLU A 19 11.56 -2.12 -5.47
C GLU A 19 11.93 -1.15 -4.35
N PRO A 20 13.08 -1.31 -3.76
CA PRO A 20 13.53 -0.42 -2.65
C PRO A 20 13.39 1.06 -3.02
N SER A 21 13.45 1.33 -4.31
CA SER A 21 13.34 2.71 -4.80
C SER A 21 11.87 3.11 -4.96
N ASN A 22 11.01 2.14 -5.25
CA ASN A 22 9.60 2.43 -5.39
C ASN A 22 9.06 2.89 -4.04
N THR A 23 8.23 3.92 -4.05
CA THR A 23 7.70 4.44 -2.80
C THR A 23 6.18 4.37 -2.76
N ILE A 24 5.65 4.48 -1.55
CA ILE A 24 4.23 4.43 -1.31
C ILE A 24 3.46 5.07 -2.45
N LEU A 25 3.92 6.22 -2.91
CA LEU A 25 3.24 6.90 -4.00
C LEU A 25 2.88 5.90 -5.09
N GLU A 26 3.86 5.10 -5.46
CA GLU A 26 3.68 4.10 -6.51
C GLU A 26 2.90 2.88 -6.03
N THR A 27 3.22 2.36 -4.84
CA THR A 27 2.48 1.20 -4.37
C THR A 27 1.01 1.54 -4.32
N LYS A 28 0.72 2.74 -3.80
CA LYS A 28 -0.64 3.21 -3.72
C LYS A 28 -1.27 3.29 -5.12
N THR A 29 -0.51 3.84 -6.08
CA THR A 29 -1.01 3.95 -7.45
C THR A 29 -1.35 2.59 -8.01
N LYS A 30 -0.39 1.66 -7.96
CA LYS A 30 -0.61 0.33 -8.48
C LYS A 30 -1.77 -0.33 -7.72
N LEU A 31 -1.60 -0.48 -6.41
CA LEU A 31 -2.63 -1.09 -5.59
C LEU A 31 -4.00 -0.52 -5.98
N ALA A 32 -3.99 0.67 -6.55
CA ALA A 32 -5.23 1.31 -6.98
C ALA A 32 -5.69 0.75 -8.32
N GLN A 33 -4.73 0.54 -9.22
CA GLN A 33 -5.03 0.01 -10.54
C GLN A 33 -5.23 -1.50 -10.46
N SER A 34 -4.81 -2.09 -9.35
CA SER A 34 -4.95 -3.53 -9.16
C SER A 34 -6.38 -3.87 -8.77
N ILE A 35 -6.91 -3.12 -7.80
CA ILE A 35 -8.26 -3.33 -7.35
C ILE A 35 -9.18 -2.31 -8.02
N SER A 36 -8.58 -1.36 -8.72
CA SER A 36 -9.35 -0.33 -9.43
C SER A 36 -9.70 0.83 -8.51
N CYS A 37 -8.93 0.99 -7.44
CA CYS A 37 -9.15 2.06 -6.49
C CYS A 37 -8.21 3.23 -6.81
N GLU A 38 -8.23 4.26 -5.97
CA GLU A 38 -7.37 5.41 -6.19
C GLU A 38 -6.37 5.55 -5.04
N GLU A 39 -5.21 6.12 -5.34
CA GLU A 39 -4.17 6.30 -4.33
C GLU A 39 -4.50 7.50 -3.43
N SER A 40 -5.37 8.36 -3.93
CA SER A 40 -5.76 9.56 -3.20
C SER A 40 -6.75 9.25 -2.08
N GLN A 41 -7.20 8.01 -1.97
CA GLN A 41 -8.15 7.64 -0.92
C GLN A 41 -7.56 6.52 -0.08
N ILE A 42 -6.71 5.73 -0.71
CA ILE A 42 -6.07 4.61 -0.07
C ILE A 42 -5.10 5.07 1.01
N LYS A 43 -5.09 4.33 2.12
CA LYS A 43 -4.21 4.63 3.24
C LYS A 43 -3.29 3.43 3.47
N LEU A 44 -1.98 3.66 3.41
CA LEU A 44 -1.02 2.58 3.60
C LEU A 44 -0.54 2.53 5.05
N ILE A 45 -1.00 1.52 5.78
CA ILE A 45 -0.64 1.35 7.18
C ILE A 45 0.50 0.35 7.35
N TYR A 46 1.58 0.81 7.96
CA TYR A 46 2.73 -0.06 8.22
C TYR A 46 2.86 -0.28 9.72
N SER A 47 2.54 -1.49 10.15
CA SER A 47 2.61 -1.81 11.56
C SER A 47 1.75 -0.85 12.37
N GLY A 48 0.62 -0.44 11.80
CA GLY A 48 -0.28 0.48 12.50
C GLY A 48 0.20 1.92 12.35
N LYS A 49 0.86 2.21 11.23
CA LYS A 49 1.36 3.56 10.98
C LYS A 49 0.94 4.05 9.61
N VAL A 50 0.23 5.17 9.59
CA VAL A 50 -0.24 5.75 8.33
C VAL A 50 0.94 6.26 7.51
N LEU A 51 1.51 5.38 6.67
CA LEU A 51 2.63 5.76 5.83
C LEU A 51 2.32 7.03 5.06
N GLN A 52 3.33 7.56 4.39
CA GLN A 52 3.17 8.78 3.60
C GLN A 52 3.49 8.49 2.13
N ASP A 53 3.19 9.46 1.27
CA ASP A 53 3.43 9.30 -0.16
C ASP A 53 4.89 9.57 -0.51
N SER A 54 5.63 10.13 0.44
CA SER A 54 7.03 10.47 0.21
C SER A 54 7.99 9.45 0.83
N LYS A 55 7.49 8.30 1.26
CA LYS A 55 8.35 7.29 1.87
C LYS A 55 8.66 6.18 0.87
N THR A 56 9.87 5.63 0.95
CA THR A 56 10.25 4.53 0.07
C THR A 56 10.22 3.23 0.84
N VAL A 57 9.85 2.16 0.15
CA VAL A 57 9.80 0.85 0.79
C VAL A 57 11.04 0.64 1.65
N SER A 58 12.12 1.26 1.22
CA SER A 58 13.38 1.16 1.94
C SER A 58 13.29 1.87 3.28
N GLU A 59 12.62 3.03 3.29
CA GLU A 59 12.48 3.79 4.52
C GLU A 59 11.27 3.31 5.32
N CYS A 60 10.24 2.85 4.62
CA CYS A 60 9.04 2.35 5.28
C CYS A 60 9.38 1.12 6.14
N GLY A 61 10.47 0.45 5.78
CA GLY A 61 10.91 -0.73 6.52
C GLY A 61 10.40 -2.01 5.89
N LEU A 62 9.74 -1.90 4.74
CA LEU A 62 9.22 -3.07 4.07
C LEU A 62 10.34 -3.89 3.45
N LYS A 63 10.17 -5.21 3.52
CA LYS A 63 11.17 -6.12 2.96
C LYS A 63 10.52 -7.10 1.99
N ASP A 64 11.21 -8.18 1.70
CA ASP A 64 10.69 -9.18 0.77
C ASP A 64 9.73 -10.14 1.44
N GLY A 65 8.52 -10.22 0.90
CA GLY A 65 7.50 -11.14 1.44
C GLY A 65 6.76 -10.55 2.64
N ASP A 66 7.03 -9.29 2.99
CA ASP A 66 6.35 -8.68 4.13
C ASP A 66 4.87 -8.45 3.83
N GLN A 67 4.21 -7.69 4.69
CA GLN A 67 2.80 -7.40 4.51
C GLN A 67 2.51 -5.97 4.96
N VAL A 68 1.65 -5.27 4.23
CA VAL A 68 1.31 -3.90 4.58
C VAL A 68 -0.18 -3.72 4.80
N VAL A 69 -0.55 -3.28 5.99
CA VAL A 69 -1.95 -3.06 6.30
C VAL A 69 -2.42 -1.81 5.57
N PHE A 70 -3.64 -1.85 5.06
CA PHE A 70 -4.17 -0.71 4.32
C PHE A 70 -5.70 -0.69 4.33
N MET A 71 -6.26 0.41 3.83
CA MET A 71 -7.72 0.55 3.77
C MET A 71 -8.08 1.62 2.73
N VAL A 72 -9.23 1.43 2.07
CA VAL A 72 -9.68 2.38 1.07
C VAL A 72 -10.77 3.30 1.64
N SER A 73 -10.63 4.60 1.40
CA SER A 73 -11.59 5.57 1.89
C SER A 73 -12.71 5.79 0.86
N GLN A 74 -13.79 6.41 1.31
CA GLN A 74 -14.93 6.67 0.43
C GLN A 74 -14.45 7.27 -0.90
N LYS A 75 -15.28 7.16 -1.92
CA LYS A 75 -14.94 7.69 -3.23
C LYS A 75 -15.29 9.18 -3.33
N LYS A 76 -14.85 9.81 -4.41
CA LYS A 76 -15.13 11.24 -4.61
C LYS A 76 -16.62 11.52 -4.51
N SER A 77 -17.42 10.45 -4.49
CA SER A 77 -18.87 10.60 -4.41
C SER A 77 -19.28 11.02 -3.00
N THR A 78 -19.25 12.32 -2.75
CA THR A 78 -19.62 12.85 -1.43
C THR A 78 -20.00 14.32 -1.53
N MET A 1 12.94 -6.61 -5.78
CA MET A 1 12.18 -7.85 -6.03
C MET A 1 11.53 -8.33 -4.73
N VAL A 2 10.95 -7.39 -3.99
CA VAL A 2 10.30 -7.73 -2.72
C VAL A 2 8.80 -7.89 -2.92
N SER A 3 8.29 -9.01 -2.45
CA SER A 3 6.87 -9.31 -2.55
C SER A 3 6.18 -8.93 -1.25
N LEU A 4 5.01 -8.31 -1.35
CA LEU A 4 4.28 -7.89 -0.16
C LEU A 4 2.82 -8.28 -0.25
N THR A 5 2.12 -8.08 0.86
CA THR A 5 0.69 -8.40 0.92
C THR A 5 -0.09 -7.24 1.52
N PHE A 6 -0.99 -6.68 0.74
CA PHE A 6 -1.81 -5.58 1.22
C PHE A 6 -3.17 -6.10 1.69
N LYS A 7 -3.45 -5.95 2.98
CA LYS A 7 -4.70 -6.44 3.56
C LYS A 7 -5.69 -5.29 3.78
N ASN A 8 -6.96 -5.58 3.50
CA ASN A 8 -8.03 -4.59 3.68
C ASN A 8 -8.90 -4.98 4.87
N PHE A 9 -10.03 -4.31 5.00
CA PHE A 9 -10.95 -4.59 6.11
C PHE A 9 -11.82 -5.80 5.77
N LYS A 10 -11.61 -6.36 4.57
CA LYS A 10 -12.37 -7.53 4.14
C LYS A 10 -11.56 -8.78 4.42
N LYS A 11 -10.50 -8.62 5.20
CA LYS A 11 -9.63 -9.73 5.56
C LYS A 11 -9.04 -10.37 4.30
N GLU A 12 -9.05 -9.62 3.19
CA GLU A 12 -8.50 -10.12 1.94
C GLU A 12 -7.14 -9.48 1.65
N LYS A 13 -6.21 -10.28 1.12
CA LYS A 13 -4.88 -9.79 0.82
C LYS A 13 -4.72 -9.58 -0.69
N VAL A 14 -3.84 -8.64 -1.03
CA VAL A 14 -3.58 -8.33 -2.44
C VAL A 14 -2.06 -8.36 -2.68
N PRO A 15 -1.53 -9.50 -3.03
CA PRO A 15 -0.07 -9.66 -3.29
C PRO A 15 0.47 -8.63 -4.28
N LEU A 16 1.68 -8.17 -4.02
CA LEU A 16 2.33 -7.18 -4.89
C LEU A 16 3.84 -7.35 -4.84
N ASP A 17 4.52 -6.69 -5.77
CA ASP A 17 5.97 -6.74 -5.85
C ASP A 17 6.51 -5.35 -6.16
N LEU A 18 7.49 -4.91 -5.38
CA LEU A 18 8.08 -3.59 -5.58
C LEU A 18 9.60 -3.61 -5.44
N GLU A 19 10.20 -2.43 -5.55
CA GLU A 19 11.65 -2.29 -5.43
C GLU A 19 11.98 -1.28 -4.33
N PRO A 20 13.16 -1.36 -3.76
CA PRO A 20 13.59 -0.43 -2.68
C PRO A 20 13.41 1.03 -3.09
N SER A 21 13.46 1.28 -4.39
CA SER A 21 13.31 2.65 -4.90
C SER A 21 11.84 3.02 -5.02
N ASN A 22 10.98 2.03 -5.27
CA ASN A 22 9.56 2.29 -5.37
C ASN A 22 9.08 2.88 -4.06
N THR A 23 8.21 3.88 -4.14
CA THR A 23 7.71 4.52 -2.94
C THR A 23 6.20 4.47 -2.86
N ILE A 24 5.70 4.64 -1.64
CA ILE A 24 4.28 4.62 -1.37
C ILE A 24 3.48 5.26 -2.50
N LEU A 25 4.01 6.33 -3.06
CA LEU A 25 3.32 7.00 -4.14
C LEU A 25 3.01 6.00 -5.25
N GLU A 26 4.03 5.21 -5.60
CA GLU A 26 3.88 4.22 -6.66
C GLU A 26 3.15 2.97 -6.19
N THR A 27 3.36 2.54 -4.95
CA THR A 27 2.67 1.35 -4.47
C THR A 27 1.18 1.67 -4.36
N LYS A 28 0.89 2.87 -3.88
CA LYS A 28 -0.49 3.33 -3.76
C LYS A 28 -1.14 3.45 -5.13
N THR A 29 -0.36 3.90 -6.13
CA THR A 29 -0.89 4.05 -7.48
C THR A 29 -1.22 2.68 -8.06
N LYS A 30 -0.32 1.73 -7.87
CA LYS A 30 -0.53 0.39 -8.39
C LYS A 30 -1.65 -0.29 -7.61
N LEU A 31 -1.45 -0.44 -6.30
CA LEU A 31 -2.45 -1.07 -5.46
C LEU A 31 -3.84 -0.55 -5.81
N ALA A 32 -3.88 0.64 -6.39
CA ALA A 32 -5.14 1.25 -6.80
C ALA A 32 -5.61 0.66 -8.12
N GLN A 33 -4.66 0.50 -9.05
CA GLN A 33 -4.96 -0.06 -10.36
C GLN A 33 -5.17 -1.56 -10.26
N SER A 34 -4.77 -2.13 -9.13
CA SER A 34 -4.91 -3.57 -8.92
C SER A 34 -6.37 -3.88 -8.60
N ILE A 35 -6.92 -3.12 -7.66
CA ILE A 35 -8.31 -3.30 -7.28
C ILE A 35 -9.16 -2.33 -8.08
N SER A 36 -8.49 -1.40 -8.76
CA SER A 36 -9.19 -0.42 -9.59
C SER A 36 -9.71 0.75 -8.76
N CYS A 37 -9.06 1.02 -7.63
CA CYS A 37 -9.46 2.13 -6.77
C CYS A 37 -8.48 3.28 -6.91
N GLU A 38 -8.76 4.38 -6.23
CA GLU A 38 -7.88 5.55 -6.30
C GLU A 38 -6.87 5.55 -5.16
N GLU A 39 -5.70 6.10 -5.46
CA GLU A 39 -4.63 6.20 -4.48
C GLU A 39 -4.89 7.36 -3.52
N SER A 40 -5.74 8.28 -3.99
CA SER A 40 -6.07 9.47 -3.20
C SER A 40 -7.01 9.18 -2.04
N GLN A 41 -7.53 7.95 -1.96
CA GLN A 41 -8.43 7.60 -0.87
C GLN A 41 -7.81 6.48 -0.04
N ILE A 42 -7.00 5.69 -0.71
CA ILE A 42 -6.31 4.58 -0.09
C ILE A 42 -5.36 5.06 1.01
N LYS A 43 -5.20 4.22 2.03
CA LYS A 43 -4.33 4.53 3.15
C LYS A 43 -3.53 3.28 3.53
N LEU A 44 -2.21 3.36 3.44
CA LEU A 44 -1.35 2.23 3.76
C LEU A 44 -0.86 2.30 5.20
N ILE A 45 -1.30 1.34 6.00
CA ILE A 45 -0.93 1.28 7.41
C ILE A 45 0.21 0.28 7.62
N TYR A 46 1.26 0.75 8.26
CA TYR A 46 2.42 -0.09 8.56
C TYR A 46 2.57 -0.21 10.06
N SER A 47 2.25 -1.38 10.59
CA SER A 47 2.34 -1.61 12.02
C SER A 47 1.44 -0.64 12.77
N GLY A 48 0.31 -0.29 12.18
CA GLY A 48 -0.63 0.63 12.82
C GLY A 48 -0.18 2.07 12.62
N LYS A 49 0.49 2.33 11.51
CA LYS A 49 0.98 3.68 11.22
C LYS A 49 0.64 4.08 9.79
N VAL A 50 -0.09 5.18 9.64
CA VAL A 50 -0.47 5.65 8.32
C VAL A 50 0.77 6.10 7.54
N LEU A 51 1.27 5.23 6.67
CA LEU A 51 2.45 5.55 5.88
C LEU A 51 2.30 6.90 5.19
N GLN A 52 3.39 7.37 4.60
CA GLN A 52 3.40 8.64 3.91
C GLN A 52 3.62 8.44 2.41
N ASP A 53 3.26 9.44 1.62
CA ASP A 53 3.42 9.37 0.17
C ASP A 53 4.85 9.69 -0.26
N SER A 54 5.63 10.26 0.65
CA SER A 54 7.00 10.65 0.35
C SER A 54 8.04 9.65 0.88
N LYS A 55 7.61 8.47 1.32
CA LYS A 55 8.54 7.49 1.85
C LYS A 55 8.74 6.35 0.86
N THR A 56 9.94 5.77 0.87
CA THR A 56 10.25 4.65 -0.03
C THR A 56 10.24 3.36 0.76
N VAL A 57 9.91 2.27 0.08
CA VAL A 57 9.86 0.97 0.73
C VAL A 57 11.08 0.79 1.63
N SER A 58 12.22 1.27 1.16
CA SER A 58 13.45 1.18 1.92
C SER A 58 13.32 1.97 3.22
N GLU A 59 12.58 3.07 3.15
CA GLU A 59 12.37 3.92 4.31
C GLU A 59 11.21 3.37 5.14
N CYS A 60 10.22 2.80 4.44
CA CYS A 60 9.06 2.24 5.12
C CYS A 60 9.48 1.05 6.00
N GLY A 61 10.55 0.37 5.60
CA GLY A 61 11.05 -0.76 6.34
C GLY A 61 10.54 -2.09 5.77
N LEU A 62 9.80 -2.01 4.67
CA LEU A 62 9.27 -3.21 4.05
C LEU A 62 10.38 -4.06 3.46
N LYS A 63 10.18 -5.36 3.50
CA LYS A 63 11.17 -6.30 2.98
C LYS A 63 10.51 -7.29 2.02
N ASP A 64 11.20 -8.38 1.73
CA ASP A 64 10.68 -9.40 0.82
C ASP A 64 9.66 -10.28 1.51
N GLY A 65 8.45 -10.31 0.95
CA GLY A 65 7.37 -11.14 1.50
C GLY A 65 6.69 -10.48 2.69
N ASP A 66 7.06 -9.25 3.02
CA ASP A 66 6.44 -8.57 4.16
C ASP A 66 4.95 -8.38 3.94
N GLN A 67 4.31 -7.61 4.82
CA GLN A 67 2.88 -7.35 4.72
C GLN A 67 2.60 -5.89 5.03
N VAL A 68 1.67 -5.29 4.29
CA VAL A 68 1.32 -3.89 4.50
C VAL A 68 -0.18 -3.72 4.70
N VAL A 69 -0.58 -3.38 5.92
CA VAL A 69 -1.98 -3.17 6.19
C VAL A 69 -2.44 -1.92 5.47
N PHE A 70 -3.67 -1.89 5.01
CA PHE A 70 -4.18 -0.73 4.30
C PHE A 70 -5.70 -0.68 4.33
N MET A 71 -6.26 0.42 3.83
CA MET A 71 -7.72 0.59 3.80
C MET A 71 -8.11 1.61 2.74
N VAL A 72 -9.31 1.45 2.17
CA VAL A 72 -9.79 2.36 1.14
C VAL A 72 -10.86 3.29 1.70
N SER A 73 -10.82 4.55 1.27
CA SER A 73 -11.79 5.54 1.73
C SER A 73 -12.80 5.86 0.63
N GLN A 74 -13.67 6.82 0.89
CA GLN A 74 -14.68 7.24 -0.08
C GLN A 74 -15.22 6.02 -0.83
N LYS A 75 -14.68 5.78 -2.02
CA LYS A 75 -15.12 4.64 -2.83
C LYS A 75 -14.36 3.37 -2.45
N LYS A 76 -15.11 2.34 -2.07
CA LYS A 76 -14.49 1.08 -1.68
C LYS A 76 -14.22 0.21 -2.90
N SER A 77 -14.49 -1.08 -2.80
CA SER A 77 -14.27 -2.00 -3.90
C SER A 77 -15.46 -2.00 -4.86
N THR A 78 -16.55 -1.38 -4.42
CA THR A 78 -17.76 -1.30 -5.24
C THR A 78 -18.54 -0.04 -4.93
N MET A 1 13.57 -8.66 -6.24
CA MET A 1 12.39 -7.78 -5.98
C MET A 1 11.70 -8.24 -4.70
N VAL A 2 11.05 -7.29 -4.02
CA VAL A 2 10.34 -7.60 -2.78
C VAL A 2 8.85 -7.70 -3.03
N SER A 3 8.26 -8.77 -2.50
CA SER A 3 6.83 -9.01 -2.64
C SER A 3 6.14 -8.68 -1.33
N LEU A 4 4.94 -8.10 -1.42
CA LEU A 4 4.20 -7.73 -0.21
C LEU A 4 2.74 -8.11 -0.34
N THR A 5 2.02 -7.94 0.76
CA THR A 5 0.59 -8.25 0.78
C THR A 5 -0.20 -7.15 1.47
N PHE A 6 -1.08 -6.52 0.71
CA PHE A 6 -1.91 -5.44 1.26
C PHE A 6 -3.29 -6.00 1.59
N LYS A 7 -3.64 -6.02 2.88
CA LYS A 7 -4.93 -6.54 3.31
C LYS A 7 -5.85 -5.43 3.82
N ASN A 8 -7.14 -5.59 3.56
CA ASN A 8 -8.14 -4.61 3.98
C ASN A 8 -9.03 -5.17 5.08
N PHE A 9 -10.14 -4.48 5.36
CA PHE A 9 -11.06 -4.90 6.39
C PHE A 9 -12.02 -5.97 5.86
N LYS A 10 -11.82 -6.38 4.61
CA LYS A 10 -12.66 -7.40 4.00
C LYS A 10 -12.00 -8.76 4.11
N LYS A 11 -10.93 -8.81 4.89
CA LYS A 11 -10.18 -10.05 5.11
C LYS A 11 -9.63 -10.60 3.79
N GLU A 12 -9.27 -9.69 2.89
CA GLU A 12 -8.70 -10.09 1.60
C GLU A 12 -7.30 -9.52 1.44
N LYS A 13 -6.39 -10.34 0.95
CA LYS A 13 -5.00 -9.91 0.76
C LYS A 13 -4.71 -9.67 -0.71
N VAL A 14 -3.98 -8.59 -0.99
CA VAL A 14 -3.61 -8.24 -2.35
C VAL A 14 -2.09 -8.31 -2.53
N PRO A 15 -1.58 -9.24 -3.30
CA PRO A 15 -0.11 -9.38 -3.50
C PRO A 15 0.45 -8.32 -4.44
N LEU A 16 1.65 -7.87 -4.14
CA LEU A 16 2.33 -6.86 -4.95
C LEU A 16 3.84 -7.05 -4.92
N ASP A 17 4.53 -6.37 -5.82
CA ASP A 17 5.98 -6.44 -5.89
C ASP A 17 6.55 -5.05 -6.13
N LEU A 18 7.55 -4.67 -5.36
CA LEU A 18 8.14 -3.33 -5.49
C LEU A 18 9.66 -3.37 -5.41
N GLU A 19 10.26 -2.18 -5.37
CA GLU A 19 11.70 -2.05 -5.28
C GLU A 19 12.07 -1.19 -4.07
N PRO A 20 13.23 -1.39 -3.51
CA PRO A 20 13.69 -0.62 -2.31
C PRO A 20 13.51 0.89 -2.51
N SER A 21 13.56 1.31 -3.77
CA SER A 21 13.41 2.73 -4.10
C SER A 21 11.96 3.09 -4.37
N ASN A 22 11.19 2.14 -4.87
CA ASN A 22 9.78 2.42 -5.14
C ASN A 22 9.19 3.15 -3.95
N THR A 23 8.44 4.20 -4.23
CA THR A 23 7.85 4.98 -3.17
C THR A 23 6.38 4.61 -2.98
N ILE A 24 5.87 4.91 -1.80
CA ILE A 24 4.49 4.62 -1.47
C ILE A 24 3.55 5.16 -2.53
N LEU A 25 3.98 6.21 -3.21
CA LEU A 25 3.16 6.78 -4.26
C LEU A 25 2.87 5.70 -5.28
N GLU A 26 3.95 5.09 -5.75
CA GLU A 26 3.86 4.03 -6.74
C GLU A 26 3.07 2.84 -6.21
N THR A 27 3.38 2.37 -5.00
CA THR A 27 2.64 1.24 -4.45
C THR A 27 1.17 1.63 -4.39
N LYS A 28 0.92 2.86 -3.99
CA LYS A 28 -0.44 3.38 -3.93
C LYS A 28 -1.06 3.37 -5.33
N THR A 29 -0.27 3.77 -6.32
CA THR A 29 -0.76 3.82 -7.69
C THR A 29 -1.13 2.41 -8.17
N LYS A 30 -0.27 1.44 -7.88
CA LYS A 30 -0.51 0.08 -8.29
C LYS A 30 -1.67 -0.52 -7.49
N LEU A 31 -1.51 -0.59 -6.17
CA LEU A 31 -2.55 -1.14 -5.32
C LEU A 31 -3.90 -0.56 -5.71
N ALA A 32 -3.87 0.60 -6.37
CA ALA A 32 -5.09 1.26 -6.80
C ALA A 32 -5.58 0.63 -8.10
N GLN A 33 -4.65 0.38 -9.01
CA GLN A 33 -4.98 -0.23 -10.29
C GLN A 33 -5.18 -1.73 -10.12
N SER A 34 -4.75 -2.24 -8.99
CA SER A 34 -4.89 -3.66 -8.70
C SER A 34 -6.35 -3.98 -8.40
N ILE A 35 -6.92 -3.21 -7.48
CA ILE A 35 -8.31 -3.37 -7.11
C ILE A 35 -9.15 -2.41 -7.92
N SER A 36 -8.47 -1.46 -8.58
CA SER A 36 -9.15 -0.47 -9.41
C SER A 36 -9.73 0.67 -8.59
N CYS A 37 -9.07 1.02 -7.48
CA CYS A 37 -9.53 2.12 -6.64
C CYS A 37 -8.50 3.24 -6.60
N GLU A 38 -8.95 4.47 -6.68
CA GLU A 38 -8.05 5.61 -6.66
C GLU A 38 -7.13 5.56 -5.44
N GLU A 39 -5.90 6.00 -5.65
CA GLU A 39 -4.92 6.01 -4.58
C GLU A 39 -5.18 7.19 -3.64
N SER A 40 -5.90 8.17 -4.15
CA SER A 40 -6.21 9.39 -3.39
C SER A 40 -7.13 9.11 -2.21
N GLN A 41 -7.58 7.87 -2.07
CA GLN A 41 -8.47 7.51 -0.96
C GLN A 41 -7.81 6.44 -0.10
N ILE A 42 -6.98 5.65 -0.75
CA ILE A 42 -6.26 4.57 -0.10
C ILE A 42 -5.31 5.08 0.98
N LYS A 43 -5.11 4.24 1.98
CA LYS A 43 -4.21 4.56 3.09
C LYS A 43 -3.42 3.31 3.46
N LEU A 44 -2.10 3.36 3.31
CA LEU A 44 -1.26 2.21 3.63
C LEU A 44 -0.71 2.28 5.04
N ILE A 45 -1.12 1.32 5.86
CA ILE A 45 -0.69 1.25 7.25
C ILE A 45 0.44 0.25 7.40
N TYR A 46 1.46 0.63 8.16
CA TYR A 46 2.59 -0.26 8.41
C TYR A 46 2.67 -0.54 9.89
N SER A 47 2.31 -1.75 10.27
CA SER A 47 2.32 -2.14 11.68
C SER A 47 1.56 -1.11 12.52
N GLY A 48 0.45 -0.61 11.97
CA GLY A 48 -0.35 0.37 12.69
C GLY A 48 0.21 1.78 12.48
N LYS A 49 0.81 2.01 11.32
CA LYS A 49 1.40 3.33 11.03
C LYS A 49 0.96 3.82 9.66
N VAL A 50 0.32 4.98 9.64
CA VAL A 50 -0.13 5.55 8.38
C VAL A 50 1.08 5.98 7.53
N LEU A 51 1.48 5.10 6.63
CA LEU A 51 2.63 5.37 5.77
C LEU A 51 2.50 6.75 5.12
N GLN A 52 3.57 7.18 4.46
CA GLN A 52 3.58 8.48 3.79
C GLN A 52 3.91 8.32 2.31
N ASP A 53 3.51 9.29 1.51
CA ASP A 53 3.76 9.26 0.07
C ASP A 53 5.21 9.63 -0.22
N SER A 54 5.88 10.24 0.74
CA SER A 54 7.27 10.66 0.57
C SER A 54 8.25 9.60 1.08
N LYS A 55 7.75 8.39 1.36
CA LYS A 55 8.62 7.32 1.85
C LYS A 55 8.52 6.09 0.95
N THR A 56 9.65 5.41 0.77
CA THR A 56 9.68 4.22 -0.05
C THR A 56 9.75 2.97 0.82
N VAL A 57 9.87 1.81 0.19
CA VAL A 57 9.93 0.55 0.92
C VAL A 57 11.19 0.49 1.78
N SER A 58 12.26 1.10 1.29
CA SER A 58 13.53 1.11 2.02
C SER A 58 13.41 1.94 3.29
N GLU A 59 12.69 3.04 3.20
CA GLU A 59 12.51 3.93 4.34
C GLU A 59 11.37 3.43 5.23
N CYS A 60 10.35 2.84 4.61
CA CYS A 60 9.22 2.32 5.36
C CYS A 60 9.63 1.14 6.22
N GLY A 61 10.67 0.42 5.77
CA GLY A 61 11.16 -0.74 6.52
C GLY A 61 10.64 -2.04 5.94
N LEU A 62 9.84 -1.94 4.88
CA LEU A 62 9.28 -3.12 4.24
C LEU A 62 10.38 -3.98 3.64
N LYS A 63 10.19 -5.28 3.69
CA LYS A 63 11.16 -6.22 3.15
C LYS A 63 10.50 -7.12 2.10
N ASP A 64 11.11 -8.26 1.81
CA ASP A 64 10.58 -9.19 0.83
C ASP A 64 9.54 -10.12 1.44
N GLY A 65 8.35 -10.14 0.83
CA GLY A 65 7.28 -11.02 1.29
C GLY A 65 6.56 -10.46 2.53
N ASP A 66 6.90 -9.25 2.95
CA ASP A 66 6.27 -8.67 4.13
C ASP A 66 4.77 -8.47 3.89
N GLN A 67 4.11 -7.82 4.85
CA GLN A 67 2.68 -7.55 4.75
C GLN A 67 2.39 -6.11 5.18
N VAL A 68 1.45 -5.46 4.50
CA VAL A 68 1.12 -4.08 4.83
C VAL A 68 -0.39 -3.90 5.00
N VAL A 69 -0.79 -3.48 6.18
CA VAL A 69 -2.21 -3.25 6.42
C VAL A 69 -2.63 -1.98 5.71
N PHE A 70 -3.81 -1.97 5.13
CA PHE A 70 -4.30 -0.80 4.40
C PHE A 70 -5.82 -0.76 4.40
N MET A 71 -6.38 0.36 3.91
CA MET A 71 -7.82 0.51 3.86
C MET A 71 -8.21 1.59 2.85
N VAL A 72 -9.31 1.36 2.14
CA VAL A 72 -9.78 2.32 1.15
C VAL A 72 -10.72 3.32 1.79
N SER A 73 -10.45 4.61 1.58
CA SER A 73 -11.29 5.66 2.13
C SER A 73 -12.51 5.91 1.24
N GLN A 74 -13.62 6.27 1.86
CA GLN A 74 -14.85 6.54 1.11
C GLN A 74 -14.68 7.76 0.21
N LYS A 75 -14.10 8.83 0.76
CA LYS A 75 -13.90 10.06 0.01
C LYS A 75 -15.00 10.27 -1.02
N LYS A 76 -14.60 10.43 -2.28
CA LYS A 76 -15.57 10.64 -3.36
C LYS A 76 -15.92 9.31 -4.02
N SER A 77 -17.19 8.94 -3.96
CA SER A 77 -17.64 7.69 -4.56
C SER A 77 -19.17 7.63 -4.60
N THR A 78 -19.72 7.77 -5.80
CA THR A 78 -21.18 7.73 -5.96
C THR A 78 -21.67 6.30 -5.98
N MET A 1 13.46 -7.96 -6.34
CA MET A 1 11.98 -7.80 -6.38
C MET A 1 11.39 -8.26 -5.05
N VAL A 2 10.94 -7.30 -4.25
CA VAL A 2 10.34 -7.61 -2.95
C VAL A 2 8.83 -7.75 -3.09
N SER A 3 8.33 -8.86 -2.57
CA SER A 3 6.90 -9.15 -2.62
C SER A 3 6.23 -8.74 -1.32
N LEU A 4 5.08 -8.10 -1.43
CA LEU A 4 4.35 -7.65 -0.25
C LEU A 4 2.88 -8.01 -0.34
N THR A 5 2.20 -7.94 0.79
CA THR A 5 0.78 -8.26 0.84
C THR A 5 -0.02 -7.12 1.47
N PHE A 6 -0.81 -6.44 0.63
CA PHE A 6 -1.64 -5.34 1.12
C PHE A 6 -3.05 -5.87 1.36
N LYS A 7 -3.47 -5.88 2.63
CA LYS A 7 -4.80 -6.40 2.98
C LYS A 7 -5.69 -5.30 3.56
N ASN A 8 -7.00 -5.52 3.45
CA ASN A 8 -7.98 -4.57 3.95
C ASN A 8 -8.82 -5.20 5.07
N PHE A 9 -9.68 -4.41 5.68
CA PHE A 9 -10.53 -4.90 6.76
C PHE A 9 -11.52 -5.94 6.23
N LYS A 10 -11.32 -6.36 4.99
CA LYS A 10 -12.19 -7.35 4.37
C LYS A 10 -11.56 -8.73 4.45
N LYS A 11 -10.49 -8.83 5.23
CA LYS A 11 -9.78 -10.09 5.41
C LYS A 11 -9.27 -10.62 4.07
N GLU A 12 -8.95 -9.70 3.16
CA GLU A 12 -8.44 -10.09 1.84
C GLU A 12 -7.05 -9.51 1.63
N LYS A 13 -6.15 -10.32 1.07
CA LYS A 13 -4.78 -9.89 0.82
C LYS A 13 -4.57 -9.62 -0.67
N VAL A 14 -3.84 -8.55 -0.98
CA VAL A 14 -3.57 -8.18 -2.36
C VAL A 14 -2.06 -8.20 -2.62
N PRO A 15 -1.53 -9.36 -2.92
CA PRO A 15 -0.07 -9.52 -3.20
C PRO A 15 0.45 -8.54 -4.24
N LEU A 16 1.68 -8.09 -4.05
CA LEU A 16 2.31 -7.15 -4.97
C LEU A 16 3.82 -7.32 -4.95
N ASP A 17 4.47 -6.65 -5.89
CA ASP A 17 5.93 -6.69 -5.98
C ASP A 17 6.47 -5.29 -6.30
N LEU A 18 7.45 -4.86 -5.53
CA LEU A 18 8.02 -3.52 -5.72
C LEU A 18 9.55 -3.55 -5.59
N GLU A 19 10.14 -2.35 -5.64
CA GLU A 19 11.58 -2.22 -5.52
C GLU A 19 11.93 -1.26 -4.37
N PRO A 20 13.06 -1.43 -3.74
CA PRO A 20 13.49 -0.56 -2.62
C PRO A 20 13.38 0.92 -2.99
N SER A 21 13.48 1.20 -4.29
CA SER A 21 13.41 2.57 -4.77
C SER A 21 11.96 3.01 -4.93
N ASN A 22 11.08 2.06 -5.23
CA ASN A 22 9.67 2.37 -5.38
C ASN A 22 9.14 2.86 -4.03
N THR A 23 8.33 3.91 -4.06
CA THR A 23 7.80 4.47 -2.83
C THR A 23 6.29 4.38 -2.77
N ILE A 24 5.76 4.53 -1.56
CA ILE A 24 4.35 4.47 -1.31
C ILE A 24 3.55 5.07 -2.45
N LEU A 25 4.02 6.17 -3.00
CA LEU A 25 3.32 6.79 -4.11
C LEU A 25 3.03 5.74 -5.18
N GLU A 26 4.05 4.95 -5.48
CA GLU A 26 3.92 3.90 -6.50
C GLU A 26 3.11 2.71 -6.01
N THR A 27 3.34 2.26 -4.77
CA THR A 27 2.58 1.12 -4.27
C THR A 27 1.10 1.52 -4.26
N LYS A 28 0.85 2.74 -3.82
CA LYS A 28 -0.51 3.27 -3.77
C LYS A 28 -1.11 3.34 -5.17
N THR A 29 -0.31 3.76 -6.15
CA THR A 29 -0.78 3.87 -7.52
C THR A 29 -1.21 2.51 -8.05
N LYS A 30 -0.29 1.56 -8.07
CA LYS A 30 -0.60 0.24 -8.55
C LYS A 30 -1.70 -0.39 -7.69
N LEU A 31 -1.44 -0.50 -6.39
CA LEU A 31 -2.41 -1.07 -5.48
C LEU A 31 -3.80 -0.53 -5.78
N ALA A 32 -3.85 0.65 -6.40
CA ALA A 32 -5.12 1.26 -6.75
C ALA A 32 -5.64 0.64 -8.04
N GLN A 33 -4.73 0.48 -9.00
CA GLN A 33 -5.07 -0.11 -10.29
C GLN A 33 -5.24 -1.61 -10.16
N SER A 34 -4.76 -2.15 -9.05
CA SER A 34 -4.86 -3.59 -8.81
C SER A 34 -6.30 -3.95 -8.47
N ILE A 35 -6.86 -3.21 -7.52
CA ILE A 35 -8.23 -3.41 -7.12
C ILE A 35 -9.13 -2.48 -7.93
N SER A 36 -8.49 -1.53 -8.61
CA SER A 36 -9.22 -0.58 -9.45
C SER A 36 -9.75 0.60 -8.62
N CYS A 37 -9.05 0.92 -7.54
CA CYS A 37 -9.45 2.04 -6.70
C CYS A 37 -8.51 3.21 -6.91
N GLU A 38 -8.71 4.29 -6.16
CA GLU A 38 -7.85 5.46 -6.30
C GLU A 38 -6.85 5.51 -5.15
N GLU A 39 -5.66 6.01 -5.44
CA GLU A 39 -4.60 6.12 -4.44
C GLU A 39 -4.85 7.31 -3.53
N SER A 40 -5.67 8.25 -4.01
CA SER A 40 -5.98 9.46 -3.26
C SER A 40 -6.94 9.20 -2.10
N GLN A 41 -7.44 7.98 -1.98
CA GLN A 41 -8.37 7.65 -0.90
C GLN A 41 -7.77 6.54 -0.04
N ILE A 42 -6.96 5.71 -0.69
CA ILE A 42 -6.32 4.61 -0.04
C ILE A 42 -5.36 5.09 1.05
N LYS A 43 -5.21 4.27 2.08
CA LYS A 43 -4.33 4.57 3.20
C LYS A 43 -3.44 3.35 3.49
N LEU A 44 -2.13 3.55 3.42
CA LEU A 44 -1.19 2.46 3.65
C LEU A 44 -0.71 2.45 5.10
N ILE A 45 -1.16 1.45 5.85
CA ILE A 45 -0.80 1.32 7.26
C ILE A 45 0.34 0.33 7.44
N TYR A 46 1.36 0.72 8.19
CA TYR A 46 2.50 -0.15 8.47
C TYR A 46 2.55 -0.43 9.96
N SER A 47 2.21 -1.66 10.33
CA SER A 47 2.19 -2.04 11.72
C SER A 47 1.38 -1.05 12.53
N GLY A 48 0.30 -0.54 11.95
CA GLY A 48 -0.56 0.41 12.63
C GLY A 48 -0.04 1.83 12.45
N LYS A 49 0.62 2.09 11.33
CA LYS A 49 1.17 3.42 11.06
C LYS A 49 0.75 3.91 9.68
N VAL A 50 0.08 5.05 9.64
CA VAL A 50 -0.37 5.61 8.38
C VAL A 50 0.84 6.11 7.56
N LEU A 51 1.37 5.24 6.71
CA LEU A 51 2.51 5.60 5.88
C LEU A 51 2.26 6.91 5.14
N GLN A 52 3.31 7.42 4.52
CA GLN A 52 3.21 8.67 3.76
C GLN A 52 3.53 8.41 2.29
N ASP A 53 3.18 9.38 1.45
CA ASP A 53 3.42 9.26 0.01
C ASP A 53 4.87 9.59 -0.35
N SER A 54 5.59 10.18 0.59
CA SER A 54 6.98 10.59 0.33
C SER A 54 8.00 9.59 0.89
N LYS A 55 7.57 8.40 1.29
CA LYS A 55 8.51 7.42 1.84
C LYS A 55 8.75 6.29 0.85
N THR A 56 9.95 5.71 0.92
CA THR A 56 10.31 4.60 0.05
C THR A 56 10.32 3.29 0.81
N VAL A 57 9.86 2.23 0.14
CA VAL A 57 9.79 0.92 0.78
C VAL A 57 11.03 0.68 1.62
N SER A 58 12.14 1.25 1.19
CA SER A 58 13.39 1.08 1.91
C SER A 58 13.33 1.81 3.24
N GLU A 59 12.76 3.01 3.24
CA GLU A 59 12.66 3.79 4.45
C GLU A 59 11.40 3.41 5.24
N CYS A 60 10.35 2.98 4.52
CA CYS A 60 9.11 2.59 5.17
C CYS A 60 9.34 1.40 6.08
N GLY A 61 10.36 0.60 5.77
CA GLY A 61 10.69 -0.57 6.58
C GLY A 61 10.22 -1.85 5.90
N LEU A 62 9.59 -1.73 4.74
CA LEU A 62 9.10 -2.88 4.03
C LEU A 62 10.24 -3.66 3.39
N LYS A 63 10.14 -4.98 3.47
CA LYS A 63 11.16 -5.85 2.88
C LYS A 63 10.53 -6.85 1.92
N ASP A 64 11.25 -7.90 1.61
CA ASP A 64 10.75 -8.92 0.69
C ASP A 64 9.80 -9.88 1.38
N GLY A 65 8.61 -10.02 0.83
CA GLY A 65 7.61 -10.93 1.38
C GLY A 65 6.90 -10.35 2.60
N ASP A 66 7.18 -9.09 2.93
CA ASP A 66 6.54 -8.48 4.09
C ASP A 66 5.03 -8.37 3.87
N GLN A 67 4.35 -7.68 4.79
CA GLN A 67 2.90 -7.51 4.69
C GLN A 67 2.51 -6.12 5.16
N VAL A 68 1.55 -5.51 4.47
CA VAL A 68 1.11 -4.16 4.83
C VAL A 68 -0.40 -4.12 5.02
N VAL A 69 -0.83 -3.36 6.02
CA VAL A 69 -2.26 -3.21 6.27
C VAL A 69 -2.72 -1.91 5.62
N PHE A 70 -3.89 -1.92 5.01
CA PHE A 70 -4.39 -0.72 4.33
C PHE A 70 -5.91 -0.66 4.35
N MET A 71 -6.45 0.45 3.90
CA MET A 71 -7.91 0.64 3.86
C MET A 71 -8.29 1.69 2.81
N VAL A 72 -9.41 1.47 2.14
CA VAL A 72 -9.88 2.40 1.12
C VAL A 72 -10.92 3.35 1.71
N SER A 73 -10.73 4.66 1.47
CA SER A 73 -11.64 5.66 1.99
C SER A 73 -12.66 6.07 0.92
N GLN A 74 -13.43 7.11 1.21
CA GLN A 74 -14.44 7.59 0.26
C GLN A 74 -15.59 6.60 0.16
N LYS A 75 -15.30 5.40 -0.33
CA LYS A 75 -16.31 4.36 -0.49
C LYS A 75 -16.83 3.91 0.88
N LYS A 76 -16.39 4.60 1.93
CA LYS A 76 -16.80 4.26 3.28
C LYS A 76 -18.33 4.28 3.39
N SER A 77 -18.94 3.11 3.24
CA SER A 77 -20.39 3.01 3.31
C SER A 77 -20.87 3.23 4.75
N THR A 78 -21.93 4.03 4.89
CA THR A 78 -22.47 4.32 6.22
C THR A 78 -21.34 4.71 7.18
N MET A 1 13.95 -8.48 -5.77
CA MET A 1 12.52 -8.07 -5.83
C MET A 1 11.81 -8.50 -4.55
N VAL A 2 11.12 -7.55 -3.92
CA VAL A 2 10.41 -7.83 -2.67
C VAL A 2 8.91 -7.93 -2.94
N SER A 3 8.32 -9.01 -2.43
CA SER A 3 6.89 -9.25 -2.58
C SER A 3 6.19 -8.92 -1.27
N LEU A 4 5.04 -8.26 -1.37
CA LEU A 4 4.30 -7.89 -0.17
C LEU A 4 2.83 -8.26 -0.29
N THR A 5 2.10 -8.03 0.78
CA THR A 5 0.67 -8.32 0.82
C THR A 5 -0.10 -7.18 1.45
N PHE A 6 -1.02 -6.59 0.67
CA PHE A 6 -1.84 -5.50 1.18
C PHE A 6 -3.20 -6.04 1.60
N LYS A 7 -3.50 -5.95 2.90
CA LYS A 7 -4.78 -6.47 3.41
C LYS A 7 -5.70 -5.34 3.85
N ASN A 8 -7.00 -5.56 3.66
CA ASN A 8 -8.01 -4.57 4.04
C ASN A 8 -8.91 -5.11 5.14
N PHE A 9 -10.00 -4.41 5.40
CA PHE A 9 -10.94 -4.81 6.44
C PHE A 9 -11.82 -5.96 5.95
N LYS A 10 -11.65 -6.32 4.68
CA LYS A 10 -12.42 -7.41 4.09
C LYS A 10 -11.66 -8.72 4.27
N LYS A 11 -10.53 -8.63 4.96
CA LYS A 11 -9.70 -9.80 5.20
C LYS A 11 -9.14 -10.35 3.90
N GLU A 12 -9.11 -9.52 2.86
CA GLU A 12 -8.59 -9.93 1.57
C GLU A 12 -7.17 -9.43 1.38
N LYS A 13 -6.29 -10.29 0.88
CA LYS A 13 -4.90 -9.93 0.65
C LYS A 13 -4.65 -9.69 -0.84
N VAL A 14 -3.89 -8.64 -1.15
CA VAL A 14 -3.57 -8.31 -2.53
C VAL A 14 -2.06 -8.31 -2.73
N PRO A 15 -1.50 -9.44 -3.08
CA PRO A 15 -0.03 -9.57 -3.30
C PRO A 15 0.51 -8.55 -4.30
N LEU A 16 1.71 -8.07 -4.03
CA LEU A 16 2.37 -7.09 -4.89
C LEU A 16 3.88 -7.25 -4.84
N ASP A 17 4.57 -6.59 -5.75
CA ASP A 17 6.03 -6.65 -5.80
C ASP A 17 6.60 -5.27 -6.10
N LEU A 18 7.59 -4.86 -5.34
CA LEU A 18 8.19 -3.53 -5.52
C LEU A 18 9.70 -3.59 -5.39
N GLU A 19 10.33 -2.42 -5.47
CA GLU A 19 11.79 -2.31 -5.35
C GLU A 19 12.14 -1.32 -4.24
N PRO A 20 13.30 -1.45 -3.66
CA PRO A 20 13.75 -0.55 -2.56
C PRO A 20 13.61 0.92 -2.96
N SER A 21 13.70 1.19 -4.25
CA SER A 21 13.60 2.55 -4.75
C SER A 21 12.14 2.96 -4.91
N ASN A 22 11.27 2.01 -5.18
CA ASN A 22 9.86 2.31 -5.32
C ASN A 22 9.38 2.99 -4.06
N THR A 23 8.25 3.67 -4.13
CA THR A 23 7.75 4.36 -2.95
C THR A 23 6.22 4.32 -2.88
N ILE A 24 5.73 4.56 -1.67
CA ILE A 24 4.31 4.56 -1.40
C ILE A 24 3.53 5.22 -2.53
N LEU A 25 4.09 6.26 -3.10
CA LEU A 25 3.42 6.96 -4.18
C LEU A 25 3.07 5.96 -5.28
N GLU A 26 4.04 5.13 -5.64
CA GLU A 26 3.85 4.14 -6.70
C GLU A 26 3.09 2.91 -6.21
N THR A 27 3.30 2.49 -4.96
CA THR A 27 2.59 1.33 -4.47
C THR A 27 1.11 1.68 -4.35
N LYS A 28 0.84 2.89 -3.90
CA LYS A 28 -0.53 3.36 -3.76
C LYS A 28 -1.17 3.46 -5.15
N THR A 29 -0.38 3.82 -6.16
CA THR A 29 -0.90 3.94 -7.51
C THR A 29 -1.27 2.55 -8.03
N LYS A 30 -0.37 1.59 -7.84
CA LYS A 30 -0.62 0.24 -8.29
C LYS A 30 -1.78 -0.37 -7.51
N LEU A 31 -1.61 -0.45 -6.19
CA LEU A 31 -2.65 -1.00 -5.33
C LEU A 31 -4.02 -0.45 -5.75
N ALA A 32 -4.02 0.73 -6.37
CA ALA A 32 -5.26 1.35 -6.80
C ALA A 32 -5.71 0.75 -8.13
N GLN A 33 -4.76 0.52 -9.03
CA GLN A 33 -5.08 -0.05 -10.34
C GLN A 33 -5.22 -1.57 -10.24
N SER A 34 -4.75 -2.13 -9.13
CA SER A 34 -4.82 -3.56 -8.91
C SER A 34 -6.24 -3.94 -8.54
N ILE A 35 -6.79 -3.21 -7.56
CA ILE A 35 -8.16 -3.45 -7.11
C ILE A 35 -9.09 -2.49 -7.82
N SER A 36 -8.51 -1.50 -8.50
CA SER A 36 -9.29 -0.50 -9.24
C SER A 36 -9.72 0.65 -8.34
N CYS A 37 -8.96 0.89 -7.28
CA CYS A 37 -9.27 1.98 -6.36
C CYS A 37 -8.37 3.16 -6.67
N GLU A 38 -8.48 4.23 -5.87
CA GLU A 38 -7.66 5.41 -6.08
C GLU A 38 -6.65 5.57 -4.94
N GLU A 39 -5.51 6.16 -5.26
CA GLU A 39 -4.45 6.38 -4.27
C GLU A 39 -4.81 7.55 -3.35
N SER A 40 -5.69 8.40 -3.83
CA SER A 40 -6.10 9.58 -3.08
C SER A 40 -7.06 9.25 -1.94
N GLN A 41 -7.51 8.00 -1.85
CA GLN A 41 -8.42 7.60 -0.78
C GLN A 41 -7.79 6.47 0.02
N ILE A 42 -6.95 5.71 -0.65
CA ILE A 42 -6.27 4.59 -0.04
C ILE A 42 -5.30 5.05 1.05
N LYS A 43 -5.26 4.28 2.13
CA LYS A 43 -4.36 4.57 3.24
C LYS A 43 -3.54 3.33 3.57
N LEU A 44 -2.22 3.46 3.49
CA LEU A 44 -1.34 2.32 3.78
C LEU A 44 -0.83 2.38 5.21
N ILE A 45 -1.29 1.42 6.01
CA ILE A 45 -0.91 1.33 7.41
C ILE A 45 0.20 0.30 7.59
N TYR A 46 1.22 0.67 8.37
CA TYR A 46 2.34 -0.22 8.64
C TYR A 46 2.36 -0.52 10.13
N SER A 47 1.97 -1.74 10.49
CA SER A 47 1.93 -2.13 11.89
C SER A 47 1.16 -1.10 12.71
N GLY A 48 0.10 -0.55 12.12
CA GLY A 48 -0.72 0.44 12.82
C GLY A 48 -0.14 1.84 12.62
N LYS A 49 0.50 2.07 11.48
CA LYS A 49 1.10 3.38 11.20
C LYS A 49 0.72 3.87 9.81
N VAL A 50 0.09 5.02 9.75
CA VAL A 50 -0.30 5.59 8.46
C VAL A 50 0.94 6.01 7.68
N LEU A 51 1.41 5.13 6.79
CA LEU A 51 2.60 5.41 6.00
C LEU A 51 2.49 6.77 5.32
N GLN A 52 3.60 7.21 4.73
CA GLN A 52 3.65 8.49 4.04
C GLN A 52 3.76 8.29 2.54
N ASP A 53 3.35 9.30 1.78
CA ASP A 53 3.39 9.23 0.32
C ASP A 53 4.79 9.54 -0.20
N SER A 54 5.64 10.10 0.65
CA SER A 54 6.99 10.48 0.24
C SER A 54 8.05 9.51 0.78
N LYS A 55 7.62 8.36 1.29
CA LYS A 55 8.58 7.39 1.82
C LYS A 55 8.79 6.24 0.85
N THR A 56 10.00 5.70 0.82
CA THR A 56 10.31 4.59 -0.06
C THR A 56 10.28 3.29 0.74
N VAL A 57 9.97 2.20 0.07
CA VAL A 57 9.91 0.91 0.74
C VAL A 57 11.11 0.76 1.68
N SER A 58 12.26 1.21 1.21
CA SER A 58 13.48 1.14 2.00
C SER A 58 13.31 1.96 3.28
N GLU A 59 12.58 3.05 3.15
CA GLU A 59 12.33 3.94 4.29
C GLU A 59 11.16 3.40 5.11
N CYS A 60 10.19 2.82 4.41
CA CYS A 60 9.02 2.26 5.08
C CYS A 60 9.42 1.10 5.98
N GLY A 61 10.51 0.41 5.60
CA GLY A 61 11.00 -0.71 6.38
C GLY A 61 10.50 -2.04 5.83
N LEU A 62 9.76 -1.99 4.73
CA LEU A 62 9.24 -3.20 4.12
C LEU A 62 10.37 -4.06 3.58
N LYS A 63 10.16 -5.37 3.64
CA LYS A 63 11.16 -6.32 3.14
C LYS A 63 10.52 -7.31 2.18
N ASP A 64 11.21 -8.41 1.92
CA ASP A 64 10.69 -9.43 1.00
C ASP A 64 9.62 -10.28 1.66
N GLY A 65 8.44 -10.30 1.06
CA GLY A 65 7.33 -11.09 1.58
C GLY A 65 6.63 -10.42 2.76
N ASP A 66 7.03 -9.19 3.09
CA ASP A 66 6.41 -8.49 4.21
C ASP A 66 4.91 -8.30 3.98
N GLN A 67 4.28 -7.54 4.87
CA GLN A 67 2.85 -7.29 4.75
C GLN A 67 2.56 -5.82 5.02
N VAL A 68 1.63 -5.24 4.27
CA VAL A 68 1.28 -3.84 4.43
C VAL A 68 -0.21 -3.67 4.67
N VAL A 69 -0.57 -3.30 5.89
CA VAL A 69 -1.96 -3.09 6.21
C VAL A 69 -2.43 -1.85 5.47
N PHE A 70 -3.67 -1.86 5.02
CA PHE A 70 -4.20 -0.72 4.28
C PHE A 70 -5.73 -0.70 4.30
N MET A 71 -6.31 0.39 3.81
CA MET A 71 -7.76 0.55 3.77
C MET A 71 -8.15 1.61 2.75
N VAL A 72 -9.33 1.43 2.14
CA VAL A 72 -9.81 2.39 1.15
C VAL A 72 -10.78 3.38 1.79
N SER A 73 -10.53 4.67 1.58
CA SER A 73 -11.39 5.70 2.14
C SER A 73 -12.46 6.12 1.14
N GLN A 74 -13.40 6.95 1.59
CA GLN A 74 -14.47 7.42 0.71
C GLN A 74 -14.21 8.86 0.28
N LYS A 75 -14.69 9.20 -0.91
CA LYS A 75 -14.50 10.56 -1.44
C LYS A 75 -15.20 11.57 -0.54
N LYS A 76 -16.37 11.20 -0.03
CA LYS A 76 -17.13 12.09 0.84
C LYS A 76 -16.61 12.03 2.27
N SER A 77 -15.70 12.94 2.61
CA SER A 77 -15.12 12.98 3.94
C SER A 77 -16.22 13.08 5.00
N THR A 78 -16.37 12.02 5.79
CA THR A 78 -17.39 11.98 6.84
C THR A 78 -18.63 12.76 6.43
N MET A 1 14.22 -7.98 -5.25
CA MET A 1 12.75 -7.93 -5.56
C MET A 1 11.97 -8.39 -4.33
N VAL A 2 11.17 -7.49 -3.76
CA VAL A 2 10.37 -7.81 -2.59
C VAL A 2 8.90 -7.98 -2.98
N SER A 3 8.29 -9.02 -2.44
CA SER A 3 6.90 -9.32 -2.70
C SER A 3 6.08 -9.09 -1.43
N LEU A 4 5.25 -8.06 -1.44
CA LEU A 4 4.44 -7.74 -0.26
C LEU A 4 2.99 -8.12 -0.44
N THR A 5 2.23 -7.91 0.62
CA THR A 5 0.80 -8.21 0.62
C THR A 5 0.02 -7.09 1.30
N PHE A 6 -1.00 -6.59 0.60
CA PHE A 6 -1.83 -5.52 1.15
C PHE A 6 -3.16 -6.08 1.62
N LYS A 7 -3.41 -6.02 2.94
CA LYS A 7 -4.66 -6.55 3.48
C LYS A 7 -5.54 -5.42 4.03
N ASN A 8 -6.85 -5.59 3.87
CA ASN A 8 -7.81 -4.59 4.34
C ASN A 8 -8.73 -5.17 5.39
N PHE A 9 -9.77 -4.41 5.77
CA PHE A 9 -10.72 -4.88 6.76
C PHE A 9 -11.77 -5.77 6.12
N LYS A 10 -11.57 -6.09 4.84
CA LYS A 10 -12.50 -6.94 4.12
C LYS A 10 -12.00 -8.38 4.12
N LYS A 11 -10.94 -8.62 4.90
CA LYS A 11 -10.36 -9.95 5.01
C LYS A 11 -9.79 -10.41 3.66
N GLU A 12 -9.40 -9.45 2.83
CA GLU A 12 -8.83 -9.76 1.53
C GLU A 12 -7.40 -9.21 1.42
N LYS A 13 -6.49 -10.03 0.89
CA LYS A 13 -5.11 -9.63 0.76
C LYS A 13 -4.72 -9.57 -0.73
N VAL A 14 -3.98 -8.53 -1.10
CA VAL A 14 -3.54 -8.36 -2.48
C VAL A 14 -2.02 -8.42 -2.57
N PRO A 15 -1.46 -9.34 -3.32
CA PRO A 15 0.01 -9.47 -3.46
C PRO A 15 0.60 -8.42 -4.40
N LEU A 16 1.78 -7.92 -4.05
CA LEU A 16 2.45 -6.92 -4.85
C LEU A 16 3.96 -7.09 -4.77
N ASP A 17 4.67 -6.49 -5.71
CA ASP A 17 6.13 -6.55 -5.73
C ASP A 17 6.71 -5.19 -6.09
N LEU A 18 7.69 -4.76 -5.32
CA LEU A 18 8.32 -3.46 -5.55
C LEU A 18 9.82 -3.52 -5.37
N GLU A 19 10.46 -2.34 -5.42
CA GLU A 19 11.89 -2.23 -5.26
C GLU A 19 12.23 -1.26 -4.12
N PRO A 20 13.34 -1.44 -3.47
CA PRO A 20 13.75 -0.55 -2.34
C PRO A 20 13.66 0.92 -2.73
N SER A 21 13.80 1.19 -4.02
CA SER A 21 13.75 2.57 -4.51
C SER A 21 12.30 3.02 -4.73
N ASN A 22 11.43 2.08 -5.06
CA ASN A 22 10.04 2.42 -5.27
C ASN A 22 9.51 3.08 -4.00
N THR A 23 8.36 3.73 -4.09
CA THR A 23 7.81 4.39 -2.92
C THR A 23 6.29 4.33 -2.90
N ILE A 24 5.75 4.53 -1.70
CA ILE A 24 4.33 4.51 -1.48
C ILE A 24 3.57 5.08 -2.65
N LEU A 25 4.09 6.16 -3.22
CA LEU A 25 3.44 6.79 -4.35
C LEU A 25 3.05 5.74 -5.37
N GLU A 26 3.99 4.85 -5.67
CA GLU A 26 3.75 3.79 -6.64
C GLU A 26 2.93 2.64 -6.08
N THR A 27 3.20 2.21 -4.85
CA THR A 27 2.44 1.11 -4.28
C THR A 27 0.97 1.52 -4.20
N LYS A 28 0.74 2.75 -3.76
CA LYS A 28 -0.61 3.27 -3.66
C LYS A 28 -1.25 3.37 -5.04
N THR A 29 -0.46 3.75 -6.05
CA THR A 29 -0.99 3.87 -7.39
C THR A 29 -1.41 2.50 -7.91
N LYS A 30 -0.46 1.59 -8.01
CA LYS A 30 -0.76 0.24 -8.49
C LYS A 30 -1.88 -0.36 -7.67
N LEU A 31 -1.68 -0.45 -6.36
CA LEU A 31 -2.69 -1.01 -5.47
C LEU A 31 -4.07 -0.49 -5.85
N ALA A 32 -4.10 0.71 -6.42
CA ALA A 32 -5.37 1.31 -6.83
C ALA A 32 -5.81 0.73 -8.16
N GLN A 33 -4.85 0.54 -9.06
CA GLN A 33 -5.14 0.00 -10.38
C GLN A 33 -5.32 -1.52 -10.31
N SER A 34 -4.89 -2.09 -9.19
CA SER A 34 -5.00 -3.54 -9.00
C SER A 34 -6.44 -3.90 -8.64
N ILE A 35 -6.98 -3.16 -7.68
CA ILE A 35 -8.35 -3.40 -7.25
C ILE A 35 -9.28 -2.40 -7.94
N SER A 36 -8.67 -1.43 -8.63
CA SER A 36 -9.44 -0.42 -9.36
C SER A 36 -9.83 0.74 -8.46
N CYS A 37 -9.08 0.92 -7.38
CA CYS A 37 -9.35 2.01 -6.45
C CYS A 37 -8.43 3.18 -6.76
N GLU A 38 -8.51 4.23 -5.95
CA GLU A 38 -7.66 5.41 -6.15
C GLU A 38 -6.66 5.55 -5.00
N GLU A 39 -5.52 6.15 -5.31
CA GLU A 39 -4.48 6.36 -4.30
C GLU A 39 -4.83 7.52 -3.39
N SER A 40 -5.71 8.37 -3.87
CA SER A 40 -6.13 9.55 -3.11
C SER A 40 -7.11 9.21 -1.99
N GLN A 41 -7.51 7.95 -1.90
CA GLN A 41 -8.44 7.54 -0.84
C GLN A 41 -7.80 6.43 -0.01
N ILE A 42 -6.94 5.68 -0.66
CA ILE A 42 -6.25 4.58 -0.02
C ILE A 42 -5.30 5.07 1.06
N LYS A 43 -5.17 4.27 2.10
CA LYS A 43 -4.29 4.58 3.22
C LYS A 43 -3.37 3.39 3.47
N LEU A 44 -2.07 3.62 3.37
CA LEU A 44 -1.10 2.54 3.57
C LEU A 44 -0.60 2.53 5.01
N ILE A 45 -1.05 1.51 5.77
CA ILE A 45 -0.67 1.38 7.17
C ILE A 45 0.47 0.39 7.33
N TYR A 46 1.55 0.84 7.97
CA TYR A 46 2.70 -0.03 8.22
C TYR A 46 2.89 -0.18 9.72
N SER A 47 2.56 -1.36 10.23
CA SER A 47 2.67 -1.62 11.65
C SER A 47 1.76 -0.69 12.45
N GLY A 48 0.62 -0.35 11.86
CA GLY A 48 -0.32 0.55 12.54
C GLY A 48 0.11 2.00 12.39
N LYS A 49 0.78 2.31 11.28
CA LYS A 49 1.25 3.67 11.04
C LYS A 49 0.88 4.12 9.64
N VAL A 50 0.15 5.23 9.57
CA VAL A 50 -0.28 5.76 8.28
C VAL A 50 0.93 6.26 7.49
N LEU A 51 1.46 5.40 6.62
CA LEU A 51 2.61 5.77 5.80
C LEU A 51 2.38 7.07 5.07
N GLN A 52 3.43 7.58 4.44
CA GLN A 52 3.35 8.83 3.68
C GLN A 52 3.63 8.56 2.20
N ASP A 53 3.28 9.53 1.37
CA ASP A 53 3.47 9.38 -0.07
C ASP A 53 4.92 9.67 -0.46
N SER A 54 5.66 10.29 0.45
CA SER A 54 7.06 10.66 0.17
C SER A 54 8.06 9.66 0.76
N LYS A 55 7.60 8.48 1.20
CA LYS A 55 8.51 7.50 1.77
C LYS A 55 8.73 6.34 0.81
N THR A 56 9.91 5.73 0.89
CA THR A 56 10.22 4.58 0.04
C THR A 56 10.14 3.30 0.85
N VAL A 57 9.95 2.19 0.16
CA VAL A 57 9.86 0.90 0.85
C VAL A 57 11.02 0.76 1.81
N SER A 58 12.18 1.21 1.37
CA SER A 58 13.38 1.15 2.19
C SER A 58 13.19 1.97 3.46
N GLU A 59 12.49 3.09 3.31
CA GLU A 59 12.23 3.96 4.44
C GLU A 59 11.13 3.36 5.30
N CYS A 60 10.14 2.75 4.65
CA CYS A 60 9.04 2.13 5.37
C CYS A 60 9.55 0.96 6.21
N GLY A 61 10.63 0.34 5.76
CA GLY A 61 11.22 -0.79 6.48
C GLY A 61 10.71 -2.11 5.94
N LEU A 62 9.94 -2.07 4.85
CA LEU A 62 9.39 -3.28 4.26
C LEU A 62 10.51 -4.13 3.66
N LYS A 63 10.26 -5.43 3.61
CA LYS A 63 11.23 -6.37 3.06
C LYS A 63 10.55 -7.34 2.11
N ASP A 64 11.24 -8.43 1.80
CA ASP A 64 10.69 -9.44 0.88
C ASP A 64 9.72 -10.36 1.60
N GLY A 65 8.50 -10.42 1.08
CA GLY A 65 7.48 -11.29 1.66
C GLY A 65 6.75 -10.63 2.83
N ASP A 66 7.04 -9.36 3.09
CA ASP A 66 6.39 -8.66 4.20
C ASP A 66 4.91 -8.40 3.88
N GLN A 67 4.24 -7.73 4.79
CA GLN A 67 2.83 -7.41 4.61
C GLN A 67 2.55 -5.98 5.05
N VAL A 68 1.67 -5.29 4.32
CA VAL A 68 1.34 -3.91 4.65
C VAL A 68 -0.17 -3.75 4.82
N VAL A 69 -0.57 -3.31 6.00
CA VAL A 69 -1.98 -3.10 6.27
C VAL A 69 -2.44 -1.83 5.58
N PHE A 70 -3.65 -1.86 5.05
CA PHE A 70 -4.18 -0.69 4.34
C PHE A 70 -5.71 -0.66 4.39
N MET A 71 -6.28 0.43 3.88
CA MET A 71 -7.73 0.60 3.86
C MET A 71 -8.12 1.61 2.78
N VAL A 72 -9.28 1.39 2.16
CA VAL A 72 -9.76 2.29 1.11
C VAL A 72 -10.85 3.21 1.65
N SER A 73 -10.68 4.52 1.45
CA SER A 73 -11.66 5.49 1.91
C SER A 73 -12.68 5.79 0.82
N GLN A 74 -13.66 6.62 1.15
CA GLN A 74 -14.70 6.97 0.18
C GLN A 74 -14.32 8.25 -0.58
N LYS A 75 -15.09 8.57 -1.60
CA LYS A 75 -14.83 9.75 -2.41
C LYS A 75 -15.53 10.97 -1.81
N LYS A 76 -14.78 11.80 -1.10
CA LYS A 76 -15.34 13.00 -0.48
C LYS A 76 -15.42 14.13 -1.48
N SER A 77 -15.86 15.29 -1.01
CA SER A 77 -15.98 16.46 -1.88
C SER A 77 -14.66 16.76 -2.57
N THR A 78 -13.58 16.16 -2.06
CA THR A 78 -12.26 16.37 -2.64
C THR A 78 -12.23 15.92 -4.09
N MET A 1 13.89 -7.71 -5.81
CA MET A 1 12.42 -7.75 -5.99
C MET A 1 11.75 -8.22 -4.71
N VAL A 2 11.12 -7.29 -4.00
CA VAL A 2 10.45 -7.63 -2.75
C VAL A 2 8.94 -7.77 -2.98
N SER A 3 8.40 -8.86 -2.45
CA SER A 3 6.97 -9.14 -2.58
C SER A 3 6.27 -8.81 -1.27
N LEU A 4 5.09 -8.20 -1.37
CA LEU A 4 4.35 -7.83 -0.17
C LEU A 4 2.88 -8.20 -0.31
N THR A 5 2.17 -8.08 0.81
CA THR A 5 0.73 -8.38 0.83
C THR A 5 -0.05 -7.26 1.48
N PHE A 6 -0.88 -6.60 0.69
CA PHE A 6 -1.70 -5.50 1.21
C PHE A 6 -3.08 -6.03 1.57
N LYS A 7 -3.42 -5.98 2.86
CA LYS A 7 -4.72 -6.48 3.31
C LYS A 7 -5.52 -5.39 4.00
N ASN A 8 -6.84 -5.45 3.83
CA ASN A 8 -7.74 -4.46 4.43
C ASN A 8 -8.65 -5.13 5.46
N PHE A 9 -9.71 -4.44 5.84
CA PHE A 9 -10.64 -4.96 6.83
C PHE A 9 -11.51 -6.06 6.24
N LYS A 10 -11.28 -6.38 4.97
CA LYS A 10 -12.07 -7.42 4.30
C LYS A 10 -11.34 -8.76 4.41
N LYS A 11 -10.26 -8.75 5.19
CA LYS A 11 -9.47 -9.96 5.40
C LYS A 11 -8.91 -10.49 4.08
N GLU A 12 -8.99 -9.67 3.03
CA GLU A 12 -8.48 -10.06 1.72
C GLU A 12 -7.07 -9.51 1.51
N LYS A 13 -6.19 -10.34 0.96
CA LYS A 13 -4.81 -9.93 0.72
C LYS A 13 -4.58 -9.67 -0.76
N VAL A 14 -3.85 -8.60 -1.05
CA VAL A 14 -3.55 -8.23 -2.43
C VAL A 14 -2.03 -8.24 -2.67
N PRO A 15 -1.49 -9.39 -3.00
CA PRO A 15 -0.02 -9.55 -3.23
C PRO A 15 0.51 -8.56 -4.27
N LEU A 16 1.74 -8.09 -4.03
CA LEU A 16 2.39 -7.14 -4.94
C LEU A 16 3.90 -7.31 -4.88
N ASP A 17 4.58 -6.62 -5.80
CA ASP A 17 6.04 -6.66 -5.87
C ASP A 17 6.57 -5.27 -6.12
N LEU A 18 7.56 -4.86 -5.34
CA LEU A 18 8.14 -3.52 -5.49
C LEU A 18 9.65 -3.54 -5.40
N GLU A 19 10.24 -2.35 -5.48
CA GLU A 19 11.69 -2.19 -5.40
C GLU A 19 12.04 -1.21 -4.28
N PRO A 20 13.19 -1.36 -3.66
CA PRO A 20 13.61 -0.45 -2.56
C PRO A 20 13.47 1.01 -2.95
N SER A 21 13.56 1.26 -4.26
CA SER A 21 13.44 2.63 -4.76
C SER A 21 11.98 3.01 -4.95
N ASN A 22 11.13 2.03 -5.23
CA ASN A 22 9.71 2.31 -5.40
C ASN A 22 9.16 2.82 -4.09
N THR A 23 8.32 3.84 -4.16
CA THR A 23 7.76 4.43 -2.95
C THR A 23 6.24 4.33 -2.92
N ILE A 24 5.69 4.54 -1.73
CA ILE A 24 4.27 4.49 -1.49
C ILE A 24 3.49 5.10 -2.65
N LEU A 25 4.01 6.18 -3.20
CA LEU A 25 3.33 6.81 -4.32
C LEU A 25 3.05 5.78 -5.40
N GLU A 26 4.08 4.99 -5.71
CA GLU A 26 3.97 3.97 -6.74
C GLU A 26 3.18 2.75 -6.27
N THR A 27 3.38 2.32 -5.02
CA THR A 27 2.65 1.17 -4.53
C THR A 27 1.17 1.51 -4.50
N LYS A 28 0.89 2.73 -4.06
CA LYS A 28 -0.49 3.22 -4.01
C LYS A 28 -1.05 3.34 -5.43
N THR A 29 -0.19 3.72 -6.37
CA THR A 29 -0.62 3.87 -7.76
C THR A 29 -1.09 2.53 -8.30
N LYS A 30 -0.27 1.49 -8.10
CA LYS A 30 -0.61 0.16 -8.56
C LYS A 30 -1.75 -0.40 -7.71
N LEU A 31 -1.50 -0.51 -6.41
CA LEU A 31 -2.51 -1.02 -5.50
C LEU A 31 -3.86 -0.39 -5.79
N ALA A 32 -3.83 0.78 -6.41
CA ALA A 32 -5.06 1.48 -6.77
C ALA A 32 -5.64 0.90 -8.05
N GLN A 33 -4.75 0.64 -9.01
CA GLN A 33 -5.15 0.07 -10.28
C GLN A 33 -5.37 -1.42 -10.16
N SER A 34 -4.90 -1.98 -9.05
CA SER A 34 -5.04 -3.41 -8.79
C SER A 34 -6.47 -3.71 -8.36
N ILE A 35 -6.95 -2.94 -7.39
CA ILE A 35 -8.30 -3.10 -6.90
C ILE A 35 -9.20 -2.11 -7.62
N SER A 36 -8.58 -1.17 -8.31
CA SER A 36 -9.33 -0.16 -9.08
C SER A 36 -9.83 0.96 -8.18
N CYS A 37 -9.08 1.29 -7.13
CA CYS A 37 -9.47 2.37 -6.23
C CYS A 37 -8.42 3.47 -6.24
N GLU A 38 -8.87 4.71 -6.27
CA GLU A 38 -7.96 5.84 -6.29
C GLU A 38 -6.97 5.77 -5.14
N GLU A 39 -5.74 6.19 -5.42
CA GLU A 39 -4.68 6.19 -4.42
C GLU A 39 -4.87 7.38 -3.47
N SER A 40 -5.62 8.36 -3.94
CA SER A 40 -5.87 9.58 -3.15
C SER A 40 -6.85 9.34 -2.00
N GLN A 41 -7.43 8.14 -1.93
CA GLN A 41 -8.37 7.82 -0.86
C GLN A 41 -7.81 6.70 -0.02
N ILE A 42 -7.03 5.86 -0.66
CA ILE A 42 -6.40 4.72 -0.02
C ILE A 42 -5.50 5.17 1.13
N LYS A 43 -5.32 4.27 2.08
CA LYS A 43 -4.48 4.53 3.25
C LYS A 43 -3.65 3.29 3.56
N LEU A 44 -2.33 3.41 3.41
CA LEU A 44 -1.44 2.28 3.66
C LEU A 44 -0.89 2.32 5.08
N ILE A 45 -1.31 1.34 5.87
CA ILE A 45 -0.88 1.23 7.26
C ILE A 45 0.25 0.22 7.39
N TYR A 46 1.35 0.66 8.01
CA TYR A 46 2.49 -0.21 8.23
C TYR A 46 2.78 -0.28 9.72
N SER A 47 2.50 -1.42 10.31
CA SER A 47 2.72 -1.60 11.74
C SER A 47 1.77 -0.72 12.54
N GLY A 48 0.60 -0.44 11.96
CA GLY A 48 -0.39 0.40 12.63
C GLY A 48 -0.02 1.87 12.48
N LYS A 49 0.65 2.19 11.38
CA LYS A 49 1.07 3.57 11.12
C LYS A 49 0.74 3.97 9.69
N VAL A 50 -0.01 5.06 9.55
CA VAL A 50 -0.38 5.53 8.22
C VAL A 50 0.85 6.01 7.45
N LEU A 51 1.37 5.13 6.59
CA LEU A 51 2.56 5.47 5.80
C LEU A 51 2.37 6.81 5.11
N GLN A 52 3.46 7.30 4.52
CA GLN A 52 3.43 8.57 3.81
C GLN A 52 3.58 8.34 2.31
N ASP A 53 3.18 9.34 1.53
CA ASP A 53 3.27 9.25 0.08
C ASP A 53 4.67 9.56 -0.41
N SER A 54 5.50 10.12 0.47
CA SER A 54 6.86 10.50 0.10
C SER A 54 7.91 9.54 0.68
N LYS A 55 7.49 8.39 1.21
CA LYS A 55 8.45 7.45 1.77
C LYS A 55 8.68 6.27 0.82
N THR A 56 9.87 5.71 0.87
CA THR A 56 10.19 4.57 0.01
C THR A 56 10.17 3.29 0.83
N VAL A 57 9.86 2.18 0.16
CA VAL A 57 9.81 0.89 0.84
C VAL A 57 11.02 0.75 1.76
N SER A 58 12.16 1.23 1.29
CA SER A 58 13.38 1.17 2.07
C SER A 58 13.21 1.99 3.34
N GLU A 59 12.51 3.11 3.21
CA GLU A 59 12.26 3.99 4.35
C GLU A 59 11.11 3.44 5.19
N CYS A 60 10.12 2.86 4.52
CA CYS A 60 8.98 2.30 5.21
C CYS A 60 9.41 1.15 6.11
N GLY A 61 10.49 0.47 5.72
CA GLY A 61 11.02 -0.65 6.50
C GLY A 61 10.53 -1.99 5.94
N LEU A 62 9.81 -1.95 4.84
CA LEU A 62 9.30 -3.17 4.23
C LEU A 62 10.43 -4.00 3.66
N LYS A 63 10.25 -5.31 3.67
CA LYS A 63 11.25 -6.23 3.14
C LYS A 63 10.61 -7.16 2.11
N ASP A 64 11.25 -8.29 1.85
CA ASP A 64 10.75 -9.25 0.87
C ASP A 64 9.73 -10.20 1.48
N GLY A 65 8.56 -10.27 0.85
CA GLY A 65 7.50 -11.15 1.32
C GLY A 65 6.76 -10.62 2.56
N ASP A 66 7.08 -9.41 2.98
CA ASP A 66 6.41 -8.85 4.16
C ASP A 66 4.92 -8.67 3.90
N GLN A 67 4.24 -8.02 4.84
CA GLN A 67 2.80 -7.78 4.72
C GLN A 67 2.48 -6.38 5.21
N VAL A 68 1.61 -5.67 4.50
CA VAL A 68 1.24 -4.32 4.87
C VAL A 68 -0.26 -4.19 5.03
N VAL A 69 -0.69 -3.44 6.04
CA VAL A 69 -2.10 -3.22 6.27
C VAL A 69 -2.51 -1.96 5.55
N PHE A 70 -3.73 -1.92 5.03
CA PHE A 70 -4.21 -0.75 4.31
C PHE A 70 -5.73 -0.64 4.39
N MET A 71 -6.26 0.47 3.87
CA MET A 71 -7.70 0.70 3.89
C MET A 71 -8.11 1.70 2.82
N VAL A 72 -9.32 1.56 2.29
CA VAL A 72 -9.82 2.47 1.26
C VAL A 72 -10.92 3.37 1.80
N SER A 73 -10.94 4.61 1.34
CA SER A 73 -11.97 5.56 1.78
C SER A 73 -13.08 5.67 0.73
N GLN A 74 -14.31 5.76 1.20
CA GLN A 74 -15.46 5.87 0.30
C GLN A 74 -15.35 7.13 -0.55
N LYS A 75 -15.77 7.02 -1.81
CA LYS A 75 -15.72 8.16 -2.73
C LYS A 75 -16.76 9.21 -2.34
N LYS A 76 -16.41 10.48 -2.51
CA LYS A 76 -17.31 11.57 -2.19
C LYS A 76 -17.21 12.68 -3.22
N SER A 77 -17.90 12.49 -4.34
CA SER A 77 -17.88 13.49 -5.42
C SER A 77 -18.96 14.54 -5.20
N THR A 78 -19.35 14.73 -3.94
CA THR A 78 -20.39 15.71 -3.62
C THR A 78 -21.66 15.41 -4.39
N MET A 1 13.24 -8.45 -6.50
CA MET A 1 12.10 -7.55 -6.13
C MET A 1 11.45 -8.07 -4.86
N VAL A 2 10.88 -7.15 -4.07
CA VAL A 2 10.24 -7.52 -2.82
C VAL A 2 8.73 -7.68 -3.03
N SER A 3 8.22 -8.81 -2.58
CA SER A 3 6.80 -9.11 -2.68
C SER A 3 6.12 -8.81 -1.36
N LEU A 4 4.94 -8.21 -1.42
CA LEU A 4 4.22 -7.87 -0.20
C LEU A 4 2.76 -8.27 -0.29
N THR A 5 2.05 -8.07 0.82
CA THR A 5 0.63 -8.40 0.88
C THR A 5 -0.16 -7.27 1.50
N PHE A 6 -1.06 -6.69 0.72
CA PHE A 6 -1.90 -5.61 1.22
C PHE A 6 -3.23 -6.17 1.70
N LYS A 7 -3.49 -6.09 3.01
CA LYS A 7 -4.73 -6.61 3.56
C LYS A 7 -5.66 -5.49 4.01
N ASN A 8 -6.95 -5.68 3.78
CA ASN A 8 -7.95 -4.68 4.15
C ASN A 8 -8.80 -5.18 5.32
N PHE A 9 -9.94 -4.52 5.53
CA PHE A 9 -10.84 -4.91 6.61
C PHE A 9 -11.70 -6.10 6.18
N LYS A 10 -11.54 -6.50 4.92
CA LYS A 10 -12.29 -7.63 4.39
C LYS A 10 -11.47 -8.91 4.52
N LYS A 11 -10.37 -8.80 5.26
CA LYS A 11 -9.48 -9.94 5.48
C LYS A 11 -8.95 -10.48 4.15
N GLU A 12 -9.03 -9.67 3.09
CA GLU A 12 -8.54 -10.10 1.78
C GLU A 12 -7.15 -9.52 1.54
N LYS A 13 -6.26 -10.36 1.02
CA LYS A 13 -4.89 -9.94 0.74
C LYS A 13 -4.69 -9.72 -0.76
N VAL A 14 -3.99 -8.63 -1.09
CA VAL A 14 -3.71 -8.31 -2.49
C VAL A 14 -2.20 -8.27 -2.72
N PRO A 15 -1.60 -9.37 -3.09
CA PRO A 15 -0.13 -9.45 -3.33
C PRO A 15 0.38 -8.38 -4.29
N LEU A 16 1.58 -7.90 -4.03
CA LEU A 16 2.21 -6.88 -4.86
C LEU A 16 3.73 -7.05 -4.85
N ASP A 17 4.39 -6.33 -5.74
CA ASP A 17 5.84 -6.37 -5.85
C ASP A 17 6.39 -4.95 -6.03
N LEU A 18 7.43 -4.62 -5.29
CA LEU A 18 8.02 -3.28 -5.37
C LEU A 18 9.53 -3.32 -5.35
N GLU A 19 10.14 -2.14 -5.44
CA GLU A 19 11.59 -2.01 -5.41
C GLU A 19 12.00 -1.05 -4.29
N PRO A 20 13.17 -1.23 -3.73
CA PRO A 20 13.68 -0.34 -2.65
C PRO A 20 13.55 1.13 -3.02
N SER A 21 13.57 1.40 -4.32
CA SER A 21 13.47 2.78 -4.79
C SER A 21 12.01 3.19 -4.97
N ASN A 22 11.15 2.22 -5.27
CA ASN A 22 9.73 2.53 -5.42
C ASN A 22 9.18 2.97 -4.08
N THR A 23 8.37 4.00 -4.08
CA THR A 23 7.81 4.51 -2.83
C THR A 23 6.30 4.42 -2.79
N ILE A 24 5.78 4.56 -1.57
CA ILE A 24 4.35 4.50 -1.32
C ILE A 24 3.57 5.11 -2.46
N LEU A 25 4.03 6.23 -2.97
CA LEU A 25 3.34 6.88 -4.06
C LEU A 25 2.95 5.85 -5.11
N GLU A 26 3.92 5.03 -5.48
CA GLU A 26 3.71 4.00 -6.48
C GLU A 26 2.92 2.81 -5.95
N THR A 27 3.25 2.32 -4.75
CA THR A 27 2.50 1.19 -4.22
C THR A 27 1.03 1.55 -4.18
N LYS A 28 0.75 2.74 -3.68
CA LYS A 28 -0.61 3.23 -3.62
C LYS A 28 -1.23 3.24 -5.01
N THR A 29 -0.44 3.68 -6.01
CA THR A 29 -0.93 3.72 -7.39
C THR A 29 -1.29 2.33 -7.88
N LYS A 30 -0.32 1.43 -7.88
CA LYS A 30 -0.55 0.07 -8.31
C LYS A 30 -1.73 -0.53 -7.55
N LEU A 31 -1.60 -0.60 -6.23
CA LEU A 31 -2.67 -1.15 -5.40
C LEU A 31 -4.01 -0.60 -5.85
N ALA A 32 -3.99 0.58 -6.46
CA ALA A 32 -5.21 1.22 -6.94
C ALA A 32 -5.62 0.63 -8.28
N GLN A 33 -4.64 0.38 -9.14
CA GLN A 33 -4.90 -0.18 -10.46
C GLN A 33 -5.15 -1.68 -10.37
N SER A 34 -4.80 -2.27 -9.24
CA SER A 34 -4.97 -3.69 -9.04
C SER A 34 -6.43 -3.98 -8.72
N ILE A 35 -6.98 -3.22 -7.78
CA ILE A 35 -8.37 -3.38 -7.39
C ILE A 35 -9.23 -2.35 -8.11
N SER A 36 -8.56 -1.42 -8.80
CA SER A 36 -9.26 -0.38 -9.55
C SER A 36 -9.64 0.81 -8.67
N CYS A 37 -8.91 0.96 -7.57
CA CYS A 37 -9.14 2.06 -6.64
C CYS A 37 -8.18 3.20 -6.96
N GLU A 38 -8.21 4.24 -6.14
CA GLU A 38 -7.32 5.39 -6.35
C GLU A 38 -6.32 5.51 -5.20
N GLU A 39 -5.17 6.08 -5.49
CA GLU A 39 -4.12 6.26 -4.48
C GLU A 39 -4.45 7.45 -3.58
N SER A 40 -5.30 8.32 -4.07
CA SER A 40 -5.67 9.53 -3.33
C SER A 40 -6.68 9.24 -2.21
N GLN A 41 -7.14 8.00 -2.12
CA GLN A 41 -8.10 7.63 -1.08
C GLN A 41 -7.51 6.53 -0.21
N ILE A 42 -6.67 5.73 -0.84
CA ILE A 42 -6.04 4.61 -0.18
C ILE A 42 -5.10 5.08 0.94
N LYS A 43 -5.03 4.28 1.99
CA LYS A 43 -4.17 4.57 3.13
C LYS A 43 -3.28 3.37 3.40
N LEU A 44 -1.97 3.58 3.34
CA LEU A 44 -1.02 2.50 3.55
C LEU A 44 -0.54 2.46 5.00
N ILE A 45 -1.02 1.45 5.74
CA ILE A 45 -0.67 1.30 7.14
C ILE A 45 0.45 0.29 7.32
N TYR A 46 1.55 0.74 7.92
CA TYR A 46 2.69 -0.13 8.17
C TYR A 46 2.82 -0.34 9.67
N SER A 47 2.50 -1.54 10.11
CA SER A 47 2.57 -1.86 11.53
C SER A 47 1.71 -0.89 12.34
N GLY A 48 0.58 -0.48 11.77
CA GLY A 48 -0.32 0.44 12.46
C GLY A 48 0.16 1.87 12.31
N LYS A 49 0.83 2.17 11.20
CA LYS A 49 1.35 3.52 10.96
C LYS A 49 0.95 4.01 9.58
N VAL A 50 0.24 5.13 9.55
CA VAL A 50 -0.21 5.70 8.29
C VAL A 50 0.97 6.22 7.47
N LEU A 51 1.56 5.35 6.66
CA LEU A 51 2.70 5.74 5.82
C LEU A 51 2.38 7.02 5.05
N GLN A 52 3.40 7.56 4.41
CA GLN A 52 3.24 8.78 3.63
C GLN A 52 3.59 8.51 2.16
N ASP A 53 3.28 9.47 1.31
CA ASP A 53 3.55 9.34 -0.12
C ASP A 53 5.01 9.65 -0.44
N SER A 54 5.72 10.21 0.53
CA SER A 54 7.11 10.59 0.33
C SER A 54 8.09 9.58 0.93
N LYS A 55 7.60 8.40 1.32
CA LYS A 55 8.47 7.39 1.91
C LYS A 55 8.76 6.29 0.89
N THR A 56 9.98 5.73 0.96
CA THR A 56 10.35 4.65 0.07
C THR A 56 10.34 3.33 0.83
N VAL A 57 9.97 2.27 0.13
CA VAL A 57 9.92 0.96 0.76
C VAL A 57 11.16 0.73 1.61
N SER A 58 12.24 1.37 1.20
CA SER A 58 13.50 1.25 1.93
C SER A 58 13.41 1.94 3.28
N GLU A 59 12.74 3.10 3.31
CA GLU A 59 12.60 3.85 4.54
C GLU A 59 11.39 3.34 5.33
N CYS A 60 10.34 2.90 4.61
CA CYS A 60 9.15 2.39 5.27
C CYS A 60 9.47 1.15 6.09
N GLY A 61 10.55 0.46 5.71
CA GLY A 61 10.97 -0.74 6.43
C GLY A 61 10.43 -2.02 5.77
N LEU A 62 9.74 -1.86 4.65
CA LEU A 62 9.19 -3.01 3.96
C LEU A 62 10.29 -3.85 3.34
N LYS A 63 10.16 -5.16 3.49
CA LYS A 63 11.15 -6.10 2.96
C LYS A 63 10.49 -7.06 1.98
N ASP A 64 11.15 -8.20 1.74
CA ASP A 64 10.62 -9.19 0.80
C ASP A 64 9.59 -10.10 1.48
N GLY A 65 8.42 -10.18 0.87
CA GLY A 65 7.36 -11.05 1.38
C GLY A 65 6.65 -10.46 2.61
N ASP A 66 6.97 -9.23 2.98
CA ASP A 66 6.34 -8.62 4.15
C ASP A 66 4.84 -8.44 3.92
N GLN A 67 4.19 -7.78 4.87
CA GLN A 67 2.75 -7.52 4.77
C GLN A 67 2.48 -6.06 5.10
N VAL A 68 1.58 -5.43 4.35
CA VAL A 68 1.27 -4.02 4.57
C VAL A 68 -0.23 -3.82 4.77
N VAL A 69 -0.60 -3.36 5.96
CA VAL A 69 -1.99 -3.11 6.25
C VAL A 69 -2.44 -1.86 5.52
N PHE A 70 -3.66 -1.88 5.00
CA PHE A 70 -4.17 -0.71 4.27
C PHE A 70 -5.69 -0.65 4.31
N MET A 71 -6.24 0.44 3.79
CA MET A 71 -7.69 0.63 3.74
C MET A 71 -8.06 1.67 2.69
N VAL A 72 -9.18 1.45 2.00
CA VAL A 72 -9.62 2.37 0.96
C VAL A 72 -10.73 3.28 1.48
N SER A 73 -10.61 4.57 1.20
CA SER A 73 -11.62 5.55 1.62
C SER A 73 -12.60 5.83 0.50
N GLN A 74 -13.72 6.47 0.83
CA GLN A 74 -14.73 6.81 -0.17
C GLN A 74 -14.91 8.33 -0.26
N LYS A 75 -15.57 8.77 -1.32
CA LYS A 75 -15.81 10.19 -1.53
C LYS A 75 -16.55 10.78 -0.33
N LYS A 76 -17.20 11.92 -0.55
CA LYS A 76 -17.95 12.59 0.51
C LYS A 76 -19.34 11.96 0.66
N SER A 77 -19.58 10.89 -0.09
CA SER A 77 -20.87 10.21 -0.05
C SER A 77 -21.27 9.92 1.41
N THR A 78 -22.41 9.26 1.57
CA THR A 78 -22.89 8.92 2.91
C THR A 78 -21.78 8.26 3.72
N MET A 1 13.20 -6.67 -5.62
CA MET A 1 12.35 -7.87 -5.88
C MET A 1 11.71 -8.33 -4.57
N VAL A 2 11.00 -7.40 -3.92
CA VAL A 2 10.33 -7.71 -2.66
C VAL A 2 8.83 -7.88 -2.88
N SER A 3 8.30 -8.98 -2.37
CA SER A 3 6.89 -9.29 -2.47
C SER A 3 6.19 -8.90 -1.19
N LEU A 4 5.03 -8.25 -1.31
CA LEU A 4 4.29 -7.82 -0.14
C LEU A 4 2.83 -8.22 -0.23
N THR A 5 2.12 -8.02 0.87
CA THR A 5 0.70 -8.35 0.94
C THR A 5 -0.11 -7.19 1.50
N PHE A 6 -1.01 -6.64 0.69
CA PHE A 6 -1.84 -5.54 1.14
C PHE A 6 -3.18 -6.07 1.64
N LYS A 7 -3.43 -5.90 2.94
CA LYS A 7 -4.67 -6.37 3.55
C LYS A 7 -5.65 -5.23 3.77
N ASN A 8 -6.94 -5.52 3.50
CA ASN A 8 -7.99 -4.52 3.68
C ASN A 8 -8.86 -4.87 4.88
N PHE A 9 -9.98 -4.18 5.02
CA PHE A 9 -10.88 -4.43 6.14
C PHE A 9 -11.80 -5.61 5.83
N LYS A 10 -11.71 -6.13 4.61
CA LYS A 10 -12.52 -7.26 4.20
C LYS A 10 -11.73 -8.55 4.39
N LYS A 11 -10.60 -8.43 5.08
CA LYS A 11 -9.74 -9.56 5.35
C LYS A 11 -9.27 -10.21 4.04
N GLU A 12 -8.93 -9.38 3.07
CA GLU A 12 -8.45 -9.86 1.77
C GLU A 12 -7.03 -9.37 1.51
N LYS A 13 -6.18 -10.26 1.01
CA LYS A 13 -4.79 -9.90 0.73
C LYS A 13 -4.57 -9.72 -0.77
N VAL A 14 -3.85 -8.66 -1.13
CA VAL A 14 -3.55 -8.38 -2.52
C VAL A 14 -2.04 -8.38 -2.74
N PRO A 15 -1.48 -9.52 -3.08
CA PRO A 15 -0.01 -9.66 -3.30
C PRO A 15 0.54 -8.64 -4.30
N LEU A 16 1.74 -8.16 -4.04
CA LEU A 16 2.40 -7.19 -4.90
C LEU A 16 3.91 -7.37 -4.86
N ASP A 17 4.59 -6.80 -5.85
CA ASP A 17 6.05 -6.89 -5.90
C ASP A 17 6.63 -5.55 -6.33
N LEU A 18 7.59 -5.05 -5.56
CA LEU A 18 8.22 -3.77 -5.86
C LEU A 18 9.72 -3.80 -5.60
N GLU A 19 10.34 -2.62 -5.67
CA GLU A 19 11.78 -2.50 -5.45
C GLU A 19 12.04 -1.50 -4.32
N PRO A 20 13.19 -1.58 -3.69
CA PRO A 20 13.57 -0.66 -2.58
C PRO A 20 13.42 0.80 -2.98
N SER A 21 13.58 1.07 -4.26
CA SER A 21 13.47 2.44 -4.76
C SER A 21 12.01 2.88 -4.88
N ASN A 22 11.13 1.91 -5.11
CA ASN A 22 9.72 2.23 -5.21
C ASN A 22 9.29 3.00 -3.97
N THR A 23 8.18 3.70 -4.04
CA THR A 23 7.71 4.46 -2.90
C THR A 23 6.20 4.45 -2.82
N ILE A 24 5.71 4.60 -1.59
CA ILE A 24 4.29 4.62 -1.31
C ILE A 24 3.51 5.28 -2.43
N LEU A 25 4.07 6.34 -2.99
CA LEU A 25 3.41 7.03 -4.08
C LEU A 25 3.06 6.05 -5.18
N GLU A 26 4.05 5.23 -5.54
CA GLU A 26 3.86 4.24 -6.60
C GLU A 26 3.11 3.00 -6.13
N THR A 27 3.35 2.55 -4.89
CA THR A 27 2.64 1.38 -4.43
C THR A 27 1.16 1.72 -4.32
N LYS A 28 0.88 2.92 -3.84
CA LYS A 28 -0.50 3.38 -3.73
C LYS A 28 -1.13 3.42 -5.11
N THR A 29 -0.38 3.88 -6.11
CA THR A 29 -0.91 3.96 -7.46
C THR A 29 -1.31 2.56 -7.95
N LYS A 30 -0.35 1.65 -7.95
CA LYS A 30 -0.62 0.28 -8.37
C LYS A 30 -1.74 -0.32 -7.53
N LEU A 31 -1.54 -0.37 -6.23
CA LEU A 31 -2.55 -0.93 -5.32
C LEU A 31 -3.94 -0.43 -5.71
N ALA A 32 -3.99 0.76 -6.31
CA ALA A 32 -5.25 1.33 -6.73
C ALA A 32 -5.69 0.72 -8.06
N GLN A 33 -4.72 0.53 -8.95
CA GLN A 33 -4.99 -0.05 -10.26
C GLN A 33 -5.15 -1.56 -10.16
N SER A 34 -4.73 -2.12 -9.04
CA SER A 34 -4.82 -3.55 -8.82
C SER A 34 -6.26 -3.91 -8.48
N ILE A 35 -6.83 -3.18 -7.54
CA ILE A 35 -8.20 -3.41 -7.13
C ILE A 35 -9.12 -2.45 -7.86
N SER A 36 -8.51 -1.48 -8.54
CA SER A 36 -9.27 -0.48 -9.31
C SER A 36 -9.70 0.68 -8.43
N CYS A 37 -8.98 0.90 -7.34
CA CYS A 37 -9.28 1.99 -6.42
C CYS A 37 -8.37 3.17 -6.74
N GLU A 38 -8.47 4.23 -5.94
CA GLU A 38 -7.64 5.41 -6.15
C GLU A 38 -6.66 5.59 -5.00
N GLU A 39 -5.52 6.19 -5.29
CA GLU A 39 -4.49 6.42 -4.28
C GLU A 39 -4.87 7.59 -3.39
N SER A 40 -5.75 8.44 -3.88
CA SER A 40 -6.18 9.62 -3.14
C SER A 40 -7.16 9.29 -2.02
N GLN A 41 -7.58 8.03 -1.94
CA GLN A 41 -8.51 7.62 -0.89
C GLN A 41 -7.89 6.52 -0.06
N ILE A 42 -7.02 5.75 -0.70
CA ILE A 42 -6.34 4.65 -0.06
C ILE A 42 -5.42 5.14 1.05
N LYS A 43 -5.24 4.28 2.05
CA LYS A 43 -4.38 4.58 3.19
C LYS A 43 -3.57 3.33 3.54
N LEU A 44 -2.24 3.42 3.45
CA LEU A 44 -1.38 2.29 3.75
C LEU A 44 -0.88 2.35 5.19
N ILE A 45 -1.32 1.38 5.99
CA ILE A 45 -0.94 1.31 7.38
C ILE A 45 0.20 0.32 7.60
N TYR A 46 1.25 0.79 8.23
CA TYR A 46 2.40 -0.05 8.53
C TYR A 46 2.51 -0.23 10.04
N SER A 47 2.19 -1.42 10.50
CA SER A 47 2.24 -1.72 11.93
C SER A 47 1.37 -0.74 12.71
N GLY A 48 0.23 -0.37 12.12
CA GLY A 48 -0.68 0.55 12.80
C GLY A 48 -0.23 2.00 12.63
N LYS A 49 0.43 2.29 11.51
CA LYS A 49 0.91 3.65 11.25
C LYS A 49 0.61 4.06 9.82
N VAL A 50 -0.11 5.16 9.67
CA VAL A 50 -0.46 5.66 8.35
C VAL A 50 0.78 6.09 7.58
N LEU A 51 1.28 5.21 6.71
CA LEU A 51 2.46 5.52 5.92
C LEU A 51 2.34 6.88 5.25
N GLN A 52 3.43 7.33 4.66
CA GLN A 52 3.46 8.62 3.97
C GLN A 52 3.70 8.42 2.48
N ASP A 53 3.33 9.42 1.69
CA ASP A 53 3.51 9.36 0.23
C ASP A 53 4.94 9.69 -0.18
N SER A 54 5.71 10.23 0.75
CA SER A 54 7.09 10.64 0.44
C SER A 54 8.13 9.64 0.95
N LYS A 55 7.70 8.44 1.35
CA LYS A 55 8.66 7.45 1.86
C LYS A 55 8.81 6.30 0.88
N THR A 56 10.02 5.73 0.83
CA THR A 56 10.29 4.61 -0.05
C THR A 56 10.30 3.31 0.74
N VAL A 57 9.90 2.22 0.09
CA VAL A 57 9.83 0.93 0.76
C VAL A 57 11.04 0.76 1.67
N SER A 58 12.21 1.14 1.17
CA SER A 58 13.43 1.03 1.94
C SER A 58 13.33 1.87 3.20
N GLU A 59 12.62 2.98 3.09
CA GLU A 59 12.42 3.89 4.22
C GLU A 59 11.24 3.41 5.06
N CYS A 60 10.25 2.83 4.38
CA CYS A 60 9.07 2.33 5.08
C CYS A 60 9.43 1.17 6.00
N GLY A 61 10.48 0.44 5.64
CA GLY A 61 10.95 -0.69 6.44
C GLY A 61 10.45 -2.01 5.86
N LEU A 62 9.72 -1.95 4.75
CA LEU A 62 9.18 -3.15 4.13
C LEU A 62 10.31 -4.00 3.56
N LYS A 63 10.12 -5.31 3.60
CA LYS A 63 11.11 -6.24 3.09
C LYS A 63 10.46 -7.22 2.12
N ASP A 64 11.17 -8.30 1.82
CA ASP A 64 10.68 -9.32 0.90
C ASP A 64 9.66 -10.24 1.57
N GLY A 65 8.47 -10.28 1.01
CA GLY A 65 7.41 -11.13 1.54
C GLY A 65 6.68 -10.51 2.72
N ASP A 66 7.02 -9.26 3.05
CA ASP A 66 6.36 -8.59 4.19
C ASP A 66 4.87 -8.38 3.88
N GLN A 67 4.22 -7.55 4.70
CA GLN A 67 2.80 -7.27 4.51
C GLN A 67 2.50 -5.82 4.88
N VAL A 68 1.65 -5.17 4.08
CA VAL A 68 1.29 -3.78 4.33
C VAL A 68 -0.20 -3.63 4.54
N VAL A 69 -0.60 -3.34 5.78
CA VAL A 69 -2.00 -3.14 6.07
C VAL A 69 -2.47 -1.88 5.38
N PHE A 70 -3.72 -1.86 4.96
CA PHE A 70 -4.26 -0.69 4.27
C PHE A 70 -5.79 -0.68 4.29
N MET A 71 -6.36 0.42 3.82
CA MET A 71 -7.81 0.57 3.77
C MET A 71 -8.22 1.62 2.73
N VAL A 72 -9.35 1.39 2.07
CA VAL A 72 -9.83 2.33 1.05
C VAL A 72 -10.89 3.25 1.64
N SER A 73 -10.73 4.55 1.42
CA SER A 73 -11.69 5.53 1.93
C SER A 73 -12.72 5.89 0.86
N GLN A 74 -13.53 6.90 1.15
CA GLN A 74 -14.56 7.34 0.21
C GLN A 74 -14.25 8.75 -0.29
N LYS A 75 -14.82 9.10 -1.44
CA LYS A 75 -14.60 10.43 -2.01
C LYS A 75 -14.90 11.51 -0.98
N LYS A 76 -14.15 12.59 -1.03
CA LYS A 76 -14.34 13.69 -0.09
C LYS A 76 -15.78 14.21 -0.16
N SER A 77 -16.46 14.23 0.97
CA SER A 77 -17.83 14.70 1.03
C SER A 77 -18.31 14.82 2.48
N THR A 78 -17.99 15.93 3.12
CA THR A 78 -18.38 16.14 4.50
C THR A 78 -19.86 16.52 4.58
N MET A 1 13.76 -7.40 -5.56
CA MET A 1 12.38 -7.89 -5.87
C MET A 1 11.68 -8.30 -4.59
N VAL A 2 11.09 -7.34 -3.90
CA VAL A 2 10.39 -7.62 -2.64
C VAL A 2 8.90 -7.77 -2.90
N SER A 3 8.34 -8.84 -2.36
CA SER A 3 6.92 -9.13 -2.50
C SER A 3 6.19 -8.78 -1.22
N LEU A 4 5.05 -8.11 -1.34
CA LEU A 4 4.28 -7.73 -0.17
C LEU A 4 2.81 -8.08 -0.33
N THR A 5 2.08 -7.92 0.75
CA THR A 5 0.64 -8.22 0.75
C THR A 5 -0.15 -7.10 1.42
N PHE A 6 -1.01 -6.46 0.65
CA PHE A 6 -1.84 -5.38 1.19
C PHE A 6 -3.23 -5.91 1.49
N LYS A 7 -3.59 -5.96 2.77
CA LYS A 7 -4.88 -6.47 3.18
C LYS A 7 -5.76 -5.37 3.79
N ASN A 8 -7.06 -5.49 3.59
CA ASN A 8 -8.01 -4.51 4.12
C ASN A 8 -8.92 -5.15 5.17
N PHE A 9 -9.92 -4.40 5.62
CA PHE A 9 -10.86 -4.90 6.62
C PHE A 9 -11.83 -5.90 6.00
N LYS A 10 -11.62 -6.24 4.74
CA LYS A 10 -12.49 -7.18 4.05
C LYS A 10 -11.90 -8.58 4.14
N LYS A 11 -10.82 -8.70 4.90
CA LYS A 11 -10.16 -9.99 5.09
C LYS A 11 -9.59 -10.52 3.77
N GLU A 12 -9.22 -9.62 2.86
CA GLU A 12 -8.66 -10.02 1.57
C GLU A 12 -7.25 -9.47 1.41
N LYS A 13 -6.35 -10.31 0.91
CA LYS A 13 -4.96 -9.89 0.70
C LYS A 13 -4.69 -9.65 -0.77
N VAL A 14 -3.92 -8.60 -1.07
CA VAL A 14 -3.58 -8.26 -2.45
C VAL A 14 -2.07 -8.29 -2.66
N PRO A 15 -1.52 -9.45 -2.95
CA PRO A 15 -0.04 -9.60 -3.17
C PRO A 15 0.49 -8.62 -4.21
N LEU A 16 1.72 -8.15 -3.99
CA LEU A 16 2.37 -7.21 -4.90
C LEU A 16 3.87 -7.37 -4.86
N ASP A 17 4.55 -6.72 -5.79
CA ASP A 17 6.01 -6.76 -5.86
C ASP A 17 6.55 -5.37 -6.19
N LEU A 18 7.54 -4.93 -5.44
CA LEU A 18 8.12 -3.61 -5.66
C LEU A 18 9.64 -3.62 -5.51
N GLU A 19 10.23 -2.43 -5.59
CA GLU A 19 11.68 -2.28 -5.46
C GLU A 19 12.00 -1.28 -4.35
N PRO A 20 13.14 -1.42 -3.71
CA PRO A 20 13.55 -0.50 -2.61
C PRO A 20 13.40 0.96 -3.01
N SER A 21 13.50 1.21 -4.32
CA SER A 21 13.39 2.57 -4.83
C SER A 21 11.93 2.97 -5.00
N ASN A 22 11.07 2.01 -5.26
CA ASN A 22 9.66 2.30 -5.41
C ASN A 22 9.13 2.85 -4.09
N THR A 23 8.27 3.86 -4.17
CA THR A 23 7.73 4.47 -2.96
C THR A 23 6.22 4.39 -2.92
N ILE A 24 5.69 4.55 -1.71
CA ILE A 24 4.27 4.51 -1.46
C ILE A 24 3.49 5.13 -2.61
N LEU A 25 3.99 6.23 -3.15
CA LEU A 25 3.31 6.88 -4.24
C LEU A 25 3.03 5.88 -5.34
N GLU A 26 4.04 5.09 -5.68
CA GLU A 26 3.91 4.09 -6.73
C GLU A 26 3.15 2.85 -6.27
N THR A 27 3.38 2.41 -5.04
CA THR A 27 2.67 1.22 -4.56
C THR A 27 1.19 1.53 -4.48
N LYS A 28 0.88 2.73 -3.99
CA LYS A 28 -0.49 3.18 -3.88
C LYS A 28 -1.10 3.33 -5.28
N THR A 29 -0.31 3.79 -6.24
CA THR A 29 -0.80 3.97 -7.60
C THR A 29 -1.18 2.63 -8.19
N LYS A 30 -0.30 1.65 -8.05
CA LYS A 30 -0.57 0.32 -8.57
C LYS A 30 -1.68 -0.33 -7.76
N LEU A 31 -1.43 -0.49 -6.46
CA LEU A 31 -2.43 -1.10 -5.59
C LEU A 31 -3.81 -0.52 -5.88
N ALA A 32 -3.81 0.68 -6.48
CA ALA A 32 -5.08 1.34 -6.82
C ALA A 32 -5.61 0.75 -8.11
N GLN A 33 -4.72 0.58 -9.09
CA GLN A 33 -5.09 0.02 -10.38
C GLN A 33 -5.24 -1.49 -10.28
N SER A 34 -4.76 -2.05 -9.18
CA SER A 34 -4.84 -3.49 -8.96
C SER A 34 -6.27 -3.84 -8.59
N ILE A 35 -6.80 -3.12 -7.61
CA ILE A 35 -8.17 -3.34 -7.18
C ILE A 35 -9.09 -2.40 -7.95
N SER A 36 -8.48 -1.43 -8.63
CA SER A 36 -9.23 -0.48 -9.44
C SER A 36 -9.76 0.68 -8.60
N CYS A 37 -9.05 1.02 -7.53
CA CYS A 37 -9.47 2.12 -6.66
C CYS A 37 -8.52 3.30 -6.85
N GLU A 38 -8.73 4.36 -6.07
CA GLU A 38 -7.87 5.53 -6.17
C GLU A 38 -6.86 5.54 -5.02
N GLU A 39 -5.67 6.02 -5.32
CA GLU A 39 -4.59 6.10 -4.33
C GLU A 39 -4.82 7.28 -3.39
N SER A 40 -5.62 8.23 -3.85
CA SER A 40 -5.90 9.44 -3.08
C SER A 40 -6.86 9.18 -1.91
N GLN A 41 -7.36 7.95 -1.80
CA GLN A 41 -8.27 7.62 -0.72
C GLN A 41 -7.68 6.49 0.12
N ILE A 42 -6.89 5.67 -0.54
CA ILE A 42 -6.24 4.54 0.09
C ILE A 42 -5.27 5.01 1.18
N LYS A 43 -5.18 4.20 2.23
CA LYS A 43 -4.30 4.47 3.35
C LYS A 43 -3.46 3.25 3.65
N LEU A 44 -2.14 3.37 3.52
CA LEU A 44 -1.24 2.25 3.77
C LEU A 44 -0.70 2.28 5.19
N ILE A 45 -1.12 1.29 5.98
CA ILE A 45 -0.72 1.19 7.37
C ILE A 45 0.43 0.21 7.52
N TYR A 46 1.52 0.67 8.13
CA TYR A 46 2.68 -0.17 8.37
C TYR A 46 2.91 -0.27 9.87
N SER A 47 2.61 -1.43 10.42
CA SER A 47 2.77 -1.67 11.85
C SER A 47 1.87 -0.73 12.65
N GLY A 48 0.70 -0.42 12.09
CA GLY A 48 -0.25 0.46 12.77
C GLY A 48 0.13 1.92 12.59
N LYS A 49 0.78 2.22 11.46
CA LYS A 49 1.20 3.59 11.18
C LYS A 49 0.85 3.97 9.74
N VAL A 50 0.11 5.06 9.60
CA VAL A 50 -0.30 5.52 8.28
C VAL A 50 0.92 6.00 7.49
N LEU A 51 1.47 5.14 6.65
CA LEU A 51 2.62 5.49 5.84
C LEU A 51 2.40 6.82 5.13
N GLN A 52 3.46 7.32 4.52
CA GLN A 52 3.39 8.59 3.79
C GLN A 52 3.57 8.36 2.29
N ASP A 53 3.16 9.33 1.50
CA ASP A 53 3.26 9.23 0.05
C ASP A 53 4.67 9.55 -0.43
N SER A 54 5.48 10.16 0.43
CA SER A 54 6.84 10.54 0.07
C SER A 54 7.90 9.59 0.63
N LYS A 55 7.49 8.43 1.14
CA LYS A 55 8.47 7.49 1.69
C LYS A 55 8.69 6.32 0.74
N THR A 56 9.89 5.76 0.79
CA THR A 56 10.22 4.62 -0.06
C THR A 56 10.21 3.35 0.76
N VAL A 57 9.87 2.24 0.11
CA VAL A 57 9.82 0.96 0.81
C VAL A 57 11.05 0.81 1.70
N SER A 58 12.19 1.26 1.20
CA SER A 58 13.42 1.19 1.95
C SER A 58 13.30 2.03 3.22
N GLU A 59 12.57 3.13 3.12
CA GLU A 59 12.37 4.01 4.25
C GLU A 59 11.21 3.51 5.11
N CYS A 60 10.21 2.94 4.45
CA CYS A 60 9.05 2.41 5.16
C CYS A 60 9.47 1.26 6.06
N GLY A 61 10.54 0.57 5.68
CA GLY A 61 11.04 -0.55 6.47
C GLY A 61 10.54 -1.88 5.95
N LEU A 62 9.80 -1.85 4.85
CA LEU A 62 9.27 -3.08 4.26
C LEU A 62 10.40 -3.92 3.68
N LYS A 63 10.18 -5.23 3.69
CA LYS A 63 11.15 -6.17 3.15
C LYS A 63 10.51 -7.10 2.14
N ASP A 64 11.15 -8.22 1.85
CA ASP A 64 10.63 -9.17 0.88
C ASP A 64 9.64 -10.15 1.52
N GLY A 65 8.44 -10.19 0.96
CA GLY A 65 7.40 -11.10 1.45
C GLY A 65 6.65 -10.55 2.67
N ASP A 66 6.93 -9.30 3.06
CA ASP A 66 6.25 -8.73 4.22
C ASP A 66 4.76 -8.50 3.93
N GLN A 67 4.08 -7.87 4.87
CA GLN A 67 2.65 -7.58 4.73
C GLN A 67 2.37 -6.15 5.18
N VAL A 68 1.47 -5.46 4.48
CA VAL A 68 1.14 -4.09 4.82
C VAL A 68 -0.36 -3.91 4.95
N VAL A 69 -0.81 -3.54 6.14
CA VAL A 69 -2.22 -3.32 6.37
C VAL A 69 -2.63 -2.01 5.71
N PHE A 70 -3.82 -1.99 5.13
CA PHE A 70 -4.30 -0.78 4.45
C PHE A 70 -5.83 -0.68 4.52
N MET A 71 -6.36 0.43 4.03
CA MET A 71 -7.81 0.65 4.04
C MET A 71 -8.20 1.70 3.00
N VAL A 72 -9.30 1.46 2.29
CA VAL A 72 -9.77 2.40 1.28
C VAL A 72 -10.78 3.38 1.90
N SER A 73 -10.56 4.66 1.68
CA SER A 73 -11.44 5.68 2.22
C SER A 73 -12.52 6.04 1.18
N GLN A 74 -13.60 6.66 1.66
CA GLN A 74 -14.70 7.04 0.77
C GLN A 74 -14.20 7.93 -0.37
N LYS A 75 -14.45 9.23 -0.25
CA LYS A 75 -14.03 10.20 -1.28
C LYS A 75 -13.71 9.51 -2.60
N LYS A 76 -14.75 9.12 -3.31
CA LYS A 76 -14.58 8.45 -4.61
C LYS A 76 -15.25 9.25 -5.71
N SER A 77 -15.59 10.50 -5.41
CA SER A 77 -16.24 11.37 -6.38
C SER A 77 -17.51 10.72 -6.93
N THR A 78 -17.44 10.22 -8.16
CA THR A 78 -18.59 9.58 -8.78
C THR A 78 -18.15 8.78 -10.00
N MET A 1 13.75 -7.50 -5.54
CA MET A 1 12.39 -8.01 -5.87
C MET A 1 11.68 -8.43 -4.59
N VAL A 2 11.07 -7.46 -3.92
CA VAL A 2 10.36 -7.74 -2.67
C VAL A 2 8.86 -7.86 -2.94
N SER A 3 8.29 -8.94 -2.44
CA SER A 3 6.87 -9.20 -2.59
C SER A 3 6.14 -8.83 -1.31
N LEU A 4 4.99 -8.19 -1.43
CA LEU A 4 4.23 -7.77 -0.26
C LEU A 4 2.77 -8.15 -0.38
N THR A 5 2.05 -7.92 0.71
CA THR A 5 0.62 -8.21 0.74
C THR A 5 -0.15 -7.08 1.41
N PHE A 6 -1.06 -6.48 0.65
CA PHE A 6 -1.88 -5.40 1.19
C PHE A 6 -3.24 -5.94 1.59
N LYS A 7 -3.54 -5.86 2.90
CA LYS A 7 -4.80 -6.38 3.42
C LYS A 7 -5.81 -5.27 3.69
N ASN A 8 -7.08 -5.58 3.42
CA ASN A 8 -8.16 -4.63 3.64
C ASN A 8 -9.03 -5.08 4.82
N PHE A 9 -10.21 -4.51 4.94
CA PHE A 9 -11.12 -4.87 6.03
C PHE A 9 -11.90 -6.14 5.67
N LYS A 10 -11.80 -6.55 4.41
CA LYS A 10 -12.50 -7.73 3.94
C LYS A 10 -11.62 -8.96 4.15
N LYS A 11 -10.58 -8.77 4.93
CA LYS A 11 -9.64 -9.84 5.23
C LYS A 11 -9.10 -10.46 3.94
N GLU A 12 -8.97 -9.63 2.90
CA GLU A 12 -8.45 -10.09 1.62
C GLU A 12 -7.04 -9.57 1.40
N LYS A 13 -6.19 -10.39 0.80
CA LYS A 13 -4.80 -10.00 0.54
C LYS A 13 -4.60 -9.68 -0.93
N VAL A 14 -3.86 -8.60 -1.19
CA VAL A 14 -3.57 -8.17 -2.55
C VAL A 14 -2.06 -8.20 -2.80
N PRO A 15 -1.55 -9.33 -3.20
CA PRO A 15 -0.08 -9.51 -3.46
C PRO A 15 0.47 -8.47 -4.43
N LEU A 16 1.70 -8.03 -4.14
CA LEU A 16 2.36 -7.04 -4.99
C LEU A 16 3.88 -7.22 -4.93
N ASP A 17 4.58 -6.56 -5.83
CA ASP A 17 6.04 -6.63 -5.87
C ASP A 17 6.61 -5.24 -6.15
N LEU A 18 7.61 -4.84 -5.38
CA LEU A 18 8.22 -3.52 -5.55
C LEU A 18 9.73 -3.58 -5.41
N GLU A 19 10.36 -2.41 -5.50
CA GLU A 19 11.80 -2.30 -5.39
C GLU A 19 12.17 -1.30 -4.28
N PRO A 20 13.33 -1.41 -3.72
CA PRO A 20 13.79 -0.50 -2.63
C PRO A 20 13.63 0.96 -3.02
N SER A 21 13.71 1.23 -4.32
CA SER A 21 13.59 2.60 -4.82
C SER A 21 12.12 2.99 -4.95
N ASN A 22 11.26 2.01 -5.21
CA ASN A 22 9.85 2.28 -5.35
C ASN A 22 9.37 2.91 -4.06
N THR A 23 8.34 3.74 -4.14
CA THR A 23 7.83 4.41 -2.94
C THR A 23 6.32 4.37 -2.89
N ILE A 24 5.81 4.51 -1.67
CA ILE A 24 4.39 4.49 -1.41
C ILE A 24 3.61 5.15 -2.53
N LEU A 25 4.15 6.23 -3.05
CA LEU A 25 3.49 6.95 -4.13
C LEU A 25 3.13 5.96 -5.24
N GLU A 26 4.09 5.13 -5.60
CA GLU A 26 3.87 4.15 -6.66
C GLU A 26 3.15 2.90 -6.17
N THR A 27 3.44 2.45 -4.95
CA THR A 27 2.75 1.26 -4.45
C THR A 27 1.27 1.58 -4.34
N LYS A 28 0.97 2.77 -3.86
CA LYS A 28 -0.40 3.21 -3.75
C LYS A 28 -1.06 3.24 -5.13
N THR A 29 -0.33 3.77 -6.12
CA THR A 29 -0.86 3.83 -7.47
C THR A 29 -1.26 2.44 -7.94
N LYS A 30 -0.30 1.52 -7.94
CA LYS A 30 -0.56 0.16 -8.35
C LYS A 30 -1.67 -0.44 -7.51
N LEU A 31 -1.46 -0.50 -6.20
CA LEU A 31 -2.44 -1.06 -5.30
C LEU A 31 -3.84 -0.56 -5.67
N ALA A 32 -3.90 0.62 -6.28
CA ALA A 32 -5.19 1.18 -6.68
C ALA A 32 -5.65 0.59 -8.00
N GLN A 33 -4.71 0.40 -8.92
CA GLN A 33 -5.03 -0.17 -10.23
C GLN A 33 -5.22 -1.67 -10.13
N SER A 34 -4.80 -2.24 -9.00
CA SER A 34 -4.94 -3.67 -8.78
C SER A 34 -6.38 -3.98 -8.42
N ILE A 35 -6.90 -3.23 -7.46
CA ILE A 35 -8.28 -3.37 -7.04
C ILE A 35 -9.17 -2.54 -7.94
N SER A 36 -8.54 -1.62 -8.68
CA SER A 36 -9.27 -0.75 -9.61
C SER A 36 -9.77 0.51 -8.91
N CYS A 37 -9.12 0.88 -7.81
CA CYS A 37 -9.50 2.07 -7.07
C CYS A 37 -8.41 3.13 -7.23
N GLU A 38 -8.58 4.27 -6.56
CA GLU A 38 -7.59 5.34 -6.66
C GLU A 38 -6.83 5.46 -5.34
N GLU A 39 -5.63 6.05 -5.43
CA GLU A 39 -4.78 6.22 -4.26
C GLU A 39 -5.25 7.39 -3.39
N SER A 40 -6.02 8.28 -4.00
CA SER A 40 -6.51 9.48 -3.31
C SER A 40 -7.35 9.19 -2.06
N GLN A 41 -7.80 7.95 -1.89
CA GLN A 41 -8.62 7.63 -0.71
C GLN A 41 -7.96 6.52 0.09
N ILE A 42 -7.14 5.74 -0.59
CA ILE A 42 -6.44 4.64 0.03
C ILE A 42 -5.58 5.10 1.19
N LYS A 43 -5.39 4.21 2.14
CA LYS A 43 -4.58 4.49 3.32
C LYS A 43 -3.69 3.28 3.61
N LEU A 44 -2.39 3.46 3.47
CA LEU A 44 -1.45 2.36 3.69
C LEU A 44 -0.89 2.42 5.11
N ILE A 45 -1.27 1.42 5.92
CA ILE A 45 -0.84 1.35 7.30
C ILE A 45 0.33 0.38 7.46
N TYR A 46 1.39 0.88 8.08
CA TYR A 46 2.57 0.08 8.35
C TYR A 46 2.83 0.06 9.85
N SER A 47 2.58 -1.08 10.46
CA SER A 47 2.77 -1.23 11.89
C SER A 47 1.81 -0.31 12.65
N GLY A 48 0.64 -0.06 12.07
CA GLY A 48 -0.35 0.79 12.71
C GLY A 48 -0.01 2.27 12.49
N LYS A 49 0.63 2.55 11.36
CA LYS A 49 1.01 3.92 11.05
C LYS A 49 0.66 4.25 9.60
N VAL A 50 -0.09 5.34 9.40
CA VAL A 50 -0.50 5.74 8.07
C VAL A 50 0.71 6.23 7.27
N LEU A 51 1.25 5.36 6.42
CA LEU A 51 2.40 5.70 5.59
C LEU A 51 2.18 7.02 4.87
N GLN A 52 3.24 7.51 4.24
CA GLN A 52 3.19 8.76 3.49
C GLN A 52 3.59 8.50 2.03
N ASP A 53 3.30 9.46 1.16
CA ASP A 53 3.60 9.32 -0.26
C ASP A 53 5.06 9.65 -0.55
N SER A 54 5.75 10.24 0.42
CA SER A 54 7.15 10.63 0.23
C SER A 54 8.13 9.61 0.82
N LYS A 55 7.64 8.42 1.16
CA LYS A 55 8.52 7.40 1.73
C LYS A 55 8.80 6.28 0.73
N THR A 56 10.02 5.73 0.80
CA THR A 56 10.40 4.63 -0.08
C THR A 56 10.38 3.31 0.68
N VAL A 57 10.04 2.24 0.00
CA VAL A 57 10.00 0.93 0.64
C VAL A 57 11.24 0.73 1.50
N SER A 58 12.32 1.36 1.09
CA SER A 58 13.57 1.25 1.81
C SER A 58 13.48 1.95 3.16
N GLU A 59 12.79 3.10 3.17
CA GLU A 59 12.64 3.85 4.40
C GLU A 59 11.44 3.34 5.20
N CYS A 60 10.42 2.85 4.49
CA CYS A 60 9.24 2.32 5.17
C CYS A 60 9.62 1.12 6.02
N GLY A 61 10.67 0.41 5.60
CA GLY A 61 11.13 -0.76 6.34
C GLY A 61 10.57 -2.05 5.73
N LEU A 62 9.86 -1.91 4.61
CA LEU A 62 9.29 -3.08 3.96
C LEU A 62 10.39 -3.96 3.38
N LYS A 63 10.18 -5.27 3.50
CA LYS A 63 11.14 -6.23 2.99
C LYS A 63 10.47 -7.20 2.02
N ASP A 64 11.11 -8.33 1.77
CA ASP A 64 10.58 -9.33 0.86
C ASP A 64 9.53 -10.20 1.54
N GLY A 65 8.33 -10.22 0.97
CA GLY A 65 7.25 -11.03 1.51
C GLY A 65 6.55 -10.38 2.70
N ASP A 66 6.93 -9.14 3.04
CA ASP A 66 6.31 -8.46 4.17
C ASP A 66 4.81 -8.26 3.93
N GLN A 67 4.15 -7.61 4.88
CA GLN A 67 2.72 -7.34 4.78
C GLN A 67 2.43 -5.89 5.15
N VAL A 68 1.50 -5.27 4.43
CA VAL A 68 1.16 -3.88 4.68
C VAL A 68 -0.35 -3.71 4.83
N VAL A 69 -0.80 -3.39 6.04
CA VAL A 69 -2.21 -3.17 6.27
C VAL A 69 -2.63 -1.89 5.56
N PHE A 70 -3.84 -1.88 5.05
CA PHE A 70 -4.33 -0.69 4.34
C PHE A 70 -5.86 -0.63 4.36
N MET A 71 -6.41 0.48 3.88
CA MET A 71 -7.85 0.67 3.85
C MET A 71 -8.24 1.63 2.73
N VAL A 72 -9.45 1.46 2.18
CA VAL A 72 -9.93 2.32 1.11
C VAL A 72 -11.00 3.28 1.63
N SER A 73 -10.99 4.51 1.13
CA SER A 73 -11.96 5.51 1.55
C SER A 73 -12.86 5.92 0.39
N GLN A 74 -14.01 6.50 0.72
CA GLN A 74 -14.96 6.94 -0.30
C GLN A 74 -14.80 8.44 -0.56
N LYS A 75 -15.22 8.87 -1.74
CA LYS A 75 -15.12 10.28 -2.10
C LYS A 75 -15.62 11.17 -0.96
N LYS A 76 -14.72 11.97 -0.40
CA LYS A 76 -15.08 12.86 0.69
C LYS A 76 -16.40 13.57 0.39
N SER A 77 -16.61 13.93 -0.87
CA SER A 77 -17.83 14.61 -1.27
C SER A 77 -18.21 15.68 -0.26
N THR A 78 -19.50 16.02 -0.23
CA THR A 78 -19.98 17.02 0.71
C THR A 78 -19.08 18.26 0.69
N MET A 1 13.71 -8.09 -6.00
CA MET A 1 12.23 -7.90 -6.11
C MET A 1 11.56 -8.34 -4.81
N VAL A 2 10.98 -7.38 -4.10
CA VAL A 2 10.31 -7.68 -2.84
C VAL A 2 8.80 -7.76 -3.06
N SER A 3 8.23 -8.86 -2.55
CA SER A 3 6.79 -9.09 -2.66
C SER A 3 6.12 -8.79 -1.33
N LEU A 4 4.96 -8.16 -1.39
CA LEU A 4 4.24 -7.82 -0.16
C LEU A 4 2.78 -8.21 -0.25
N THR A 5 2.07 -8.00 0.85
CA THR A 5 0.64 -8.35 0.91
C THR A 5 -0.16 -7.19 1.51
N PHE A 6 -1.07 -6.64 0.73
CA PHE A 6 -1.92 -5.55 1.20
C PHE A 6 -3.26 -6.11 1.68
N LYS A 7 -3.52 -6.02 2.99
CA LYS A 7 -4.77 -6.54 3.54
C LYS A 7 -5.67 -5.40 4.02
N ASN A 8 -6.97 -5.58 3.83
CA ASN A 8 -7.95 -4.56 4.23
C ASN A 8 -8.91 -5.13 5.27
N PHE A 9 -10.01 -4.42 5.51
CA PHE A 9 -11.00 -4.85 6.49
C PHE A 9 -11.88 -5.96 5.91
N LYS A 10 -11.63 -6.32 4.66
CA LYS A 10 -12.40 -7.38 4.02
C LYS A 10 -11.72 -8.72 4.21
N LYS A 11 -10.61 -8.69 4.95
CA LYS A 11 -9.85 -9.89 5.24
C LYS A 11 -9.28 -10.49 3.95
N GLU A 12 -9.09 -9.64 2.94
CA GLU A 12 -8.54 -10.10 1.66
C GLU A 12 -7.16 -9.49 1.43
N LYS A 13 -6.24 -10.31 0.94
CA LYS A 13 -4.88 -9.86 0.68
C LYS A 13 -4.65 -9.63 -0.81
N VAL A 14 -3.98 -8.53 -1.14
CA VAL A 14 -3.69 -8.20 -2.53
C VAL A 14 -2.18 -8.18 -2.75
N PRO A 15 -1.61 -9.29 -3.13
CA PRO A 15 -0.13 -9.41 -3.36
C PRO A 15 0.40 -8.34 -4.31
N LEU A 16 1.60 -7.88 -4.04
CA LEU A 16 2.25 -6.86 -4.85
C LEU A 16 3.76 -7.05 -4.84
N ASP A 17 4.44 -6.40 -5.78
CA ASP A 17 5.90 -6.48 -5.88
C ASP A 17 6.47 -5.11 -6.19
N LEU A 18 7.47 -4.71 -5.42
CA LEU A 18 8.10 -3.40 -5.62
C LEU A 18 9.61 -3.48 -5.49
N GLU A 19 10.25 -2.32 -5.55
CA GLU A 19 11.71 -2.24 -5.43
C GLU A 19 12.10 -1.29 -4.30
N PRO A 20 13.24 -1.48 -3.69
CA PRO A 20 13.69 -0.60 -2.58
C PRO A 20 13.61 0.87 -2.96
N SER A 21 13.71 1.14 -4.26
CA SER A 21 13.65 2.52 -4.75
C SER A 21 12.20 2.97 -4.91
N ASN A 22 11.31 2.04 -5.18
CA ASN A 22 9.91 2.37 -5.33
C ASN A 22 9.44 3.04 -4.05
N THR A 23 8.32 3.74 -4.10
CA THR A 23 7.83 4.41 -2.91
C THR A 23 6.31 4.39 -2.83
N ILE A 24 5.82 4.60 -1.62
CA ILE A 24 4.41 4.62 -1.33
C ILE A 24 3.62 5.26 -2.46
N LEU A 25 4.16 6.32 -3.04
CA LEU A 25 3.47 6.99 -4.12
C LEU A 25 3.08 5.97 -5.18
N GLU A 26 4.02 5.10 -5.54
CA GLU A 26 3.77 4.08 -6.55
C GLU A 26 3.00 2.88 -5.99
N THR A 27 3.30 2.46 -4.77
CA THR A 27 2.58 1.32 -4.20
C THR A 27 1.10 1.68 -4.13
N LYS A 28 0.85 2.92 -3.71
CA LYS A 28 -0.52 3.42 -3.62
C LYS A 28 -1.17 3.39 -4.99
N THR A 29 -0.44 3.82 -6.02
CA THR A 29 -0.97 3.83 -7.38
C THR A 29 -1.32 2.42 -7.81
N LYS A 30 -0.31 1.55 -7.85
CA LYS A 30 -0.52 0.17 -8.24
C LYS A 30 -1.68 -0.44 -7.46
N LEU A 31 -1.53 -0.47 -6.13
CA LEU A 31 -2.58 -1.03 -5.28
C LEU A 31 -3.95 -0.55 -5.75
N ALA A 32 -3.97 0.62 -6.38
CA ALA A 32 -5.23 1.18 -6.88
C ALA A 32 -5.61 0.54 -8.21
N GLN A 33 -4.60 0.31 -9.05
CA GLN A 33 -4.82 -0.30 -10.37
C GLN A 33 -5.02 -1.79 -10.23
N SER A 34 -4.68 -2.33 -9.07
CA SER A 34 -4.82 -3.76 -8.81
C SER A 34 -6.28 -4.07 -8.51
N ILE A 35 -6.86 -3.27 -7.62
CA ILE A 35 -8.25 -3.45 -7.25
C ILE A 35 -9.12 -2.60 -8.17
N SER A 36 -8.47 -1.69 -8.90
CA SER A 36 -9.16 -0.81 -9.84
C SER A 36 -9.69 0.44 -9.15
N CYS A 37 -9.08 0.81 -8.04
CA CYS A 37 -9.47 2.00 -7.30
C CYS A 37 -8.40 3.07 -7.44
N GLU A 38 -8.58 4.20 -6.77
CA GLU A 38 -7.59 5.28 -6.84
C GLU A 38 -6.83 5.39 -5.52
N GLU A 39 -5.68 6.02 -5.57
CA GLU A 39 -4.84 6.21 -4.38
C GLU A 39 -5.37 7.33 -3.50
N SER A 40 -6.17 8.19 -4.10
CA SER A 40 -6.72 9.36 -3.41
C SER A 40 -7.56 9.00 -2.18
N GLN A 41 -7.94 7.73 -2.03
CA GLN A 41 -8.75 7.33 -0.88
C GLN A 41 -8.03 6.26 -0.07
N ILE A 42 -7.15 5.56 -0.75
CA ILE A 42 -6.39 4.48 -0.13
C ILE A 42 -5.46 5.02 0.95
N LYS A 43 -5.27 4.20 1.98
CA LYS A 43 -4.39 4.55 3.09
C LYS A 43 -3.47 3.36 3.37
N LEU A 44 -2.15 3.60 3.29
CA LEU A 44 -1.19 2.53 3.50
C LEU A 44 -0.70 2.52 4.95
N ILE A 45 -1.14 1.51 5.70
CA ILE A 45 -0.78 1.37 7.11
C ILE A 45 0.37 0.39 7.27
N TYR A 46 1.38 0.80 8.03
CA TYR A 46 2.53 -0.04 8.29
C TYR A 46 2.72 -0.14 9.80
N SER A 47 2.41 -1.31 10.34
CA SER A 47 2.54 -1.53 11.77
C SER A 47 1.55 -0.65 12.53
N GLY A 48 0.42 -0.33 11.89
CA GLY A 48 -0.58 0.51 12.53
C GLY A 48 -0.21 1.98 12.40
N LYS A 49 0.48 2.31 11.33
CA LYS A 49 0.90 3.70 11.11
C LYS A 49 0.68 4.09 9.64
N VAL A 50 -0.03 5.19 9.44
CA VAL A 50 -0.30 5.65 8.09
C VAL A 50 1.00 6.10 7.40
N LEU A 51 1.54 5.25 6.55
CA LEU A 51 2.77 5.57 5.84
C LEU A 51 2.67 6.93 5.18
N GLN A 52 3.80 7.41 4.66
CA GLN A 52 3.85 8.70 3.99
C GLN A 52 3.99 8.50 2.48
N ASP A 53 3.59 9.51 1.72
CA ASP A 53 3.67 9.43 0.26
C ASP A 53 5.08 9.72 -0.25
N SER A 54 5.92 10.26 0.63
CA SER A 54 7.29 10.61 0.24
C SER A 54 8.32 9.63 0.79
N LYS A 55 7.88 8.46 1.28
CA LYS A 55 8.82 7.48 1.81
C LYS A 55 8.97 6.30 0.85
N THR A 56 10.15 5.69 0.85
CA THR A 56 10.42 4.55 -0.02
C THR A 56 10.39 3.27 0.80
N VAL A 57 10.03 2.18 0.13
CA VAL A 57 9.95 0.89 0.81
C VAL A 57 11.17 0.70 1.71
N SER A 58 12.32 1.13 1.22
CA SER A 58 13.54 1.02 1.99
C SER A 58 13.44 1.81 3.28
N GLU A 59 12.74 2.93 3.20
CA GLU A 59 12.54 3.79 4.36
C GLU A 59 11.36 3.29 5.19
N CYS A 60 10.35 2.76 4.50
CA CYS A 60 9.17 2.25 5.18
C CYS A 60 9.55 1.07 6.07
N GLY A 61 10.60 0.35 5.68
CA GLY A 61 11.07 -0.79 6.46
C GLY A 61 10.56 -2.10 5.88
N LEU A 62 9.82 -2.02 4.78
CA LEU A 62 9.29 -3.23 4.16
C LEU A 62 10.40 -4.08 3.57
N LYS A 63 10.18 -5.38 3.57
CA LYS A 63 11.16 -6.32 3.04
C LYS A 63 10.51 -7.25 2.01
N ASP A 64 11.14 -8.37 1.74
CA ASP A 64 10.62 -9.32 0.76
C ASP A 64 9.59 -10.26 1.38
N GLY A 65 8.40 -10.28 0.80
CA GLY A 65 7.34 -11.16 1.28
C GLY A 65 6.60 -10.61 2.50
N ASP A 66 6.92 -9.39 2.93
CA ASP A 66 6.25 -8.81 4.09
C ASP A 66 4.77 -8.56 3.79
N GLN A 67 4.14 -7.77 4.66
CA GLN A 67 2.73 -7.44 4.49
C GLN A 67 2.46 -6.01 4.94
N VAL A 68 1.62 -5.30 4.20
CA VAL A 68 1.31 -3.91 4.53
C VAL A 68 -0.19 -3.74 4.74
N VAL A 69 -0.57 -3.28 5.92
CA VAL A 69 -1.98 -3.06 6.22
C VAL A 69 -2.45 -1.83 5.49
N PHE A 70 -3.68 -1.85 5.00
CA PHE A 70 -4.21 -0.70 4.27
C PHE A 70 -5.74 -0.69 4.33
N MET A 71 -6.32 0.39 3.80
CA MET A 71 -7.77 0.54 3.78
C MET A 71 -8.19 1.54 2.70
N VAL A 72 -9.38 1.34 2.15
CA VAL A 72 -9.89 2.22 1.11
C VAL A 72 -10.86 3.24 1.70
N SER A 73 -10.82 4.46 1.19
CA SER A 73 -11.71 5.51 1.69
C SER A 73 -12.75 5.88 0.64
N GLN A 74 -13.54 6.90 0.93
CA GLN A 74 -14.58 7.35 0.01
C GLN A 74 -14.01 8.29 -1.04
N LYS A 75 -14.77 8.52 -2.10
CA LYS A 75 -14.34 9.40 -3.18
C LYS A 75 -14.75 10.84 -2.89
N LYS A 76 -14.09 11.78 -3.57
CA LYS A 76 -14.40 13.19 -3.38
C LYS A 76 -15.73 13.54 -4.06
N SER A 77 -16.06 14.83 -4.06
CA SER A 77 -17.30 15.28 -4.69
C SER A 77 -17.25 16.78 -4.97
N THR A 78 -16.67 17.13 -6.12
CA THR A 78 -16.56 18.53 -6.51
C THR A 78 -17.90 19.23 -6.36
N MET A 1 11.70 -6.50 -6.49
CA MET A 1 12.51 -7.58 -5.86
C MET A 1 11.81 -8.07 -4.60
N VAL A 2 11.06 -7.16 -3.95
CA VAL A 2 10.35 -7.51 -2.73
C VAL A 2 8.86 -7.67 -3.00
N SER A 3 8.31 -8.76 -2.50
CA SER A 3 6.88 -9.05 -2.66
C SER A 3 6.17 -8.75 -1.35
N LEU A 4 5.00 -8.13 -1.43
CA LEU A 4 4.25 -7.80 -0.22
C LEU A 4 2.79 -8.15 -0.36
N THR A 5 2.07 -7.99 0.75
CA THR A 5 0.63 -8.29 0.77
C THR A 5 -0.13 -7.17 1.46
N PHE A 6 -1.00 -6.50 0.71
CA PHE A 6 -1.80 -5.43 1.26
C PHE A 6 -3.19 -5.96 1.60
N LYS A 7 -3.54 -5.94 2.89
CA LYS A 7 -4.84 -6.46 3.32
C LYS A 7 -5.70 -5.35 3.91
N ASN A 8 -7.03 -5.53 3.80
CA ASN A 8 -7.98 -4.54 4.32
C ASN A 8 -8.85 -5.17 5.40
N PHE A 9 -9.94 -4.50 5.74
CA PHE A 9 -10.85 -4.99 6.77
C PHE A 9 -11.76 -6.08 6.22
N LYS A 10 -11.59 -6.40 4.94
CA LYS A 10 -12.41 -7.43 4.30
C LYS A 10 -11.70 -8.77 4.41
N LYS A 11 -10.59 -8.77 5.14
CA LYS A 11 -9.80 -9.98 5.34
C LYS A 11 -9.23 -10.49 4.01
N GLU A 12 -9.18 -9.61 3.02
CA GLU A 12 -8.65 -9.97 1.71
C GLU A 12 -7.23 -9.44 1.54
N LYS A 13 -6.33 -10.28 1.04
CA LYS A 13 -4.95 -9.89 0.83
C LYS A 13 -4.66 -9.69 -0.65
N VAL A 14 -3.91 -8.64 -0.96
CA VAL A 14 -3.56 -8.34 -2.35
C VAL A 14 -2.04 -8.39 -2.51
N PRO A 15 -1.52 -9.33 -3.27
CA PRO A 15 -0.04 -9.46 -3.47
C PRO A 15 0.50 -8.43 -4.46
N LEU A 16 1.71 -7.95 -4.16
CA LEU A 16 2.36 -6.96 -5.01
C LEU A 16 3.88 -7.14 -4.96
N ASP A 17 4.56 -6.49 -5.89
CA ASP A 17 6.03 -6.54 -5.95
C ASP A 17 6.58 -5.16 -6.26
N LEU A 18 7.57 -4.74 -5.48
CA LEU A 18 8.16 -3.42 -5.66
C LEU A 18 9.67 -3.45 -5.52
N GLU A 19 10.29 -2.27 -5.57
CA GLU A 19 11.73 -2.13 -5.44
C GLU A 19 12.07 -1.17 -4.30
N PRO A 20 13.20 -1.33 -3.67
CA PRO A 20 13.63 -0.45 -2.56
C PRO A 20 13.50 1.03 -2.92
N SER A 21 13.60 1.30 -4.22
CA SER A 21 13.50 2.69 -4.69
C SER A 21 12.05 3.10 -4.87
N ASN A 22 11.19 2.13 -5.19
CA ASN A 22 9.77 2.43 -5.36
C ASN A 22 9.23 2.94 -4.03
N THR A 23 8.36 3.94 -4.10
CA THR A 23 7.80 4.51 -2.88
C THR A 23 6.28 4.44 -2.86
N ILE A 24 5.75 4.55 -1.65
CA ILE A 24 4.32 4.50 -1.43
C ILE A 24 3.56 5.16 -2.57
N LEU A 25 4.07 6.27 -3.05
CA LEU A 25 3.42 6.97 -4.14
C LEU A 25 3.06 5.99 -5.24
N GLU A 26 4.02 5.15 -5.61
CA GLU A 26 3.82 4.17 -6.67
C GLU A 26 3.06 2.94 -6.19
N THR A 27 3.35 2.46 -4.98
CA THR A 27 2.64 1.28 -4.49
C THR A 27 1.16 1.60 -4.43
N LYS A 28 0.86 2.78 -3.91
CA LYS A 28 -0.52 3.23 -3.82
C LYS A 28 -1.15 3.25 -5.21
N THR A 29 -0.40 3.75 -6.19
CA THR A 29 -0.90 3.81 -7.55
C THR A 29 -1.30 2.42 -8.03
N LYS A 30 -0.35 1.49 -7.98
CA LYS A 30 -0.61 0.12 -8.40
C LYS A 30 -1.74 -0.46 -7.58
N LEU A 31 -1.53 -0.54 -6.27
CA LEU A 31 -2.54 -1.09 -5.38
C LEU A 31 -3.92 -0.56 -5.75
N ALA A 32 -3.96 0.60 -6.37
CA ALA A 32 -5.22 1.21 -6.80
C ALA A 32 -5.68 0.59 -8.11
N GLN A 33 -4.72 0.37 -9.01
CA GLN A 33 -5.03 -0.22 -10.31
C GLN A 33 -5.22 -1.73 -10.18
N SER A 34 -4.79 -2.28 -9.05
CA SER A 34 -4.91 -3.70 -8.80
C SER A 34 -6.35 -4.04 -8.45
N ILE A 35 -6.90 -3.28 -7.50
CA ILE A 35 -8.27 -3.47 -7.09
C ILE A 35 -9.17 -2.49 -7.82
N SER A 36 -8.54 -1.54 -8.54
CA SER A 36 -9.29 -0.55 -9.30
C SER A 36 -9.69 0.64 -8.43
N CYS A 37 -8.96 0.84 -7.34
CA CYS A 37 -9.24 1.96 -6.44
C CYS A 37 -8.32 3.13 -6.77
N GLU A 38 -8.41 4.19 -6.00
CA GLU A 38 -7.57 5.36 -6.22
C GLU A 38 -6.54 5.50 -5.10
N GLU A 39 -5.40 6.09 -5.43
CA GLU A 39 -4.33 6.29 -4.45
C GLU A 39 -4.64 7.48 -3.54
N SER A 40 -5.52 8.35 -4.03
CA SER A 40 -5.88 9.55 -3.28
C SER A 40 -6.86 9.26 -2.13
N GLN A 41 -7.33 8.01 -2.03
CA GLN A 41 -8.24 7.64 -0.95
C GLN A 41 -7.64 6.53 -0.11
N ILE A 42 -6.81 5.74 -0.78
CA ILE A 42 -6.15 4.62 -0.14
C ILE A 42 -5.17 5.08 0.93
N LYS A 43 -5.11 4.31 2.02
CA LYS A 43 -4.22 4.61 3.13
C LYS A 43 -3.45 3.34 3.51
N LEU A 44 -2.12 3.40 3.42
CA LEU A 44 -1.29 2.24 3.74
C LEU A 44 -0.81 2.29 5.17
N ILE A 45 -1.28 1.34 5.97
CA ILE A 45 -0.91 1.26 7.38
C ILE A 45 0.18 0.22 7.57
N TYR A 46 1.28 0.66 8.15
CA TYR A 46 2.41 -0.23 8.43
C TYR A 46 2.71 -0.20 9.92
N SER A 47 2.38 -1.28 10.60
CA SER A 47 2.60 -1.36 12.03
C SER A 47 1.67 -0.40 12.76
N GLY A 48 0.52 -0.11 12.14
CA GLY A 48 -0.45 0.80 12.74
C GLY A 48 -0.02 2.24 12.49
N LYS A 49 0.68 2.47 11.38
CA LYS A 49 1.15 3.81 11.05
C LYS A 49 0.73 4.18 9.63
N VAL A 50 0.00 5.28 9.52
CA VAL A 50 -0.46 5.73 8.20
C VAL A 50 0.71 6.23 7.36
N LEU A 51 1.26 5.34 6.53
CA LEU A 51 2.38 5.70 5.67
C LEU A 51 2.11 6.98 4.91
N GLN A 52 3.14 7.49 4.25
CA GLN A 52 3.02 8.72 3.47
C GLN A 52 3.42 8.46 2.02
N ASP A 53 3.16 9.44 1.16
CA ASP A 53 3.48 9.32 -0.26
C ASP A 53 4.96 9.63 -0.52
N SER A 54 5.63 10.21 0.47
CA SER A 54 7.03 10.58 0.31
C SER A 54 7.98 9.55 0.92
N LYS A 55 7.47 8.38 1.28
CA LYS A 55 8.34 7.35 1.86
C LYS A 55 8.64 6.25 0.86
N THR A 56 9.86 5.70 0.95
CA THR A 56 10.26 4.62 0.06
C THR A 56 10.24 3.30 0.81
N VAL A 57 9.90 2.23 0.12
CA VAL A 57 9.84 0.92 0.75
C VAL A 57 11.09 0.72 1.60
N SER A 58 12.16 1.35 1.19
CA SER A 58 13.42 1.24 1.90
C SER A 58 13.33 1.95 3.25
N GLU A 59 12.60 3.06 3.27
CA GLU A 59 12.43 3.80 4.51
C GLU A 59 11.26 3.24 5.32
N CYS A 60 10.27 2.69 4.61
CA CYS A 60 9.11 2.10 5.28
C CYS A 60 9.54 0.91 6.12
N GLY A 61 10.63 0.28 5.72
CA GLY A 61 11.17 -0.87 6.46
C GLY A 61 10.63 -2.18 5.89
N LEU A 62 9.92 -2.10 4.77
CA LEU A 62 9.38 -3.30 4.15
C LEU A 62 10.47 -4.15 3.54
N LYS A 63 10.27 -5.46 3.57
CA LYS A 63 11.23 -6.39 3.02
C LYS A 63 10.57 -7.28 1.98
N ASP A 64 11.21 -8.38 1.64
CA ASP A 64 10.66 -9.31 0.65
C ASP A 64 9.66 -10.28 1.27
N GLY A 65 8.44 -10.26 0.75
CA GLY A 65 7.39 -11.15 1.23
C GLY A 65 6.66 -10.61 2.47
N ASP A 66 6.97 -9.39 2.89
CA ASP A 66 6.32 -8.82 4.07
C ASP A 66 4.83 -8.63 3.82
N GLN A 67 4.15 -8.02 4.79
CA GLN A 67 2.73 -7.76 4.68
C GLN A 67 2.41 -6.37 5.21
N VAL A 68 1.53 -5.66 4.51
CA VAL A 68 1.18 -4.30 4.92
C VAL A 68 -0.33 -4.16 5.07
N VAL A 69 -0.74 -3.38 6.07
CA VAL A 69 -2.15 -3.15 6.30
C VAL A 69 -2.55 -1.91 5.52
N PHE A 70 -3.79 -1.88 5.02
CA PHE A 70 -4.25 -0.74 4.24
C PHE A 70 -5.77 -0.61 4.30
N MET A 71 -6.27 0.53 3.80
CA MET A 71 -7.70 0.78 3.79
C MET A 71 -8.06 1.77 2.67
N VAL A 72 -9.28 1.66 2.15
CA VAL A 72 -9.73 2.55 1.08
C VAL A 72 -10.74 3.56 1.62
N SER A 73 -10.45 4.84 1.42
CA SER A 73 -11.34 5.90 1.88
C SER A 73 -12.27 6.35 0.76
N GLN A 74 -13.18 7.27 1.08
CA GLN A 74 -14.11 7.77 0.07
C GLN A 74 -13.49 8.93 -0.70
N LYS A 75 -14.07 9.25 -1.85
CA LYS A 75 -13.55 10.33 -2.69
C LYS A 75 -14.09 11.68 -2.20
N LYS A 76 -13.92 11.93 -0.90
CA LYS A 76 -14.40 13.19 -0.33
C LYS A 76 -13.94 14.36 -1.18
N SER A 77 -12.67 14.39 -1.53
CA SER A 77 -12.13 15.46 -2.36
C SER A 77 -12.62 16.81 -1.86
N THR A 78 -11.95 17.35 -0.84
CA THR A 78 -12.32 18.64 -0.28
C THR A 78 -13.82 18.68 0.02
N MET A 1 13.52 -7.11 -5.69
CA MET A 1 12.32 -7.92 -6.04
C MET A 1 11.61 -8.36 -4.76
N VAL A 2 11.05 -7.39 -4.04
CA VAL A 2 10.35 -7.70 -2.80
C VAL A 2 8.85 -7.81 -3.04
N SER A 3 8.29 -8.91 -2.57
CA SER A 3 6.86 -9.16 -2.71
C SER A 3 6.16 -8.89 -1.39
N LEU A 4 5.01 -8.21 -1.45
CA LEU A 4 4.28 -7.88 -0.24
C LEU A 4 2.82 -8.25 -0.36
N THR A 5 2.10 -8.06 0.73
CA THR A 5 0.66 -8.36 0.77
C THR A 5 -0.11 -7.21 1.40
N PHE A 6 -1.03 -6.64 0.62
CA PHE A 6 -1.85 -5.56 1.12
C PHE A 6 -3.21 -6.10 1.57
N LYS A 7 -3.48 -6.01 2.87
CA LYS A 7 -4.75 -6.51 3.40
C LYS A 7 -5.67 -5.37 3.81
N ASN A 8 -6.97 -5.56 3.58
CA ASN A 8 -7.97 -4.54 3.91
C ASN A 8 -8.88 -5.05 5.02
N PHE A 9 -9.97 -4.32 5.26
CA PHE A 9 -10.93 -4.71 6.30
C PHE A 9 -11.87 -5.79 5.76
N LYS A 10 -11.67 -6.18 4.51
CA LYS A 10 -12.50 -7.20 3.90
C LYS A 10 -11.84 -8.56 4.03
N LYS A 11 -10.77 -8.60 4.82
CA LYS A 11 -10.04 -9.83 5.05
C LYS A 11 -9.49 -10.39 3.75
N GLU A 12 -9.16 -9.50 2.82
CA GLU A 12 -8.61 -9.92 1.53
C GLU A 12 -7.22 -9.34 1.32
N LYS A 13 -6.30 -10.17 0.84
CA LYS A 13 -4.93 -9.73 0.59
C LYS A 13 -4.69 -9.53 -0.91
N VAL A 14 -3.99 -8.44 -1.23
CA VAL A 14 -3.67 -8.12 -2.62
C VAL A 14 -2.16 -8.13 -2.82
N PRO A 15 -1.60 -9.26 -3.16
CA PRO A 15 -0.13 -9.40 -3.38
C PRO A 15 0.42 -8.36 -4.34
N LEU A 16 1.64 -7.89 -4.07
CA LEU A 16 2.30 -6.90 -4.91
C LEU A 16 3.81 -7.08 -4.88
N ASP A 17 4.49 -6.36 -5.75
CA ASP A 17 5.95 -6.41 -5.83
C ASP A 17 6.50 -5.01 -6.04
N LEU A 18 7.52 -4.65 -5.26
CA LEU A 18 8.11 -3.31 -5.38
C LEU A 18 9.63 -3.36 -5.33
N GLU A 19 10.24 -2.18 -5.39
CA GLU A 19 11.69 -2.06 -5.34
C GLU A 19 12.10 -1.12 -4.19
N PRO A 20 13.25 -1.32 -3.62
CA PRO A 20 13.73 -0.46 -2.50
C PRO A 20 13.64 1.02 -2.86
N SER A 21 13.71 1.30 -4.15
CA SER A 21 13.65 2.67 -4.63
C SER A 21 12.21 3.14 -4.81
N ASN A 22 11.32 2.20 -5.11
CA ASN A 22 9.92 2.55 -5.27
C ASN A 22 9.42 3.14 -3.97
N THR A 23 8.28 3.80 -4.02
CA THR A 23 7.74 4.41 -2.81
C THR A 23 6.23 4.35 -2.76
N ILE A 24 5.71 4.54 -1.55
CA ILE A 24 4.28 4.50 -1.30
C ILE A 24 3.51 5.10 -2.46
N LEU A 25 3.98 6.21 -3.00
CA LEU A 25 3.31 6.84 -4.11
C LEU A 25 3.03 5.78 -5.17
N GLU A 26 4.06 4.98 -5.45
CA GLU A 26 3.94 3.93 -6.45
C GLU A 26 3.07 2.76 -5.96
N THR A 27 3.35 2.24 -4.77
CA THR A 27 2.55 1.14 -4.26
C THR A 27 1.09 1.54 -4.27
N LYS A 28 0.83 2.76 -3.84
CA LYS A 28 -0.51 3.30 -3.82
C LYS A 28 -1.08 3.32 -5.24
N THR A 29 -0.22 3.59 -6.22
CA THR A 29 -0.68 3.65 -7.60
C THR A 29 -1.18 2.27 -8.06
N LYS A 30 -0.30 1.29 -8.07
CA LYS A 30 -0.68 -0.05 -8.49
C LYS A 30 -1.80 -0.57 -7.58
N LEU A 31 -1.56 -0.50 -6.27
CA LEU A 31 -2.56 -0.97 -5.32
C LEU A 31 -3.95 -0.50 -5.72
N ALA A 32 -4.02 0.67 -6.34
CA ALA A 32 -5.30 1.21 -6.78
C ALA A 32 -5.73 0.58 -8.10
N GLN A 33 -4.75 0.36 -8.98
CA GLN A 33 -5.01 -0.24 -10.28
C GLN A 33 -5.22 -1.74 -10.15
N SER A 34 -4.84 -2.28 -9.00
CA SER A 34 -4.99 -3.71 -8.76
C SER A 34 -6.43 -4.02 -8.40
N ILE A 35 -6.97 -3.22 -7.48
CA ILE A 35 -8.34 -3.38 -7.07
C ILE A 35 -9.23 -2.54 -7.98
N SER A 36 -8.59 -1.64 -8.73
CA SER A 36 -9.32 -0.78 -9.67
C SER A 36 -9.85 0.46 -8.97
N CYS A 37 -9.21 0.84 -7.87
CA CYS A 37 -9.63 2.03 -7.13
C CYS A 37 -8.58 3.12 -7.28
N GLU A 38 -8.79 4.26 -6.62
CA GLU A 38 -7.84 5.36 -6.70
C GLU A 38 -7.04 5.47 -5.40
N GLU A 39 -5.86 6.05 -5.50
CA GLU A 39 -4.98 6.22 -4.33
C GLU A 39 -5.44 7.39 -3.46
N SER A 40 -6.22 8.27 -4.06
CA SER A 40 -6.69 9.48 -3.38
C SER A 40 -7.47 9.19 -2.09
N GLN A 41 -7.89 7.94 -1.88
CA GLN A 41 -8.64 7.61 -0.68
C GLN A 41 -7.92 6.52 0.11
N ILE A 42 -7.12 5.75 -0.60
CA ILE A 42 -6.36 4.68 -0.01
C ILE A 42 -5.44 5.19 1.11
N LYS A 43 -5.17 4.30 2.04
CA LYS A 43 -4.30 4.61 3.17
C LYS A 43 -3.36 3.44 3.41
N LEU A 44 -2.05 3.69 3.33
CA LEU A 44 -1.07 2.62 3.51
C LEU A 44 -0.58 2.57 4.96
N ILE A 45 -1.03 1.56 5.69
CA ILE A 45 -0.67 1.40 7.09
C ILE A 45 0.45 0.37 7.24
N TYR A 46 1.52 0.78 7.91
CA TYR A 46 2.65 -0.10 8.16
C TYR A 46 2.88 -0.21 9.65
N SER A 47 2.54 -1.37 10.21
CA SER A 47 2.70 -1.59 11.64
C SER A 47 1.74 -0.70 12.42
N GLY A 48 0.62 -0.35 11.80
CA GLY A 48 -0.36 0.50 12.46
C GLY A 48 0.04 1.96 12.33
N LYS A 49 0.76 2.29 11.25
CA LYS A 49 1.21 3.65 11.03
C LYS A 49 0.88 4.09 9.61
N VAL A 50 0.16 5.21 9.50
CA VAL A 50 -0.22 5.73 8.20
C VAL A 50 0.99 6.26 7.44
N LEU A 51 1.54 5.43 6.55
CA LEU A 51 2.70 5.82 5.77
C LEU A 51 2.44 7.10 4.99
N GLN A 52 3.49 7.64 4.38
CA GLN A 52 3.38 8.85 3.59
C GLN A 52 3.73 8.58 2.13
N ASP A 53 3.49 9.57 1.27
CA ASP A 53 3.77 9.43 -0.15
C ASP A 53 5.26 9.65 -0.43
N SER A 54 5.93 10.32 0.50
CA SER A 54 7.34 10.64 0.34
C SER A 54 8.25 9.56 0.96
N LYS A 55 7.69 8.40 1.31
CA LYS A 55 8.49 7.34 1.90
C LYS A 55 8.75 6.22 0.90
N THR A 56 9.95 5.66 0.94
CA THR A 56 10.30 4.56 0.05
C THR A 56 10.28 3.26 0.83
N VAL A 57 9.95 2.17 0.15
CA VAL A 57 9.89 0.87 0.81
C VAL A 57 11.10 0.72 1.73
N SER A 58 12.22 1.28 1.30
CA SER A 58 13.44 1.21 2.07
C SER A 58 13.29 2.01 3.37
N GLU A 59 12.55 3.11 3.29
CA GLU A 59 12.31 3.94 4.46
C GLU A 59 11.18 3.36 5.29
N CYS A 60 10.20 2.77 4.60
CA CYS A 60 9.06 2.17 5.28
C CYS A 60 9.52 1.00 6.13
N GLY A 61 10.60 0.34 5.70
CA GLY A 61 11.15 -0.79 6.44
C GLY A 61 10.64 -2.12 5.87
N LEU A 62 9.89 -2.05 4.77
CA LEU A 62 9.36 -3.26 4.17
C LEU A 62 10.47 -4.10 3.56
N LYS A 63 10.26 -5.41 3.54
CA LYS A 63 11.23 -6.33 2.97
C LYS A 63 10.56 -7.26 1.98
N ASP A 64 11.20 -8.38 1.68
CA ASP A 64 10.65 -9.33 0.72
C ASP A 64 9.66 -10.29 1.38
N GLY A 65 8.45 -10.33 0.82
CA GLY A 65 7.41 -11.24 1.33
C GLY A 65 6.68 -10.69 2.56
N ASP A 66 6.96 -9.45 2.95
CA ASP A 66 6.29 -8.86 4.12
C ASP A 66 4.82 -8.60 3.82
N GLN A 67 4.17 -7.88 4.73
CA GLN A 67 2.75 -7.54 4.56
C GLN A 67 2.52 -6.10 4.98
N VAL A 68 1.64 -5.40 4.25
CA VAL A 68 1.35 -4.01 4.57
C VAL A 68 -0.14 -3.81 4.78
N VAL A 69 -0.50 -3.28 5.94
CA VAL A 69 -1.90 -3.03 6.25
C VAL A 69 -2.36 -1.78 5.52
N PHE A 70 -3.58 -1.81 4.99
CA PHE A 70 -4.11 -0.67 4.27
C PHE A 70 -5.64 -0.66 4.29
N MET A 71 -6.22 0.43 3.81
CA MET A 71 -7.68 0.56 3.78
C MET A 71 -8.10 1.57 2.72
N VAL A 72 -9.28 1.36 2.14
CA VAL A 72 -9.81 2.27 1.12
C VAL A 72 -10.87 3.18 1.71
N SER A 73 -10.87 4.44 1.27
CA SER A 73 -11.85 5.41 1.77
C SER A 73 -12.90 5.69 0.70
N GLN A 74 -14.15 5.85 1.13
CA GLN A 74 -15.24 6.12 0.20
C GLN A 74 -15.13 7.54 -0.36
N LYS A 75 -15.49 7.69 -1.63
CA LYS A 75 -15.43 9.00 -2.28
C LYS A 75 -16.59 9.87 -1.83
N LYS A 76 -16.65 11.09 -2.37
CA LYS A 76 -17.73 12.02 -2.02
C LYS A 76 -18.91 11.83 -2.96
N SER A 77 -19.47 12.94 -3.42
CA SER A 77 -20.61 12.88 -4.34
C SER A 77 -20.93 14.28 -4.87
N THR A 78 -20.70 14.48 -6.16
CA THR A 78 -20.97 15.76 -6.79
C THR A 78 -22.46 15.94 -7.03
N MET A 1 13.89 -7.50 -5.45
CA MET A 1 12.53 -7.99 -5.78
C MET A 1 11.82 -8.43 -4.51
N VAL A 2 11.15 -7.49 -3.85
CA VAL A 2 10.43 -7.79 -2.61
C VAL A 2 8.94 -7.93 -2.88
N SER A 3 8.38 -9.02 -2.38
CA SER A 3 6.96 -9.29 -2.53
C SER A 3 6.24 -8.93 -1.24
N LEU A 4 5.09 -8.26 -1.37
CA LEU A 4 4.34 -7.85 -0.19
C LEU A 4 2.87 -8.20 -0.33
N THR A 5 2.15 -8.02 0.76
CA THR A 5 0.71 -8.31 0.79
C THR A 5 -0.06 -7.16 1.42
N PHE A 6 -0.95 -6.56 0.64
CA PHE A 6 -1.77 -5.47 1.14
C PHE A 6 -3.15 -6.00 1.51
N LYS A 7 -3.49 -5.93 2.80
CA LYS A 7 -4.79 -6.44 3.27
C LYS A 7 -5.64 -5.32 3.84
N ASN A 8 -6.95 -5.44 3.67
CA ASN A 8 -7.90 -4.45 4.18
C ASN A 8 -8.85 -5.08 5.19
N PHE A 9 -9.95 -4.39 5.48
CA PHE A 9 -10.92 -4.88 6.44
C PHE A 9 -11.76 -6.01 5.83
N LYS A 10 -11.47 -6.34 4.58
CA LYS A 10 -12.21 -7.41 3.90
C LYS A 10 -11.49 -8.73 4.09
N LYS A 11 -10.42 -8.71 4.87
CA LYS A 11 -9.64 -9.90 5.14
C LYS A 11 -9.04 -10.46 3.86
N GLU A 12 -9.08 -9.66 2.79
CA GLU A 12 -8.52 -10.08 1.51
C GLU A 12 -7.11 -9.51 1.34
N LYS A 13 -6.20 -10.34 0.85
CA LYS A 13 -4.83 -9.91 0.64
C LYS A 13 -4.55 -9.69 -0.85
N VAL A 14 -3.84 -8.61 -1.15
CA VAL A 14 -3.51 -8.27 -2.53
C VAL A 14 -2.00 -8.31 -2.73
N PRO A 15 -1.46 -9.45 -3.06
CA PRO A 15 0.01 -9.62 -3.28
C PRO A 15 0.56 -8.62 -4.29
N LEU A 16 1.78 -8.15 -4.03
CA LEU A 16 2.44 -7.19 -4.91
C LEU A 16 3.95 -7.36 -4.86
N ASP A 17 4.64 -6.71 -5.78
CA ASP A 17 6.10 -6.75 -5.83
C ASP A 17 6.65 -5.37 -6.14
N LEU A 18 7.61 -4.93 -5.34
CA LEU A 18 8.18 -3.60 -5.53
C LEU A 18 9.71 -3.62 -5.38
N GLU A 19 10.30 -2.43 -5.48
CA GLU A 19 11.75 -2.29 -5.35
C GLU A 19 12.07 -1.27 -4.25
N PRO A 20 13.25 -1.33 -3.69
CA PRO A 20 13.67 -0.39 -2.62
C PRO A 20 13.46 1.06 -3.03
N SER A 21 13.52 1.32 -4.33
CA SER A 21 13.36 2.67 -4.83
C SER A 21 11.88 3.03 -4.97
N ASN A 22 11.04 2.03 -5.23
CA ASN A 22 9.61 2.29 -5.35
C ASN A 22 9.12 2.88 -4.04
N THR A 23 8.24 3.86 -4.13
CA THR A 23 7.72 4.50 -2.94
C THR A 23 6.21 4.45 -2.88
N ILE A 24 5.70 4.59 -1.66
CA ILE A 24 4.27 4.57 -1.41
C ILE A 24 3.50 5.22 -2.54
N LEU A 25 4.03 6.30 -3.07
CA LEU A 25 3.36 6.99 -4.16
C LEU A 25 3.05 6.00 -5.27
N GLU A 26 4.05 5.19 -5.63
CA GLU A 26 3.88 4.21 -6.69
C GLU A 26 3.14 2.96 -6.22
N THR A 27 3.37 2.50 -5.00
CA THR A 27 2.68 1.32 -4.53
C THR A 27 1.19 1.65 -4.45
N LYS A 28 0.89 2.84 -3.97
CA LYS A 28 -0.48 3.30 -3.87
C LYS A 28 -1.11 3.32 -5.27
N THR A 29 -0.36 3.82 -6.24
CA THR A 29 -0.86 3.88 -7.61
C THR A 29 -1.33 2.51 -8.07
N LYS A 30 -0.39 1.56 -8.09
CA LYS A 30 -0.71 0.21 -8.51
C LYS A 30 -1.81 -0.37 -7.60
N LEU A 31 -1.54 -0.42 -6.31
CA LEU A 31 -2.50 -0.96 -5.36
C LEU A 31 -3.91 -0.46 -5.69
N ALA A 32 -3.99 0.73 -6.27
CA ALA A 32 -5.30 1.30 -6.63
C ALA A 32 -5.77 0.70 -7.95
N GLN A 33 -4.84 0.52 -8.87
CA GLN A 33 -5.17 -0.04 -10.17
C GLN A 33 -5.36 -1.55 -10.08
N SER A 34 -4.91 -2.11 -8.96
CA SER A 34 -5.04 -3.55 -8.74
C SER A 34 -6.47 -3.89 -8.37
N ILE A 35 -7.00 -3.14 -7.40
CA ILE A 35 -8.37 -3.34 -6.96
C ILE A 35 -9.28 -2.37 -7.71
N SER A 36 -8.67 -1.42 -8.43
CA SER A 36 -9.42 -0.45 -9.21
C SER A 36 -9.83 0.75 -8.37
N CYS A 37 -9.11 0.98 -7.27
CA CYS A 37 -9.41 2.12 -6.40
C CYS A 37 -8.47 3.27 -6.72
N GLU A 38 -8.59 4.35 -5.95
CA GLU A 38 -7.73 5.52 -6.17
C GLU A 38 -6.72 5.66 -5.03
N GLU A 39 -5.57 6.23 -5.34
CA GLU A 39 -4.51 6.42 -4.35
C GLU A 39 -4.84 7.60 -3.44
N SER A 40 -5.72 8.46 -3.93
CA SER A 40 -6.11 9.66 -3.19
C SER A 40 -7.06 9.34 -2.03
N GLN A 41 -7.51 8.10 -1.94
CA GLN A 41 -8.42 7.71 -0.86
C GLN A 41 -7.80 6.59 -0.04
N ILE A 42 -6.96 5.81 -0.71
CA ILE A 42 -6.29 4.70 -0.09
C ILE A 42 -5.33 5.16 1.01
N LYS A 43 -5.18 4.31 2.01
CA LYS A 43 -4.29 4.59 3.14
C LYS A 43 -3.50 3.33 3.49
N LEU A 44 -2.18 3.42 3.39
CA LEU A 44 -1.33 2.26 3.68
C LEU A 44 -0.82 2.30 5.12
N ILE A 45 -1.30 1.36 5.92
CA ILE A 45 -0.92 1.27 7.33
C ILE A 45 0.19 0.25 7.52
N TYR A 46 1.24 0.66 8.22
CA TYR A 46 2.36 -0.24 8.51
C TYR A 46 2.41 -0.49 10.00
N SER A 47 2.04 -1.69 10.42
CA SER A 47 2.03 -2.04 11.82
C SER A 47 1.25 -1.00 12.62
N GLY A 48 0.16 -0.50 12.04
CA GLY A 48 -0.66 0.50 12.72
C GLY A 48 -0.10 1.89 12.50
N LYS A 49 0.56 2.10 11.35
CA LYS A 49 1.14 3.40 11.06
C LYS A 49 0.70 3.91 9.69
N VAL A 50 0.08 5.08 9.66
CA VAL A 50 -0.37 5.66 8.41
C VAL A 50 0.83 6.12 7.57
N LEU A 51 1.32 5.24 6.70
CA LEU A 51 2.46 5.56 5.87
C LEU A 51 2.26 6.90 5.16
N GLN A 52 3.32 7.37 4.52
CA GLN A 52 3.28 8.64 3.79
C GLN A 52 3.55 8.41 2.31
N ASP A 53 3.20 9.39 1.50
CA ASP A 53 3.41 9.30 0.06
C ASP A 53 4.84 9.63 -0.34
N SER A 54 5.57 10.24 0.58
CA SER A 54 6.96 10.65 0.31
C SER A 54 7.98 9.65 0.86
N LYS A 55 7.55 8.46 1.27
CA LYS A 55 8.47 7.47 1.81
C LYS A 55 8.68 6.32 0.83
N THR A 56 9.87 5.73 0.87
CA THR A 56 10.18 4.60 0.01
C THR A 56 10.14 3.32 0.79
N VAL A 57 9.93 2.21 0.09
CA VAL A 57 9.86 0.91 0.76
C VAL A 57 11.05 0.76 1.70
N SER A 58 12.20 1.24 1.26
CA SER A 58 13.40 1.16 2.06
C SER A 58 13.22 1.96 3.34
N GLU A 59 12.50 3.06 3.24
CA GLU A 59 12.24 3.91 4.39
C GLU A 59 11.11 3.32 5.23
N CYS A 60 10.14 2.73 4.54
CA CYS A 60 9.00 2.12 5.23
C CYS A 60 9.46 0.96 6.09
N GLY A 61 10.55 0.32 5.67
CA GLY A 61 11.10 -0.82 6.42
C GLY A 61 10.59 -2.14 5.85
N LEU A 62 9.85 -2.08 4.75
CA LEU A 62 9.31 -3.28 4.14
C LEU A 62 10.43 -4.14 3.57
N LYS A 63 10.21 -5.44 3.60
CA LYS A 63 11.19 -6.39 3.08
C LYS A 63 10.53 -7.36 2.11
N ASP A 64 11.22 -8.46 1.83
CA ASP A 64 10.70 -9.46 0.90
C ASP A 64 9.66 -10.35 1.56
N GLY A 65 8.46 -10.34 1.00
CA GLY A 65 7.37 -11.16 1.53
C GLY A 65 6.66 -10.52 2.72
N ASP A 66 7.04 -9.28 3.06
CA ASP A 66 6.42 -8.59 4.18
C ASP A 66 4.92 -8.39 3.94
N GLN A 67 4.28 -7.64 4.84
CA GLN A 67 2.85 -7.37 4.72
C GLN A 67 2.56 -5.93 5.04
N VAL A 68 1.63 -5.31 4.31
CA VAL A 68 1.30 -3.91 4.54
C VAL A 68 -0.21 -3.74 4.72
N VAL A 69 -0.61 -3.36 5.92
CA VAL A 69 -2.02 -3.13 6.19
C VAL A 69 -2.45 -1.90 5.42
N PHE A 70 -3.69 -1.89 4.96
CA PHE A 70 -4.19 -0.74 4.20
C PHE A 70 -5.71 -0.66 4.26
N MET A 71 -6.26 0.44 3.76
CA MET A 71 -7.71 0.64 3.76
C MET A 71 -8.11 1.68 2.73
N VAL A 72 -9.30 1.53 2.15
CA VAL A 72 -9.79 2.47 1.15
C VAL A 72 -10.80 3.43 1.78
N SER A 73 -10.60 4.73 1.54
CA SER A 73 -11.49 5.74 2.08
C SER A 73 -12.57 6.11 1.07
N GLN A 74 -13.74 6.49 1.58
CA GLN A 74 -14.85 6.88 0.71
C GLN A 74 -14.83 8.38 0.44
N LYS A 75 -15.19 8.77 -0.78
CA LYS A 75 -15.21 10.18 -1.15
C LYS A 75 -16.60 10.78 -0.91
N LYS A 76 -16.90 11.09 0.34
CA LYS A 76 -18.20 11.66 0.69
C LYS A 76 -18.40 12.99 -0.04
N SER A 77 -18.49 14.07 0.73
CA SER A 77 -18.68 15.40 0.16
C SER A 77 -18.55 16.47 1.23
N THR A 78 -19.04 16.18 2.43
CA THR A 78 -18.96 17.12 3.52
C THR A 78 -19.21 16.42 4.86
N MET A 1 13.52 -7.06 -5.61
CA MET A 1 12.32 -7.86 -5.95
C MET A 1 11.64 -8.35 -4.68
N VAL A 2 11.03 -7.41 -3.96
CA VAL A 2 10.34 -7.75 -2.70
C VAL A 2 8.84 -7.86 -2.93
N SER A 3 8.27 -8.95 -2.45
CA SER A 3 6.85 -9.19 -2.57
C SER A 3 6.17 -8.87 -1.25
N LEU A 4 4.97 -8.30 -1.34
CA LEU A 4 4.24 -7.93 -0.12
C LEU A 4 2.78 -8.32 -0.22
N THR A 5 2.06 -8.12 0.87
CA THR A 5 0.64 -8.43 0.91
C THR A 5 -0.16 -7.28 1.52
N PHE A 6 -1.07 -6.72 0.74
CA PHE A 6 -1.90 -5.62 1.22
C PHE A 6 -3.22 -6.18 1.72
N LYS A 7 -3.47 -6.08 3.03
CA LYS A 7 -4.71 -6.59 3.60
C LYS A 7 -5.64 -5.45 4.03
N ASN A 8 -6.94 -5.67 3.84
CA ASN A 8 -7.94 -4.67 4.19
C ASN A 8 -8.83 -5.18 5.32
N PHE A 9 -9.93 -4.47 5.55
CA PHE A 9 -10.87 -4.86 6.61
C PHE A 9 -11.80 -5.96 6.12
N LYS A 10 -11.67 -6.34 4.85
CA LYS A 10 -12.49 -7.39 4.28
C LYS A 10 -11.78 -8.72 4.38
N LYS A 11 -10.68 -8.73 5.11
CA LYS A 11 -9.88 -9.94 5.31
C LYS A 11 -9.39 -10.48 3.97
N GLU A 12 -9.05 -9.59 3.05
CA GLU A 12 -8.56 -9.99 1.73
C GLU A 12 -7.15 -9.46 1.50
N LYS A 13 -6.28 -10.32 0.99
CA LYS A 13 -4.89 -9.94 0.74
C LYS A 13 -4.67 -9.74 -0.76
N VAL A 14 -3.96 -8.67 -1.10
CA VAL A 14 -3.65 -8.36 -2.49
C VAL A 14 -2.14 -8.35 -2.70
N PRO A 15 -1.56 -9.48 -3.05
CA PRO A 15 -0.09 -9.59 -3.26
C PRO A 15 0.45 -8.53 -4.21
N LEU A 16 1.67 -8.07 -3.95
CA LEU A 16 2.31 -7.06 -4.78
C LEU A 16 3.82 -7.23 -4.77
N ASP A 17 4.48 -6.47 -5.64
CA ASP A 17 5.93 -6.50 -5.73
C ASP A 17 6.46 -5.08 -5.93
N LEU A 18 7.47 -4.71 -5.17
CA LEU A 18 8.05 -3.37 -5.25
C LEU A 18 9.56 -3.40 -5.21
N GLU A 19 10.16 -2.21 -5.30
CA GLU A 19 11.61 -2.07 -5.26
C GLU A 19 12.00 -1.09 -4.16
N PRO A 20 13.16 -1.25 -3.58
CA PRO A 20 13.64 -0.34 -2.50
C PRO A 20 13.51 1.13 -2.90
N SER A 21 13.55 1.39 -4.20
CA SER A 21 13.45 2.74 -4.70
C SER A 21 11.99 3.14 -4.90
N ASN A 22 11.14 2.17 -5.20
CA ASN A 22 9.73 2.45 -5.38
C ASN A 22 9.16 2.93 -4.07
N THR A 23 8.35 3.98 -4.11
CA THR A 23 7.78 4.53 -2.89
C THR A 23 6.26 4.42 -2.87
N ILE A 24 5.71 4.61 -1.68
CA ILE A 24 4.28 4.55 -1.47
C ILE A 24 3.51 5.11 -2.66
N LEU A 25 3.97 6.21 -3.21
CA LEU A 25 3.30 6.80 -4.35
C LEU A 25 2.98 5.71 -5.37
N GLU A 26 3.97 4.87 -5.65
CA GLU A 26 3.81 3.80 -6.62
C GLU A 26 2.97 2.64 -6.08
N THR A 27 3.23 2.21 -4.84
CA THR A 27 2.46 1.10 -4.29
C THR A 27 0.98 1.51 -4.26
N LYS A 28 0.75 2.74 -3.83
CA LYS A 28 -0.60 3.28 -3.77
C LYS A 28 -1.20 3.40 -5.16
N THR A 29 -0.40 3.84 -6.14
CA THR A 29 -0.89 4.00 -7.49
C THR A 29 -1.28 2.64 -8.07
N LYS A 30 -0.37 1.68 -7.98
CA LYS A 30 -0.64 0.35 -8.49
C LYS A 30 -1.79 -0.27 -7.73
N LEU A 31 -1.63 -0.41 -6.41
CA LEU A 31 -2.68 -0.99 -5.58
C LEU A 31 -4.03 -0.40 -5.96
N ALA A 32 -4.00 0.78 -6.56
CA ALA A 32 -5.24 1.44 -6.98
C ALA A 32 -5.71 0.84 -8.31
N GLN A 33 -4.75 0.64 -9.21
CA GLN A 33 -5.07 0.07 -10.52
C GLN A 33 -5.22 -1.44 -10.42
N SER A 34 -4.77 -2.00 -9.30
CA SER A 34 -4.86 -3.43 -9.08
C SER A 34 -6.29 -3.79 -8.72
N ILE A 35 -6.84 -3.06 -7.75
CA ILE A 35 -8.20 -3.27 -7.33
C ILE A 35 -9.12 -2.33 -8.09
N SER A 36 -8.51 -1.35 -8.77
CA SER A 36 -9.27 -0.38 -9.56
C SER A 36 -9.80 0.76 -8.70
N CYS A 37 -9.08 1.09 -7.63
CA CYS A 37 -9.48 2.18 -6.75
C CYS A 37 -8.53 3.35 -6.92
N GLU A 38 -8.75 4.41 -6.15
CA GLU A 38 -7.89 5.59 -6.24
C GLU A 38 -6.87 5.59 -5.11
N GLU A 39 -5.69 6.11 -5.40
CA GLU A 39 -4.61 6.19 -4.41
C GLU A 39 -4.85 7.35 -3.46
N SER A 40 -5.67 8.30 -3.90
CA SER A 40 -5.97 9.49 -3.11
C SER A 40 -6.93 9.18 -1.95
N GLN A 41 -7.40 7.95 -1.86
CA GLN A 41 -8.30 7.57 -0.77
C GLN A 41 -7.67 6.46 0.06
N ILE A 42 -6.86 5.66 -0.62
CA ILE A 42 -6.17 4.56 0.00
C ILE A 42 -5.22 5.05 1.08
N LYS A 43 -5.05 4.22 2.10
CA LYS A 43 -4.15 4.52 3.21
C LYS A 43 -3.24 3.33 3.45
N LEU A 44 -1.94 3.55 3.37
CA LEU A 44 -0.97 2.48 3.57
C LEU A 44 -0.49 2.46 5.01
N ILE A 45 -0.94 1.46 5.77
CA ILE A 45 -0.58 1.34 7.17
C ILE A 45 0.56 0.33 7.34
N TYR A 46 1.65 0.79 7.93
CA TYR A 46 2.80 -0.08 8.18
C TYR A 46 2.97 -0.23 9.68
N SER A 47 2.65 -1.41 10.18
CA SER A 47 2.76 -1.68 11.60
C SER A 47 1.89 -0.71 12.39
N GLY A 48 0.74 -0.34 11.82
CA GLY A 48 -0.15 0.60 12.49
C GLY A 48 0.31 2.04 12.30
N LYS A 49 0.97 2.30 11.18
CA LYS A 49 1.47 3.65 10.90
C LYS A 49 1.03 4.11 9.52
N VAL A 50 0.32 5.24 9.49
CA VAL A 50 -0.17 5.78 8.23
C VAL A 50 0.99 6.34 7.40
N LEU A 51 1.55 5.51 6.54
CA LEU A 51 2.66 5.92 5.69
C LEU A 51 2.29 7.16 4.89
N GLN A 52 3.30 7.73 4.23
CA GLN A 52 3.09 8.93 3.42
C GLN A 52 3.43 8.65 1.96
N ASP A 53 3.16 9.62 1.10
CA ASP A 53 3.44 9.48 -0.32
C ASP A 53 4.91 9.74 -0.64
N SER A 54 5.62 10.32 0.33
CA SER A 54 7.03 10.65 0.12
C SER A 54 7.97 9.62 0.76
N LYS A 55 7.43 8.49 1.20
CA LYS A 55 8.27 7.46 1.81
C LYS A 55 8.61 6.36 0.82
N THR A 56 9.81 5.82 0.93
CA THR A 56 10.23 4.74 0.05
C THR A 56 10.20 3.42 0.79
N VAL A 57 9.87 2.35 0.09
CA VAL A 57 9.80 1.03 0.72
C VAL A 57 11.03 0.83 1.60
N SER A 58 12.12 1.47 1.21
CA SER A 58 13.36 1.37 1.96
C SER A 58 13.23 2.06 3.31
N GLU A 59 12.50 3.18 3.33
CA GLU A 59 12.29 3.91 4.56
C GLU A 59 11.12 3.33 5.33
N CYS A 60 10.15 2.78 4.60
CA CYS A 60 8.98 2.18 5.22
C CYS A 60 9.39 0.98 6.07
N GLY A 61 10.51 0.36 5.70
CA GLY A 61 11.02 -0.79 6.44
C GLY A 61 10.49 -2.10 5.87
N LEU A 62 9.82 -2.04 4.73
CA LEU A 62 9.28 -3.25 4.12
C LEU A 62 10.40 -4.11 3.56
N LYS A 63 10.21 -5.42 3.67
CA LYS A 63 11.18 -6.38 3.17
C LYS A 63 10.53 -7.31 2.15
N ASP A 64 11.13 -8.47 1.92
CA ASP A 64 10.60 -9.43 0.96
C ASP A 64 9.53 -10.31 1.57
N GLY A 65 8.37 -10.34 0.93
CA GLY A 65 7.26 -11.17 1.39
C GLY A 65 6.55 -10.60 2.62
N ASP A 66 6.91 -9.39 3.05
CA ASP A 66 6.27 -8.80 4.21
C ASP A 66 4.77 -8.58 3.96
N GLN A 67 4.13 -7.84 4.87
CA GLN A 67 2.72 -7.54 4.75
C GLN A 67 2.47 -6.08 5.09
N VAL A 68 1.60 -5.42 4.31
CA VAL A 68 1.33 -4.01 4.54
C VAL A 68 -0.17 -3.80 4.79
N VAL A 69 -0.50 -3.34 5.99
CA VAL A 69 -1.88 -3.09 6.33
C VAL A 69 -2.35 -1.86 5.59
N PHE A 70 -3.58 -1.89 5.10
CA PHE A 70 -4.11 -0.75 4.35
C PHE A 70 -5.64 -0.75 4.38
N MET A 71 -6.21 0.35 3.89
CA MET A 71 -7.67 0.50 3.84
C MET A 71 -8.06 1.54 2.79
N VAL A 72 -9.21 1.34 2.16
CA VAL A 72 -9.68 2.26 1.14
C VAL A 72 -10.76 3.19 1.69
N SER A 73 -10.56 4.49 1.50
CA SER A 73 -11.52 5.48 1.98
C SER A 73 -12.51 5.86 0.89
N GLN A 74 -13.58 6.53 1.27
CA GLN A 74 -14.60 6.95 0.30
C GLN A 74 -14.14 8.20 -0.44
N LYS A 75 -14.98 8.67 -1.36
CA LYS A 75 -14.66 9.87 -2.14
C LYS A 75 -15.08 11.12 -1.38
N LYS A 76 -14.16 12.09 -1.31
CA LYS A 76 -14.45 13.34 -0.61
C LYS A 76 -15.22 14.29 -1.51
N SER A 77 -15.65 15.42 -0.94
CA SER A 77 -16.40 16.41 -1.69
C SER A 77 -15.47 17.22 -2.59
N THR A 78 -14.21 16.82 -2.64
CA THR A 78 -13.23 17.52 -3.45
C THR A 78 -13.51 17.30 -4.94
N MET A 1 13.38 -7.05 -5.76
CA MET A 1 12.14 -7.80 -6.12
C MET A 1 11.47 -8.30 -4.84
N VAL A 2 11.00 -7.36 -4.02
CA VAL A 2 10.33 -7.71 -2.77
C VAL A 2 8.83 -7.79 -2.99
N SER A 3 8.25 -8.90 -2.55
CA SER A 3 6.83 -9.14 -2.67
C SER A 3 6.14 -8.82 -1.36
N LEU A 4 4.98 -8.17 -1.43
CA LEU A 4 4.25 -7.81 -0.23
C LEU A 4 2.78 -8.13 -0.38
N THR A 5 2.05 -7.97 0.72
CA THR A 5 0.61 -8.23 0.73
C THR A 5 -0.14 -7.09 1.39
N PHE A 6 -1.06 -6.50 0.63
CA PHE A 6 -1.86 -5.41 1.16
C PHE A 6 -3.22 -5.97 1.60
N LYS A 7 -3.49 -5.93 2.91
CA LYS A 7 -4.75 -6.46 3.43
C LYS A 7 -5.64 -5.35 3.96
N ASN A 8 -6.95 -5.51 3.77
CA ASN A 8 -7.92 -4.53 4.22
C ASN A 8 -8.80 -5.10 5.33
N PHE A 9 -9.88 -4.40 5.65
CA PHE A 9 -10.79 -4.85 6.69
C PHE A 9 -11.77 -5.89 6.15
N LYS A 10 -11.63 -6.23 4.88
CA LYS A 10 -12.50 -7.23 4.26
C LYS A 10 -11.83 -8.59 4.25
N LYS A 11 -10.72 -8.68 4.98
CA LYS A 11 -9.97 -9.93 5.07
C LYS A 11 -9.55 -10.41 3.69
N GLU A 12 -9.11 -9.47 2.85
CA GLU A 12 -8.67 -9.82 1.49
C GLU A 12 -7.21 -9.43 1.30
N LYS A 13 -6.44 -10.30 0.65
CA LYS A 13 -5.03 -10.05 0.40
C LYS A 13 -4.80 -9.64 -1.04
N VAL A 14 -4.02 -8.58 -1.23
CA VAL A 14 -3.70 -8.10 -2.57
C VAL A 14 -2.19 -8.08 -2.78
N PRO A 15 -1.62 -9.19 -3.14
CA PRO A 15 -0.15 -9.32 -3.38
C PRO A 15 0.41 -8.26 -4.31
N LEU A 16 1.64 -7.82 -4.04
CA LEU A 16 2.30 -6.81 -4.86
C LEU A 16 3.80 -7.02 -4.85
N ASP A 17 4.51 -6.28 -5.71
CA ASP A 17 5.96 -6.35 -5.80
C ASP A 17 6.53 -4.96 -5.96
N LEU A 18 7.56 -4.64 -5.19
CA LEU A 18 8.17 -3.31 -5.25
C LEU A 18 9.68 -3.38 -5.20
N GLU A 19 10.32 -2.21 -5.28
CA GLU A 19 11.77 -2.12 -5.24
C GLU A 19 12.19 -1.16 -4.12
N PRO A 20 13.35 -1.38 -3.54
CA PRO A 20 13.85 -0.50 -2.45
C PRO A 20 13.77 0.98 -2.83
N SER A 21 13.84 1.24 -4.13
CA SER A 21 13.80 2.61 -4.62
C SER A 21 12.35 3.07 -4.81
N ASN A 22 11.47 2.13 -5.12
CA ASN A 22 10.06 2.49 -5.30
C ASN A 22 9.54 3.09 -4.01
N THR A 23 8.40 3.76 -4.08
CA THR A 23 7.85 4.37 -2.89
C THR A 23 6.34 4.33 -2.88
N ILE A 24 5.79 4.48 -1.68
CA ILE A 24 4.37 4.47 -1.45
C ILE A 24 3.61 5.11 -2.61
N LEU A 25 4.14 6.20 -3.12
CA LEU A 25 3.50 6.89 -4.23
C LEU A 25 3.05 5.88 -5.27
N GLU A 26 3.95 4.96 -5.60
CA GLU A 26 3.67 3.94 -6.59
C GLU A 26 2.87 2.78 -6.01
N THR A 27 3.28 2.27 -4.85
CA THR A 27 2.55 1.16 -4.26
C THR A 27 1.08 1.51 -4.17
N LYS A 28 0.81 2.74 -3.76
CA LYS A 28 -0.56 3.22 -3.65
C LYS A 28 -1.21 3.23 -5.03
N THR A 29 -0.48 3.73 -6.03
CA THR A 29 -1.02 3.78 -7.39
C THR A 29 -1.39 2.37 -7.86
N LYS A 30 -0.39 1.51 -7.93
CA LYS A 30 -0.62 0.13 -8.36
C LYS A 30 -1.76 -0.47 -7.56
N LEU A 31 -1.58 -0.54 -6.25
CA LEU A 31 -2.60 -1.09 -5.37
C LEU A 31 -3.98 -0.58 -5.78
N ALA A 32 -4.00 0.59 -6.40
CA ALA A 32 -5.25 1.19 -6.85
C ALA A 32 -5.70 0.56 -8.17
N GLN A 33 -4.74 0.34 -9.05
CA GLN A 33 -5.02 -0.25 -10.35
C GLN A 33 -5.20 -1.76 -10.23
N SER A 34 -4.79 -2.29 -9.08
CA SER A 34 -4.91 -3.72 -8.82
C SER A 34 -6.34 -4.06 -8.45
N ILE A 35 -6.89 -3.28 -7.52
CA ILE A 35 -8.25 -3.48 -7.09
C ILE A 35 -9.18 -2.63 -7.95
N SER A 36 -8.59 -1.69 -8.69
CA SER A 36 -9.35 -0.81 -9.59
C SER A 36 -9.84 0.44 -8.88
N CYS A 37 -9.14 0.86 -7.83
CA CYS A 37 -9.51 2.08 -7.11
C CYS A 37 -8.42 3.11 -7.29
N GLU A 38 -8.57 4.27 -6.63
CA GLU A 38 -7.57 5.32 -6.74
C GLU A 38 -6.79 5.43 -5.44
N GLU A 39 -5.61 6.05 -5.52
CA GLU A 39 -4.74 6.22 -4.35
C GLU A 39 -5.25 7.36 -3.47
N SER A 40 -6.04 8.22 -4.07
CA SER A 40 -6.56 9.41 -3.38
C SER A 40 -7.39 9.08 -2.14
N GLN A 41 -7.80 7.82 -1.96
CA GLN A 41 -8.60 7.46 -0.79
C GLN A 41 -7.89 6.38 0.01
N ILE A 42 -7.04 5.64 -0.68
CA ILE A 42 -6.30 4.56 -0.06
C ILE A 42 -5.37 5.09 1.02
N LYS A 43 -5.10 4.22 1.99
CA LYS A 43 -4.22 4.56 3.10
C LYS A 43 -3.30 3.37 3.38
N LEU A 44 -1.99 3.60 3.30
CA LEU A 44 -1.03 2.52 3.52
C LEU A 44 -0.55 2.49 4.97
N ILE A 45 -1.01 1.49 5.71
CA ILE A 45 -0.64 1.35 7.11
C ILE A 45 0.48 0.33 7.28
N TYR A 46 1.59 0.78 7.85
CA TYR A 46 2.73 -0.10 8.09
C TYR A 46 2.88 -0.30 9.59
N SER A 47 2.56 -1.49 10.06
CA SER A 47 2.66 -1.79 11.48
C SER A 47 1.76 -0.85 12.29
N GLY A 48 0.62 -0.48 11.72
CA GLY A 48 -0.30 0.41 12.41
C GLY A 48 0.15 1.87 12.29
N LYS A 49 0.84 2.18 11.19
CA LYS A 49 1.33 3.54 10.97
C LYS A 49 0.99 4.03 9.57
N VAL A 50 0.27 5.13 9.50
CA VAL A 50 -0.13 5.70 8.22
C VAL A 50 1.10 6.17 7.44
N LEU A 51 1.63 5.29 6.59
CA LEU A 51 2.80 5.63 5.79
C LEU A 51 2.60 6.96 5.07
N GLN A 52 3.66 7.45 4.47
CA GLN A 52 3.62 8.71 3.74
C GLN A 52 3.76 8.45 2.24
N ASP A 53 3.40 9.44 1.44
CA ASP A 53 3.48 9.32 -0.02
C ASP A 53 4.91 9.57 -0.51
N SER A 54 5.74 10.12 0.35
CA SER A 54 7.12 10.43 -0.02
C SER A 54 8.13 9.45 0.59
N LYS A 55 7.65 8.34 1.13
CA LYS A 55 8.55 7.36 1.74
C LYS A 55 8.81 6.21 0.77
N THR A 56 10.02 5.65 0.85
CA THR A 56 10.39 4.53 0.00
C THR A 56 10.35 3.24 0.80
N VAL A 57 10.04 2.15 0.13
CA VAL A 57 9.97 0.86 0.81
C VAL A 57 11.16 0.71 1.76
N SER A 58 12.30 1.23 1.33
CA SER A 58 13.51 1.16 2.13
C SER A 58 13.32 1.96 3.42
N GLU A 59 12.60 3.08 3.31
CA GLU A 59 12.34 3.93 4.46
C GLU A 59 11.19 3.36 5.27
N CYS A 60 10.21 2.78 4.56
CA CYS A 60 9.06 2.19 5.23
C CYS A 60 9.50 1.02 6.10
N GLY A 61 10.59 0.37 5.71
CA GLY A 61 11.12 -0.76 6.47
C GLY A 61 10.60 -2.09 5.94
N LEU A 62 9.90 -2.04 4.81
CA LEU A 62 9.35 -3.26 4.23
C LEU A 62 10.47 -4.15 3.69
N LYS A 63 10.21 -5.45 3.70
CA LYS A 63 11.19 -6.41 3.20
C LYS A 63 10.53 -7.32 2.16
N ASP A 64 11.13 -8.48 1.92
CA ASP A 64 10.61 -9.42 0.93
C ASP A 64 9.52 -10.30 1.53
N GLY A 65 8.36 -10.32 0.87
CA GLY A 65 7.25 -11.16 1.31
C GLY A 65 6.53 -10.58 2.54
N ASP A 66 6.90 -9.38 2.97
CA ASP A 66 6.26 -8.78 4.14
C ASP A 66 4.77 -8.54 3.87
N GLN A 67 4.12 -7.83 4.79
CA GLN A 67 2.71 -7.51 4.66
C GLN A 67 2.47 -6.05 5.05
N VAL A 68 1.63 -5.36 4.29
CA VAL A 68 1.33 -3.96 4.56
C VAL A 68 -0.16 -3.75 4.77
N VAL A 69 -0.53 -3.31 5.97
CA VAL A 69 -1.93 -3.06 6.27
C VAL A 69 -2.39 -1.83 5.51
N PHE A 70 -3.62 -1.86 5.02
CA PHE A 70 -4.15 -0.72 4.28
C PHE A 70 -5.67 -0.68 4.33
N MET A 71 -6.24 0.42 3.84
CA MET A 71 -7.69 0.59 3.83
C MET A 71 -8.10 1.57 2.73
N VAL A 72 -9.30 1.38 2.19
CA VAL A 72 -9.80 2.26 1.13
C VAL A 72 -10.80 3.25 1.70
N SER A 73 -10.78 4.48 1.19
CA SER A 73 -11.69 5.51 1.67
C SER A 73 -12.67 5.90 0.56
N GLN A 74 -13.68 6.68 0.92
CA GLN A 74 -14.68 7.12 -0.04
C GLN A 74 -14.09 8.12 -1.02
N LYS A 75 -14.77 8.32 -2.14
CA LYS A 75 -14.30 9.26 -3.15
C LYS A 75 -14.21 10.67 -2.58
N LYS A 76 -15.35 11.35 -2.51
CA LYS A 76 -15.40 12.71 -1.99
C LYS A 76 -15.33 12.70 -0.45
N SER A 77 -14.71 13.72 0.11
CA SER A 77 -14.57 13.81 1.55
C SER A 77 -15.93 14.07 2.20
N THR A 78 -15.91 14.58 3.43
CA THR A 78 -17.15 14.87 4.14
C THR A 78 -18.05 13.64 4.16
N MET A 1 13.44 -8.63 -6.32
CA MET A 1 12.19 -7.84 -6.09
C MET A 1 11.55 -8.29 -4.78
N VAL A 2 10.92 -7.35 -4.08
CA VAL A 2 10.27 -7.65 -2.80
C VAL A 2 8.76 -7.79 -3.00
N SER A 3 8.22 -8.88 -2.50
CA SER A 3 6.79 -9.15 -2.60
C SER A 3 6.14 -8.84 -1.26
N LEU A 4 4.97 -8.21 -1.30
CA LEU A 4 4.27 -7.86 -0.08
C LEU A 4 2.81 -8.27 -0.15
N THR A 5 2.11 -8.05 0.95
CA THR A 5 0.69 -8.39 1.03
C THR A 5 -0.12 -7.21 1.56
N PHE A 6 -0.96 -6.65 0.69
CA PHE A 6 -1.79 -5.53 1.09
C PHE A 6 -3.15 -6.03 1.58
N LYS A 7 -3.42 -5.84 2.87
CA LYS A 7 -4.68 -6.28 3.47
C LYS A 7 -5.67 -5.13 3.57
N ASN A 8 -6.92 -5.42 3.21
CA ASN A 8 -7.97 -4.42 3.26
C ASN A 8 -8.95 -4.73 4.40
N PHE A 9 -10.10 -4.05 4.39
CA PHE A 9 -11.10 -4.27 5.43
C PHE A 9 -11.93 -5.52 5.12
N LYS A 10 -11.67 -6.11 3.97
CA LYS A 10 -12.38 -7.32 3.55
C LYS A 10 -11.60 -8.54 3.97
N LYS A 11 -10.55 -8.32 4.75
CA LYS A 11 -9.70 -9.41 5.22
C LYS A 11 -9.08 -10.16 4.05
N GLU A 12 -8.93 -9.46 2.92
CA GLU A 12 -8.34 -10.06 1.73
C GLU A 12 -6.96 -9.48 1.47
N LYS A 13 -6.06 -10.31 0.96
CA LYS A 13 -4.69 -9.87 0.67
C LYS A 13 -4.49 -9.66 -0.83
N VAL A 14 -3.83 -8.56 -1.18
CA VAL A 14 -3.55 -8.25 -2.57
C VAL A 14 -2.03 -8.20 -2.79
N PRO A 15 -1.44 -9.31 -3.17
CA PRO A 15 0.03 -9.39 -3.40
C PRO A 15 0.54 -8.32 -4.36
N LEU A 16 1.71 -7.77 -4.02
CA LEU A 16 2.33 -6.73 -4.83
C LEU A 16 3.86 -6.84 -4.76
N ASP A 17 4.51 -6.64 -5.91
CA ASP A 17 5.96 -6.69 -5.96
C ASP A 17 6.51 -5.31 -6.30
N LEU A 18 7.47 -4.84 -5.52
CA LEU A 18 8.04 -3.51 -5.73
C LEU A 18 9.57 -3.53 -5.58
N GLU A 19 10.16 -2.34 -5.67
CA GLU A 19 11.60 -2.19 -5.53
C GLU A 19 11.93 -1.20 -4.42
N PRO A 20 13.08 -1.33 -3.81
CA PRO A 20 13.51 -0.42 -2.71
C PRO A 20 13.34 1.05 -3.09
N SER A 21 13.43 1.32 -4.39
CA SER A 21 13.29 2.68 -4.89
C SER A 21 11.83 3.08 -5.01
N ASN A 22 10.96 2.10 -5.27
CA ASN A 22 9.54 2.39 -5.38
C ASN A 22 9.04 2.88 -4.02
N THR A 23 8.18 3.89 -4.06
CA THR A 23 7.65 4.45 -2.81
C THR A 23 6.15 4.33 -2.71
N ILE A 24 5.66 4.56 -1.49
CA ILE A 24 4.24 4.47 -1.20
C ILE A 24 3.40 5.05 -2.32
N LEU A 25 3.85 6.15 -2.90
CA LEU A 25 3.10 6.74 -3.99
C LEU A 25 2.83 5.69 -5.05
N GLU A 26 3.89 4.98 -5.41
CA GLU A 26 3.81 3.93 -6.42
C GLU A 26 3.03 2.72 -5.92
N THR A 27 3.28 2.27 -4.70
CA THR A 27 2.55 1.12 -4.19
C THR A 27 1.07 1.48 -4.16
N LYS A 28 0.78 2.69 -3.70
CA LYS A 28 -0.57 3.19 -3.65
C LYS A 28 -1.15 3.25 -5.07
N THR A 29 -0.33 3.64 -6.03
CA THR A 29 -0.76 3.74 -7.41
C THR A 29 -1.21 2.36 -7.92
N LYS A 30 -0.28 1.41 -7.93
CA LYS A 30 -0.61 0.07 -8.39
C LYS A 30 -1.77 -0.48 -7.57
N LEU A 31 -1.57 -0.53 -6.25
CA LEU A 31 -2.61 -1.03 -5.36
C LEU A 31 -3.97 -0.47 -5.77
N ALA A 32 -3.95 0.69 -6.42
CA ALA A 32 -5.19 1.32 -6.86
C ALA A 32 -5.65 0.69 -8.18
N GLN A 33 -4.69 0.45 -9.06
CA GLN A 33 -4.98 -0.16 -10.35
C GLN A 33 -5.18 -1.65 -10.22
N SER A 34 -4.78 -2.19 -9.08
CA SER A 34 -4.92 -3.62 -8.83
C SER A 34 -6.36 -3.94 -8.50
N ILE A 35 -6.92 -3.17 -7.57
CA ILE A 35 -8.30 -3.34 -7.17
C ILE A 35 -9.18 -2.37 -7.96
N SER A 36 -8.52 -1.43 -8.65
CA SER A 36 -9.25 -0.45 -9.46
C SER A 36 -9.73 0.74 -8.61
N CYS A 37 -9.02 1.02 -7.54
CA CYS A 37 -9.37 2.14 -6.67
C CYS A 37 -8.41 3.29 -6.90
N GLU A 38 -8.57 4.37 -6.15
CA GLU A 38 -7.68 5.53 -6.29
C GLU A 38 -6.67 5.56 -5.15
N GLU A 39 -5.47 6.04 -5.46
CA GLU A 39 -4.40 6.13 -4.48
C GLU A 39 -4.61 7.32 -3.56
N SER A 40 -5.42 8.27 -4.02
CA SER A 40 -5.69 9.47 -3.25
C SER A 40 -6.66 9.23 -2.10
N GLN A 41 -7.16 8.00 -1.97
CA GLN A 41 -8.09 7.67 -0.89
C GLN A 41 -7.51 6.54 -0.06
N ILE A 42 -6.73 5.71 -0.71
CA ILE A 42 -6.11 4.57 -0.07
C ILE A 42 -5.11 5.00 1.00
N LYS A 43 -5.23 4.37 2.16
CA LYS A 43 -4.33 4.67 3.28
C LYS A 43 -3.43 3.46 3.51
N LEU A 44 -2.12 3.67 3.42
CA LEU A 44 -1.17 2.58 3.60
C LEU A 44 -0.67 2.53 5.05
N ILE A 45 -1.09 1.49 5.77
CA ILE A 45 -0.72 1.32 7.16
C ILE A 45 0.44 0.33 7.29
N TYR A 46 1.37 0.64 8.18
CA TYR A 46 2.51 -0.23 8.44
C TYR A 46 2.52 -0.59 9.92
N SER A 47 2.18 -1.84 10.21
CA SER A 47 2.14 -2.29 11.59
C SER A 47 1.31 -1.32 12.44
N GLY A 48 0.25 -0.78 11.84
CA GLY A 48 -0.61 0.16 12.55
C GLY A 48 -0.07 1.58 12.44
N LYS A 49 0.61 1.88 11.34
CA LYS A 49 1.18 3.21 11.15
C LYS A 49 0.82 3.77 9.78
N VAL A 50 0.16 4.92 9.77
CA VAL A 50 -0.23 5.55 8.51
C VAL A 50 1.01 6.02 7.74
N LEU A 51 1.54 5.16 6.88
CA LEU A 51 2.72 5.49 6.10
C LEU A 51 2.54 6.84 5.41
N GLN A 52 3.63 7.33 4.83
CA GLN A 52 3.62 8.61 4.12
C GLN A 52 3.72 8.37 2.62
N ASP A 53 3.29 9.36 1.84
CA ASP A 53 3.33 9.26 0.39
C ASP A 53 4.72 9.56 -0.15
N SER A 54 5.57 10.13 0.70
CA SER A 54 6.92 10.49 0.27
C SER A 54 7.98 9.53 0.79
N LYS A 55 7.56 8.38 1.31
CA LYS A 55 8.53 7.42 1.83
C LYS A 55 8.72 6.26 0.86
N THR A 56 9.92 5.69 0.86
CA THR A 56 10.23 4.56 0.00
C THR A 56 10.23 3.27 0.80
N VAL A 57 9.87 2.18 0.15
CA VAL A 57 9.84 0.89 0.82
C VAL A 57 11.08 0.72 1.68
N SER A 58 12.20 1.21 1.18
CA SER A 58 13.46 1.12 1.92
C SER A 58 13.36 1.92 3.21
N GLU A 59 12.63 3.03 3.14
CA GLU A 59 12.43 3.89 4.30
C GLU A 59 11.29 3.36 5.16
N CYS A 60 10.28 2.80 4.50
CA CYS A 60 9.13 2.26 5.20
C CYS A 60 9.56 1.09 6.08
N GLY A 61 10.61 0.39 5.66
CA GLY A 61 11.12 -0.75 6.43
C GLY A 61 10.62 -2.08 5.86
N LEU A 62 9.84 -2.01 4.79
CA LEU A 62 9.31 -3.22 4.18
C LEU A 62 10.43 -4.06 3.58
N LYS A 63 10.25 -5.37 3.61
CA LYS A 63 11.22 -6.29 3.06
C LYS A 63 10.56 -7.22 2.04
N ASP A 64 11.20 -8.35 1.76
CA ASP A 64 10.67 -9.30 0.79
C ASP A 64 9.66 -10.24 1.43
N GLY A 65 8.46 -10.26 0.88
CA GLY A 65 7.40 -11.15 1.38
C GLY A 65 6.67 -10.58 2.61
N ASP A 66 6.98 -9.35 3.00
CA ASP A 66 6.33 -8.75 4.16
C ASP A 66 4.84 -8.51 3.88
N GLN A 67 4.21 -7.69 4.72
CA GLN A 67 2.79 -7.38 4.56
C GLN A 67 2.53 -5.94 4.97
N VAL A 68 1.63 -5.27 4.26
CA VAL A 68 1.30 -3.88 4.56
C VAL A 68 -0.20 -3.70 4.71
N VAL A 69 -0.64 -3.32 5.91
CA VAL A 69 -2.05 -3.12 6.15
C VAL A 69 -2.49 -1.84 5.45
N PHE A 70 -3.72 -1.83 4.96
CA PHE A 70 -4.24 -0.65 4.27
C PHE A 70 -5.76 -0.69 4.18
N MET A 71 -6.35 0.41 3.75
CA MET A 71 -7.80 0.51 3.63
C MET A 71 -8.18 1.61 2.64
N VAL A 72 -9.30 1.41 1.93
CA VAL A 72 -9.76 2.39 0.95
C VAL A 72 -10.79 3.31 1.57
N SER A 73 -10.61 4.61 1.40
CA SER A 73 -11.55 5.59 1.95
C SER A 73 -12.57 6.00 0.89
N GLN A 74 -13.49 6.88 1.28
CA GLN A 74 -14.52 7.34 0.35
C GLN A 74 -15.45 6.19 -0.04
N LYS A 75 -14.91 5.22 -0.76
CA LYS A 75 -15.70 4.07 -1.20
C LYS A 75 -16.02 3.17 -0.01
N LYS A 76 -15.79 3.68 1.20
CA LYS A 76 -16.07 2.91 2.41
C LYS A 76 -17.45 2.27 2.33
N SER A 77 -18.32 2.86 1.52
CA SER A 77 -19.68 2.33 1.37
C SER A 77 -19.69 1.16 0.40
N THR A 78 -20.87 0.60 0.16
CA THR A 78 -21.00 -0.53 -0.75
C THR A 78 -20.98 -0.05 -2.21
N MET A 1 12.86 -6.43 -5.81
CA MET A 1 12.08 -7.67 -6.08
C MET A 1 11.47 -8.18 -4.79
N VAL A 2 10.84 -7.28 -4.04
CA VAL A 2 10.22 -7.64 -2.76
C VAL A 2 8.71 -7.79 -2.94
N SER A 3 8.21 -8.93 -2.50
CA SER A 3 6.79 -9.23 -2.58
C SER A 3 6.13 -8.90 -1.26
N LEU A 4 4.92 -8.36 -1.32
CA LEU A 4 4.21 -7.97 -0.10
C LEU A 4 2.75 -8.41 -0.17
N THR A 5 2.05 -8.19 0.95
CA THR A 5 0.63 -8.54 1.04
C THR A 5 -0.16 -7.36 1.59
N PHE A 6 -1.07 -6.83 0.78
CA PHE A 6 -1.89 -5.72 1.23
C PHE A 6 -3.20 -6.23 1.82
N LYS A 7 -3.40 -5.98 3.11
CA LYS A 7 -4.61 -6.43 3.79
C LYS A 7 -5.64 -5.31 3.88
N ASN A 8 -6.88 -5.64 3.59
CA ASN A 8 -7.96 -4.65 3.63
C ASN A 8 -8.71 -4.72 4.97
N PHE A 9 -9.94 -4.19 4.97
CA PHE A 9 -10.76 -4.16 6.18
C PHE A 9 -11.50 -5.48 6.40
N LYS A 10 -11.73 -6.23 5.33
CA LYS A 10 -12.44 -7.50 5.44
C LYS A 10 -11.44 -8.64 5.54
N LYS A 11 -10.17 -8.29 5.50
CA LYS A 11 -9.06 -9.26 5.57
C LYS A 11 -8.77 -9.88 4.21
N GLU A 12 -8.59 -9.03 3.21
CA GLU A 12 -8.27 -9.50 1.85
C GLU A 12 -6.81 -9.20 1.55
N LYS A 13 -6.10 -10.18 1.00
CA LYS A 13 -4.69 -9.99 0.67
C LYS A 13 -4.51 -9.79 -0.83
N VAL A 14 -3.78 -8.73 -1.18
CA VAL A 14 -3.51 -8.43 -2.57
C VAL A 14 -2.00 -8.38 -2.80
N PRO A 15 -1.42 -9.46 -3.25
CA PRO A 15 0.04 -9.54 -3.50
C PRO A 15 0.55 -8.42 -4.40
N LEU A 16 1.72 -7.89 -4.05
CA LEU A 16 2.34 -6.82 -4.82
C LEU A 16 3.86 -6.92 -4.74
N ASP A 17 4.52 -6.53 -5.82
CA ASP A 17 5.98 -6.57 -5.86
C ASP A 17 6.52 -5.18 -6.15
N LEU A 18 7.51 -4.76 -5.38
CA LEU A 18 8.11 -3.44 -5.56
C LEU A 18 9.63 -3.48 -5.45
N GLU A 19 10.25 -2.30 -5.52
CA GLU A 19 11.70 -2.18 -5.43
C GLU A 19 12.07 -1.23 -4.30
N PRO A 20 13.21 -1.40 -3.69
CA PRO A 20 13.67 -0.51 -2.59
C PRO A 20 13.55 0.96 -2.96
N SER A 21 13.65 1.23 -4.27
CA SER A 21 13.56 2.60 -4.75
C SER A 21 12.11 3.02 -4.92
N ASN A 22 11.23 2.06 -5.20
CA ASN A 22 9.82 2.37 -5.34
C ASN A 22 9.36 3.04 -4.05
N THR A 23 8.21 3.70 -4.10
CA THR A 23 7.72 4.37 -2.91
C THR A 23 6.20 4.33 -2.82
N ILE A 24 5.72 4.53 -1.60
CA ILE A 24 4.31 4.52 -1.30
C ILE A 24 3.49 5.12 -2.42
N LEU A 25 4.00 6.19 -3.02
CA LEU A 25 3.28 6.82 -4.11
C LEU A 25 2.94 5.78 -5.16
N GLU A 26 3.95 5.01 -5.52
CA GLU A 26 3.79 3.97 -6.54
C GLU A 26 2.98 2.78 -6.02
N THR A 27 3.23 2.35 -4.78
CA THR A 27 2.47 1.22 -4.25
C THR A 27 1.01 1.62 -4.19
N LYS A 28 0.77 2.83 -3.73
CA LYS A 28 -0.58 3.36 -3.64
C LYS A 28 -1.21 3.41 -5.03
N THR A 29 -0.42 3.81 -6.03
CA THR A 29 -0.93 3.90 -7.39
C THR A 29 -1.28 2.50 -7.91
N LYS A 30 -0.36 1.57 -7.71
CA LYS A 30 -0.59 0.20 -8.17
C LYS A 30 -1.79 -0.40 -7.44
N LEU A 31 -1.70 -0.48 -6.11
CA LEU A 31 -2.79 -1.02 -5.32
C LEU A 31 -4.12 -0.46 -5.81
N ALA A 32 -4.05 0.72 -6.43
CA ALA A 32 -5.26 1.35 -6.96
C ALA A 32 -5.64 0.74 -8.31
N GLN A 33 -4.63 0.47 -9.12
CA GLN A 33 -4.86 -0.12 -10.44
C GLN A 33 -5.06 -1.62 -10.32
N SER A 34 -4.71 -2.17 -9.18
CA SER A 34 -4.85 -3.60 -8.95
C SER A 34 -6.30 -3.92 -8.63
N ILE A 35 -6.89 -3.15 -7.73
CA ILE A 35 -8.26 -3.34 -7.34
C ILE A 35 -9.14 -2.32 -8.07
N SER A 36 -8.48 -1.37 -8.74
CA SER A 36 -9.21 -0.34 -9.49
C SER A 36 -9.60 0.83 -8.59
N CYS A 37 -8.88 0.99 -7.49
CA CYS A 37 -9.15 2.08 -6.55
C CYS A 37 -8.24 3.25 -6.85
N GLU A 38 -8.31 4.29 -6.04
CA GLU A 38 -7.46 5.47 -6.23
C GLU A 38 -6.46 5.60 -5.10
N GLU A 39 -5.31 6.17 -5.41
CA GLU A 39 -4.25 6.36 -4.41
C GLU A 39 -4.57 7.53 -3.50
N SER A 40 -5.44 8.41 -3.99
CA SER A 40 -5.83 9.60 -3.24
C SER A 40 -6.79 9.29 -2.09
N GLN A 41 -7.26 8.04 -2.00
CA GLN A 41 -8.18 7.67 -0.93
C GLN A 41 -7.59 6.54 -0.10
N ILE A 42 -6.75 5.75 -0.76
CA ILE A 42 -6.11 4.62 -0.13
C ILE A 42 -5.14 5.07 0.97
N LYS A 43 -5.12 4.29 2.04
CA LYS A 43 -4.24 4.56 3.18
C LYS A 43 -3.36 3.35 3.44
N LEU A 44 -2.04 3.55 3.41
CA LEU A 44 -1.10 2.46 3.64
C LEU A 44 -0.67 2.42 5.11
N ILE A 45 -1.13 1.40 5.82
CA ILE A 45 -0.82 1.26 7.24
C ILE A 45 0.32 0.27 7.45
N TYR A 46 1.37 0.73 8.13
CA TYR A 46 2.51 -0.13 8.43
C TYR A 46 2.54 -0.40 9.92
N SER A 47 2.20 -1.63 10.29
CA SER A 47 2.17 -1.99 11.70
C SER A 47 1.34 -0.98 12.48
N GLY A 48 0.25 -0.52 11.87
CA GLY A 48 -0.62 0.45 12.52
C GLY A 48 -0.10 1.88 12.33
N LYS A 49 0.58 2.11 11.21
CA LYS A 49 1.14 3.44 10.94
C LYS A 49 0.72 3.95 9.56
N VAL A 50 0.05 5.08 9.54
CA VAL A 50 -0.39 5.66 8.27
C VAL A 50 0.80 6.17 7.46
N LEU A 51 1.38 5.31 6.64
CA LEU A 51 2.52 5.68 5.82
C LEU A 51 2.25 6.97 5.06
N GLN A 52 3.29 7.50 4.43
CA GLN A 52 3.18 8.73 3.65
C GLN A 52 3.55 8.46 2.19
N ASP A 53 3.23 9.42 1.33
CA ASP A 53 3.52 9.29 -0.10
C ASP A 53 4.96 9.64 -0.43
N SER A 54 5.66 10.25 0.53
CA SER A 54 7.04 10.67 0.33
C SER A 54 8.04 9.66 0.89
N LYS A 55 7.59 8.45 1.23
CA LYS A 55 8.50 7.45 1.79
C LYS A 55 8.75 6.32 0.78
N THR A 56 9.95 5.76 0.84
CA THR A 56 10.30 4.66 -0.05
C THR A 56 10.31 3.35 0.72
N VAL A 57 9.93 2.27 0.05
CA VAL A 57 9.89 0.96 0.69
C VAL A 57 11.14 0.75 1.53
N SER A 58 12.22 1.36 1.11
CA SER A 58 13.48 1.23 1.83
C SER A 58 13.41 1.95 3.18
N GLU A 59 12.77 3.10 3.19
CA GLU A 59 12.62 3.87 4.41
C GLU A 59 11.39 3.40 5.21
N CYS A 60 10.38 2.93 4.49
CA CYS A 60 9.16 2.46 5.14
C CYS A 60 9.47 1.26 6.03
N GLY A 61 10.49 0.49 5.65
CA GLY A 61 10.89 -0.68 6.41
C GLY A 61 10.36 -1.96 5.77
N LEU A 62 9.70 -1.83 4.62
CA LEU A 62 9.15 -2.97 3.94
C LEU A 62 10.27 -3.83 3.36
N LYS A 63 10.14 -5.14 3.54
CA LYS A 63 11.13 -6.08 3.04
C LYS A 63 10.49 -7.08 2.08
N ASP A 64 11.14 -8.22 1.88
CA ASP A 64 10.62 -9.23 0.96
C ASP A 64 9.58 -10.11 1.64
N GLY A 65 8.42 -10.20 1.01
CA GLY A 65 7.34 -11.04 1.52
C GLY A 65 6.63 -10.43 2.73
N ASP A 66 6.98 -9.20 3.09
CA ASP A 66 6.34 -8.56 4.25
C ASP A 66 4.84 -8.40 4.01
N GLN A 67 4.20 -7.59 4.87
CA GLN A 67 2.77 -7.35 4.75
C GLN A 67 2.47 -5.88 5.06
N VAL A 68 1.55 -5.30 4.30
CA VAL A 68 1.20 -3.90 4.50
C VAL A 68 -0.30 -3.72 4.68
N VAL A 69 -0.71 -3.39 5.92
CA VAL A 69 -2.12 -3.17 6.18
C VAL A 69 -2.56 -1.90 5.48
N PHE A 70 -3.78 -1.90 4.98
CA PHE A 70 -4.28 -0.73 4.26
C PHE A 70 -5.81 -0.66 4.28
N MET A 71 -6.33 0.43 3.74
CA MET A 71 -7.78 0.62 3.68
C MET A 71 -8.12 1.65 2.60
N VAL A 72 -9.32 1.55 2.05
CA VAL A 72 -9.76 2.49 1.01
C VAL A 72 -10.80 3.46 1.54
N SER A 73 -10.54 4.75 1.36
CA SER A 73 -11.47 5.78 1.83
C SER A 73 -12.34 6.27 0.69
N GLN A 74 -13.24 7.20 0.99
CA GLN A 74 -14.14 7.75 -0.03
C GLN A 74 -13.44 8.84 -0.82
N LYS A 75 -14.21 9.53 -1.66
CA LYS A 75 -13.65 10.61 -2.49
C LYS A 75 -14.14 11.97 -1.98
N LYS A 76 -13.68 12.35 -0.79
CA LYS A 76 -14.07 13.62 -0.20
C LYS A 76 -12.89 14.27 0.53
N SER A 77 -11.68 13.94 0.08
CA SER A 77 -10.48 14.49 0.69
C SER A 77 -10.54 14.34 2.20
N THR A 78 -10.18 13.17 2.70
CA THR A 78 -10.20 12.91 4.13
C THR A 78 -9.00 12.06 4.54
N MET A 1 13.00 -6.65 -5.60
CA MET A 1 12.62 -8.09 -5.65
C MET A 1 11.88 -8.46 -4.37
N VAL A 2 11.12 -7.51 -3.83
CA VAL A 2 10.36 -7.76 -2.61
C VAL A 2 8.88 -7.89 -2.92
N SER A 3 8.29 -8.94 -2.36
CA SER A 3 6.88 -9.22 -2.55
C SER A 3 6.12 -8.89 -1.27
N LEU A 4 5.12 -8.03 -1.38
CA LEU A 4 4.34 -7.64 -0.21
C LEU A 4 2.89 -8.06 -0.35
N THR A 5 2.14 -7.84 0.72
CA THR A 5 0.72 -8.18 0.74
C THR A 5 -0.09 -7.09 1.40
N PHE A 6 -0.99 -6.48 0.64
CA PHE A 6 -1.84 -5.42 1.17
C PHE A 6 -3.21 -5.98 1.50
N LYS A 7 -3.56 -5.99 2.78
CA LYS A 7 -4.86 -6.53 3.22
C LYS A 7 -5.72 -5.46 3.86
N ASN A 8 -7.04 -5.62 3.72
CA ASN A 8 -7.99 -4.66 4.30
C ASN A 8 -8.89 -5.34 5.32
N PHE A 9 -10.05 -4.73 5.58
CA PHE A 9 -11.00 -5.27 6.56
C PHE A 9 -11.88 -6.37 5.95
N LYS A 10 -11.60 -6.75 4.70
CA LYS A 10 -12.38 -7.80 4.04
C LYS A 10 -11.65 -9.13 4.13
N LYS A 11 -10.63 -9.17 4.97
CA LYS A 11 -9.84 -10.38 5.16
C LYS A 11 -9.29 -10.89 3.83
N GLU A 12 -8.99 -9.96 2.92
CA GLU A 12 -8.44 -10.32 1.61
C GLU A 12 -7.05 -9.70 1.43
N LYS A 13 -6.12 -10.48 0.90
CA LYS A 13 -4.77 -10.01 0.68
C LYS A 13 -4.53 -9.73 -0.80
N VAL A 14 -3.83 -8.63 -1.08
CA VAL A 14 -3.52 -8.25 -2.46
C VAL A 14 -2.01 -8.25 -2.69
N PRO A 15 -1.46 -9.40 -3.01
CA PRO A 15 0.01 -9.55 -3.25
C PRO A 15 0.55 -8.56 -4.28
N LEU A 16 1.76 -8.07 -4.03
CA LEU A 16 2.41 -7.12 -4.93
C LEU A 16 3.93 -7.31 -4.88
N ASP A 17 4.62 -6.76 -5.87
CA ASP A 17 6.08 -6.85 -5.92
C ASP A 17 6.65 -5.51 -6.37
N LEU A 18 7.62 -5.01 -5.61
CA LEU A 18 8.24 -3.72 -5.93
C LEU A 18 9.75 -3.76 -5.65
N GLU A 19 10.36 -2.57 -5.72
CA GLU A 19 11.79 -2.43 -5.47
C GLU A 19 12.02 -1.43 -4.34
N PRO A 20 13.14 -1.50 -3.67
CA PRO A 20 13.48 -0.58 -2.56
C PRO A 20 13.31 0.88 -2.95
N SER A 21 13.50 1.16 -4.23
CA SER A 21 13.38 2.53 -4.73
C SER A 21 11.91 2.94 -4.84
N ASN A 22 11.04 1.96 -5.09
CA ASN A 22 9.63 2.27 -5.20
C ASN A 22 9.20 3.01 -3.96
N THR A 23 8.07 3.70 -4.02
CA THR A 23 7.59 4.44 -2.87
C THR A 23 6.07 4.41 -2.79
N ILE A 24 5.58 4.53 -1.57
CA ILE A 24 4.17 4.53 -1.29
C ILE A 24 3.39 5.19 -2.41
N LEU A 25 3.93 6.28 -2.93
CA LEU A 25 3.26 6.99 -4.00
C LEU A 25 2.91 6.02 -5.11
N GLU A 26 3.91 5.26 -5.52
CA GLU A 26 3.74 4.28 -6.59
C GLU A 26 3.06 3.00 -6.12
N THR A 27 3.36 2.54 -4.90
CA THR A 27 2.71 1.33 -4.43
C THR A 27 1.22 1.59 -4.34
N LYS A 28 0.89 2.77 -3.81
CA LYS A 28 -0.50 3.17 -3.70
C LYS A 28 -1.15 3.18 -5.08
N THR A 29 -0.44 3.77 -6.06
CA THR A 29 -0.95 3.83 -7.42
C THR A 29 -1.30 2.43 -7.92
N LYS A 30 -0.30 1.56 -8.00
CA LYS A 30 -0.53 0.20 -8.44
C LYS A 30 -1.64 -0.43 -7.61
N LEU A 31 -1.41 -0.51 -6.31
CA LEU A 31 -2.41 -1.09 -5.41
C LEU A 31 -3.80 -0.57 -5.75
N ALA A 32 -3.84 0.63 -6.34
CA ALA A 32 -5.11 1.23 -6.72
C ALA A 32 -5.60 0.66 -8.04
N GLN A 33 -4.66 0.45 -8.97
CA GLN A 33 -4.98 -0.10 -10.28
C GLN A 33 -5.26 -1.60 -10.17
N SER A 34 -4.87 -2.18 -9.04
CA SER A 34 -5.08 -3.61 -8.81
C SER A 34 -6.54 -3.85 -8.49
N ILE A 35 -7.05 -3.08 -7.56
CA ILE A 35 -8.45 -3.20 -7.17
C ILE A 35 -9.27 -2.18 -7.95
N SER A 36 -8.57 -1.29 -8.66
CA SER A 36 -9.23 -0.29 -9.49
C SER A 36 -9.64 0.94 -8.68
N CYS A 37 -8.97 1.15 -7.55
CA CYS A 37 -9.28 2.30 -6.70
C CYS A 37 -8.24 3.39 -6.92
N GLU A 38 -8.36 4.49 -6.17
CA GLU A 38 -7.42 5.60 -6.31
C GLU A 38 -6.43 5.64 -5.15
N GLU A 39 -5.25 6.17 -5.45
CA GLU A 39 -4.19 6.29 -4.44
C GLU A 39 -4.49 7.47 -3.52
N SER A 40 -5.32 8.38 -4.02
CA SER A 40 -5.67 9.59 -3.27
C SER A 40 -6.69 9.31 -2.17
N GLN A 41 -7.18 8.07 -2.08
CA GLN A 41 -8.15 7.72 -1.06
C GLN A 41 -7.60 6.60 -0.20
N ILE A 42 -6.75 5.79 -0.82
CA ILE A 42 -6.14 4.66 -0.15
C ILE A 42 -5.18 5.13 0.94
N LYS A 43 -5.06 4.31 1.96
CA LYS A 43 -4.17 4.59 3.09
C LYS A 43 -3.41 3.33 3.47
N LEU A 44 -2.07 3.40 3.39
CA LEU A 44 -1.25 2.24 3.72
C LEU A 44 -0.74 2.31 5.16
N ILE A 45 -1.16 1.33 5.94
CA ILE A 45 -0.80 1.24 7.35
C ILE A 45 0.36 0.27 7.54
N TYR A 46 1.40 0.73 8.24
CA TYR A 46 2.56 -0.12 8.52
C TYR A 46 2.66 -0.32 10.02
N SER A 47 2.35 -1.52 10.47
CA SER A 47 2.40 -1.83 11.89
C SER A 47 1.53 -0.84 12.66
N GLY A 48 0.42 -0.42 12.06
CA GLY A 48 -0.48 0.52 12.70
C GLY A 48 0.00 1.95 12.48
N LYS A 49 0.66 2.19 11.35
CA LYS A 49 1.18 3.52 11.04
C LYS A 49 0.73 3.97 9.66
N VAL A 50 0.03 5.10 9.61
CA VAL A 50 -0.45 5.63 8.34
C VAL A 50 0.73 6.14 7.50
N LEU A 51 1.28 5.27 6.65
CA LEU A 51 2.40 5.64 5.81
C LEU A 51 2.12 6.94 5.07
N GLN A 52 3.16 7.46 4.41
CA GLN A 52 3.04 8.70 3.65
C GLN A 52 3.38 8.45 2.18
N ASP A 53 3.08 9.42 1.35
CA ASP A 53 3.35 9.30 -0.09
C ASP A 53 4.80 9.62 -0.42
N SER A 54 5.51 10.22 0.53
CA SER A 54 6.90 10.60 0.30
C SER A 54 7.91 9.59 0.87
N LYS A 55 7.44 8.41 1.27
CA LYS A 55 8.34 7.41 1.83
C LYS A 55 8.60 6.28 0.82
N THR A 56 9.81 5.73 0.88
CA THR A 56 10.17 4.62 -0.01
C THR A 56 10.18 3.32 0.77
N VAL A 57 9.79 2.25 0.11
CA VAL A 57 9.75 0.95 0.77
C VAL A 57 11.03 0.74 1.58
N SER A 58 12.10 1.34 1.10
CA SER A 58 13.38 1.23 1.78
C SER A 58 13.34 1.98 3.11
N GLU A 59 12.67 3.12 3.12
CA GLU A 59 12.57 3.91 4.34
C GLU A 59 11.40 3.43 5.19
N CYS A 60 10.36 2.92 4.52
CA CYS A 60 9.18 2.42 5.23
C CYS A 60 9.56 1.22 6.10
N GLY A 61 10.60 0.50 5.68
CA GLY A 61 11.07 -0.66 6.43
C GLY A 61 10.52 -1.95 5.82
N LEU A 62 9.77 -1.82 4.74
CA LEU A 62 9.21 -3.00 4.08
C LEU A 62 10.30 -3.83 3.44
N LYS A 63 10.14 -5.14 3.52
CA LYS A 63 11.11 -6.06 2.93
C LYS A 63 10.40 -7.06 2.02
N ASP A 64 11.09 -8.15 1.69
CA ASP A 64 10.52 -9.16 0.81
C ASP A 64 9.58 -10.09 1.57
N GLY A 65 8.37 -10.22 1.04
CA GLY A 65 7.37 -11.10 1.65
C GLY A 65 6.66 -10.44 2.84
N ASP A 66 6.94 -9.17 3.08
CA ASP A 66 6.31 -8.46 4.20
C ASP A 66 4.82 -8.27 3.94
N GLN A 67 4.15 -7.65 4.90
CA GLN A 67 2.70 -7.39 4.78
C GLN A 67 2.40 -5.96 5.18
N VAL A 68 1.45 -5.34 4.48
CA VAL A 68 1.09 -3.96 4.79
C VAL A 68 -0.41 -3.80 4.94
N VAL A 69 -0.86 -3.45 6.13
CA VAL A 69 -2.28 -3.23 6.36
C VAL A 69 -2.69 -1.96 5.62
N PHE A 70 -3.86 -1.98 5.01
CA PHE A 70 -4.32 -0.82 4.26
C PHE A 70 -5.84 -0.70 4.28
N MET A 71 -6.34 0.43 3.80
CA MET A 71 -7.78 0.68 3.75
C MET A 71 -8.11 1.72 2.68
N VAL A 72 -9.30 1.61 2.10
CA VAL A 72 -9.73 2.57 1.07
C VAL A 72 -10.79 3.52 1.64
N SER A 73 -10.68 4.79 1.25
CA SER A 73 -11.63 5.79 1.71
C SER A 73 -12.65 6.11 0.61
N GLN A 74 -13.91 6.24 1.01
CA GLN A 74 -14.98 6.54 0.07
C GLN A 74 -15.41 8.00 0.19
N LYS A 75 -15.74 8.62 -0.94
CA LYS A 75 -16.16 10.01 -0.95
C LYS A 75 -17.68 10.12 -0.78
N LYS A 76 -18.17 9.61 0.34
CA LYS A 76 -19.61 9.66 0.62
C LYS A 76 -19.99 10.99 1.25
N SER A 77 -21.27 11.13 1.57
CA SER A 77 -21.76 12.36 2.19
C SER A 77 -21.34 12.44 3.64
N THR A 78 -20.20 13.06 3.90
CA THR A 78 -19.70 13.21 5.26
C THR A 78 -18.92 14.51 5.41
#